data_5ISD
#
_entry.id   5ISD
#
_cell.length_a   74.555
_cell.length_b   98.446
_cell.length_c   205.792
_cell.angle_alpha   90.00
_cell.angle_beta   90.00
_cell.angle_gamma   90.00
#
_symmetry.space_group_name_H-M   'P 21 21 2'
#
loop_
_entity.id
_entity.type
_entity.pdbx_description
1 polymer 'Histone-arginine methyltransferase CARM1'
2 non-polymer 1,2-ETHANEDIOL
3 non-polymer DI(HYDROXYETHYL)ETHER
4 non-polymer 1-METHOXY-2-(2-METHOXYETHOXY)ETHANE
5 non-polymer "5'-S-[(3S)-3-azaniumyl-3-carboxypropyl]-5'-thioadenosine"
6 non-polymer "5'-{[(3S)-3-amino-3-carboxypropyl](3-ethoxy-2,3-dioxopropyl)amino}-5'-deoxyadenosine"
7 water water
#
_entity_poly.entity_id   1
_entity_poly.type   'polypeptide(L)'
_entity_poly.pdbx_seq_one_letter_code
;GHMGHTLERSVFSERTEESSAVQYFQFYGYLSQQQNMMQDYVRTGTYQRAILQNHTDFKDKIVLDVGCGSGILSFFAAQA
GARKIYAVEASTMAQHAEVLVKSNNLTDRIVVIPGKVEEVSLPEQVDIIISEPMGYMLFNERMLESYLHAKKYLKPSGNM
FPTIGDVHLAPFTDEQLYMEQFTKANFWYQPSFHGVDLSALRGAAVDEYFRQPVVDTFDIRILMAKSVKYTVNFLEAKEG
DLHRIEIPFKFHMLHSGLVHGLAFWFDVAFIGSIMTVWLSTAPTEPLTHWYQVRCLFQSPLFAKAGDTLSGTCLLIANKR
QSYDISIVAQVDQTGSKSSNLLDLKNPFFRYTGTTPSPPPG
;
_entity_poly.pdbx_strand_id   A,B,C,D
#
# COMPACT_ATOMS: atom_id res chain seq x y z
N SER A 10 11.57 -41.13 -17.59
CA SER A 10 12.40 -40.84 -16.42
C SER A 10 11.88 -41.58 -15.19
N VAL A 11 12.70 -41.65 -14.15
CA VAL A 11 12.28 -42.29 -12.91
C VAL A 11 11.13 -41.48 -12.32
N PHE A 12 11.15 -40.15 -12.51
CA PHE A 12 10.08 -39.31 -11.99
C PHE A 12 8.73 -39.63 -12.64
N SER A 13 8.69 -39.67 -13.97
CA SER A 13 7.44 -39.91 -14.67
C SER A 13 6.92 -41.30 -14.31
N GLU A 14 7.84 -42.21 -14.03
CA GLU A 14 7.48 -43.59 -13.68
C GLU A 14 6.83 -43.72 -12.30
N ARG A 15 7.07 -42.78 -11.38
CA ARG A 15 6.52 -42.91 -10.03
C ARG A 15 5.35 -41.96 -9.77
N THR A 16 4.97 -41.17 -10.78
CA THR A 16 3.91 -40.17 -10.60
C THR A 16 2.93 -40.17 -11.75
N GLU A 17 1.64 -40.32 -11.45
CA GLU A 17 0.60 -40.11 -12.44
C GLU A 17 0.73 -38.69 -12.98
N GLU A 18 0.50 -38.53 -14.28
CA GLU A 18 0.66 -37.24 -14.95
C GLU A 18 -0.13 -36.14 -14.25
N SER A 19 -1.37 -36.47 -13.91
CA SER A 19 -2.30 -35.54 -13.30
C SER A 19 -1.75 -34.91 -12.02
N SER A 20 -1.13 -35.74 -11.19
CA SER A 20 -0.57 -35.27 -9.92
C SER A 20 0.61 -34.32 -10.15
N ALA A 21 1.51 -34.72 -11.05
CA ALA A 21 2.71 -33.94 -11.31
C ALA A 21 2.35 -32.57 -11.86
N VAL A 22 1.37 -32.54 -12.78
CA VAL A 22 0.94 -31.27 -13.35
C VAL A 22 0.49 -30.30 -12.25
N GLN A 23 -0.41 -30.77 -11.37
CA GLN A 23 -0.93 -29.94 -10.28
C GLN A 23 0.20 -29.51 -9.35
N TYR A 24 1.11 -30.44 -9.06
CA TYR A 24 2.24 -30.15 -8.18
C TYR A 24 3.08 -28.99 -8.72
N PHE A 25 3.48 -29.10 -9.98
CA PHE A 25 4.36 -28.07 -10.53
C PHE A 25 3.59 -26.80 -10.90
N GLN A 26 2.29 -26.91 -11.15
CA GLN A 26 1.47 -25.71 -11.27
C GLN A 26 1.44 -24.98 -9.94
N PHE A 27 1.23 -25.72 -8.87
CA PHE A 27 1.22 -25.17 -7.52
C PHE A 27 2.52 -24.45 -7.24
N TYR A 28 3.65 -25.09 -7.53
CA TYR A 28 4.94 -24.45 -7.26
C TYR A 28 5.38 -23.36 -8.24
N GLY A 29 4.61 -23.15 -9.32
CA GLY A 29 4.88 -22.06 -10.24
C GLY A 29 4.41 -20.68 -9.78
N TYR A 30 3.66 -20.65 -8.68
CA TYR A 30 3.14 -19.39 -8.15
C TYR A 30 4.13 -18.70 -7.23
N LEU A 31 4.35 -17.43 -7.50
CA LEU A 31 5.22 -16.62 -6.66
C LEU A 31 4.73 -16.57 -5.21
N SER A 32 3.42 -16.57 -5.01
CA SER A 32 2.88 -16.50 -3.66
C SER A 32 3.29 -17.72 -2.84
N GLN A 33 3.46 -18.86 -3.50
CA GLN A 33 3.85 -20.08 -2.82
C GLN A 33 5.31 -20.01 -2.36
N GLN A 34 6.13 -19.52 -3.29
CA GLN A 34 7.55 -19.31 -3.02
C GLN A 34 7.65 -18.33 -1.88
N GLN A 35 6.86 -17.27 -1.95
CA GLN A 35 6.85 -16.25 -0.92
C GLN A 35 6.51 -16.84 0.43
N ASN A 36 5.45 -17.65 0.49
CA ASN A 36 5.07 -18.27 1.75
C ASN A 36 6.22 -19.10 2.31
N MET A 37 6.86 -19.89 1.46
CA MET A 37 8.01 -20.65 1.97
C MET A 37 9.15 -19.72 2.42
N MET A 38 9.41 -18.68 1.63
CA MET A 38 10.49 -17.73 1.92
C MET A 38 10.25 -16.98 3.23
N GLN A 39 8.98 -16.67 3.50
CA GLN A 39 8.62 -15.89 4.67
C GLN A 39 8.57 -16.72 5.95
N ASP A 40 8.80 -18.02 5.83
CA ASP A 40 8.98 -18.88 6.98
C ASP A 40 10.41 -18.63 7.46
N TYR A 41 10.57 -17.80 8.48
CA TYR A 41 11.89 -17.32 8.89
C TYR A 41 12.76 -18.45 9.41
N VAL A 42 12.15 -19.37 10.14
CA VAL A 42 12.86 -20.52 10.70
C VAL A 42 13.56 -21.26 9.58
N ARG A 43 12.76 -21.59 8.57
CA ARG A 43 13.24 -22.34 7.42
C ARG A 43 14.37 -21.62 6.67
N THR A 44 14.05 -20.43 6.19
CA THR A 44 14.94 -19.69 5.30
C THR A 44 16.20 -19.28 6.06
N GLY A 45 15.98 -18.79 7.28
CA GLY A 45 17.09 -18.38 8.13
C GLY A 45 17.96 -19.55 8.53
N THR A 46 17.37 -20.71 8.82
CA THR A 46 18.17 -21.84 9.22
C THR A 46 18.97 -22.34 8.02
N TYR A 47 18.37 -22.37 6.83
CA TYR A 47 19.16 -22.72 5.65
C TYR A 47 20.32 -21.73 5.46
N GLN A 48 20.04 -20.43 5.57
CA GLN A 48 21.10 -19.43 5.38
C GLN A 48 22.22 -19.61 6.42
N ARG A 49 21.83 -19.82 7.68
CA ARG A 49 22.83 -20.02 8.73
C ARG A 49 23.65 -21.28 8.44
N ALA A 50 22.95 -22.35 8.08
CA ALA A 50 23.60 -23.62 7.80
C ALA A 50 24.62 -23.47 6.70
N ILE A 51 24.28 -22.73 5.64
CA ILE A 51 25.22 -22.56 4.53
C ILE A 51 26.36 -21.58 4.85
N LEU A 52 26.05 -20.42 5.42
CA LEU A 52 27.08 -19.42 5.67
C LEU A 52 28.05 -19.84 6.77
N GLN A 53 27.56 -20.47 7.82
CA GLN A 53 28.41 -20.89 8.91
C GLN A 53 29.27 -22.09 8.54
N ASN A 54 28.91 -22.79 7.47
CA ASN A 54 29.77 -23.82 6.89
C ASN A 54 30.36 -23.41 5.54
N HIS A 55 30.87 -22.19 5.47
CA HIS A 55 31.37 -21.62 4.21
C HIS A 55 32.48 -22.46 3.57
N THR A 56 33.21 -23.23 4.39
CA THR A 56 34.28 -24.07 3.86
C THR A 56 33.72 -25.23 3.06
N ASP A 57 32.44 -25.53 3.26
CA ASP A 57 31.75 -26.56 2.48
C ASP A 57 31.26 -25.98 1.16
N PHE A 58 31.41 -24.67 0.96
CA PHE A 58 30.92 -24.03 -0.25
C PHE A 58 31.95 -23.19 -1.02
N LYS A 59 32.91 -22.59 -0.32
CA LYS A 59 33.83 -21.66 -0.97
C LYS A 59 34.59 -22.33 -2.13
N ASP A 60 34.39 -21.79 -3.34
CA ASP A 60 34.97 -22.30 -4.59
C ASP A 60 34.57 -23.74 -4.93
N LYS A 61 33.39 -24.15 -4.48
CA LYS A 61 32.90 -25.50 -4.79
C LYS A 61 31.86 -25.47 -5.90
N ILE A 62 31.60 -26.64 -6.49
CA ILE A 62 30.49 -26.82 -7.42
C ILE A 62 29.29 -27.32 -6.62
N VAL A 63 28.15 -26.68 -6.82
CA VAL A 63 26.96 -26.95 -6.01
C VAL A 63 25.79 -27.35 -6.90
N LEU A 64 24.96 -28.26 -6.40
CA LEU A 64 23.69 -28.55 -7.05
C LEU A 64 22.53 -28.17 -6.13
N ASP A 65 21.66 -27.29 -6.62
CA ASP A 65 20.46 -26.90 -5.90
C ASP A 65 19.25 -27.62 -6.51
N VAL A 66 18.73 -28.64 -5.83
CA VAL A 66 17.65 -29.43 -6.42
C VAL A 66 16.29 -28.80 -6.12
N GLY A 67 15.65 -28.28 -7.17
CA GLY A 67 14.36 -27.63 -7.01
C GLY A 67 14.53 -26.25 -6.40
N CYS A 68 15.19 -25.36 -7.14
CA CYS A 68 15.66 -24.11 -6.57
C CYS A 68 14.54 -23.11 -6.32
N GLY A 69 13.39 -23.34 -6.94
CA GLY A 69 12.27 -22.42 -6.81
C GLY A 69 12.65 -21.01 -7.22
N SER A 70 12.52 -20.07 -6.30
CA SER A 70 12.93 -18.69 -6.54
C SER A 70 14.45 -18.58 -6.74
N GLY A 71 15.17 -19.58 -6.24
CA GLY A 71 16.62 -19.59 -6.35
C GLY A 71 17.34 -19.24 -5.05
N ILE A 72 16.56 -19.00 -4.00
CA ILE A 72 17.08 -18.43 -2.76
C ILE A 72 18.29 -19.19 -2.16
N LEU A 73 18.23 -20.52 -2.14
CA LEU A 73 19.34 -21.31 -1.58
C LEU A 73 20.59 -21.20 -2.45
N SER A 74 20.41 -21.05 -3.76
CA SER A 74 21.56 -20.88 -4.64
C SER A 74 22.24 -19.56 -4.30
N PHE A 75 21.43 -18.55 -4.02
CA PHE A 75 21.96 -17.26 -3.64
C PHE A 75 22.69 -17.37 -2.30
N PHE A 76 22.13 -18.12 -1.35
CA PHE A 76 22.89 -18.36 -0.12
C PHE A 76 24.22 -19.05 -0.43
N ALA A 77 24.21 -20.05 -1.30
CA ALA A 77 25.46 -20.71 -1.71
C ALA A 77 26.42 -19.74 -2.38
N ALA A 78 25.89 -18.80 -3.15
CA ALA A 78 26.74 -17.78 -3.77
C ALA A 78 27.34 -16.91 -2.67
N GLN A 79 26.54 -16.55 -1.68
CA GLN A 79 27.03 -15.75 -0.56
C GLN A 79 28.17 -16.45 0.19
N ALA A 80 28.11 -17.78 0.28
CA ALA A 80 29.14 -18.55 0.98
C ALA A 80 30.38 -18.79 0.12
N GLY A 81 30.33 -18.33 -1.13
CA GLY A 81 31.52 -18.33 -1.98
C GLY A 81 31.66 -19.45 -3.02
N ALA A 82 30.57 -20.14 -3.34
CA ALA A 82 30.64 -21.22 -4.33
C ALA A 82 31.12 -20.66 -5.68
N ARG A 83 31.93 -21.43 -6.40
CA ARG A 83 32.43 -20.92 -7.68
C ARG A 83 31.32 -21.12 -8.69
N LYS A 84 30.53 -22.17 -8.51
CA LYS A 84 29.48 -22.50 -9.47
C LYS A 84 28.33 -23.26 -8.86
N ILE A 85 27.11 -22.82 -9.18
CA ILE A 85 25.90 -23.45 -8.68
C ILE A 85 24.98 -23.81 -9.85
N TYR A 86 24.62 -25.09 -9.94
CA TYR A 86 23.61 -25.53 -10.89
C TYR A 86 22.26 -25.58 -10.19
N ALA A 87 21.33 -24.73 -10.60
CA ALA A 87 20.04 -24.63 -9.93
C ALA A 87 18.94 -25.20 -10.83
N VAL A 88 18.45 -26.40 -10.48
CA VAL A 88 17.48 -27.11 -11.30
C VAL A 88 16.05 -26.86 -10.82
N GLU A 89 15.16 -26.53 -11.74
CA GLU A 89 13.76 -26.26 -11.35
C GLU A 89 12.76 -26.62 -12.46
N ALA A 90 11.78 -27.45 -12.11
CA ALA A 90 10.89 -28.04 -13.10
C ALA A 90 9.63 -27.21 -13.38
N SER A 91 9.20 -26.41 -12.41
CA SER A 91 8.02 -25.58 -12.62
C SER A 91 8.45 -24.34 -13.41
N THR A 92 7.48 -23.53 -13.80
CA THR A 92 7.78 -22.32 -14.57
C THR A 92 8.51 -21.29 -13.72
N MET A 93 8.58 -21.52 -12.42
CA MET A 93 9.32 -20.66 -11.53
C MET A 93 10.75 -20.51 -12.04
N ALA A 94 11.21 -21.55 -12.74
CA ALA A 94 12.55 -21.58 -13.33
C ALA A 94 12.84 -20.29 -14.08
N GLN A 95 11.81 -19.74 -14.71
CA GLN A 95 12.00 -18.55 -15.49
C GLN A 95 12.32 -17.39 -14.55
N HIS A 96 11.60 -17.33 -13.44
CA HIS A 96 11.68 -16.19 -12.54
C HIS A 96 13.02 -16.25 -11.85
N ALA A 97 13.45 -17.47 -11.58
CA ALA A 97 14.76 -17.69 -11.02
C ALA A 97 15.82 -17.13 -11.96
N GLU A 98 15.61 -17.24 -13.27
CA GLU A 98 16.63 -16.78 -14.20
C GLU A 98 16.74 -15.26 -14.13
N VAL A 99 15.59 -14.62 -13.97
CA VAL A 99 15.52 -13.17 -13.84
C VAL A 99 16.29 -12.69 -12.61
N LEU A 100 16.16 -13.39 -11.49
CA LEU A 100 16.82 -12.97 -10.25
C LEU A 100 18.34 -13.13 -10.30
N VAL A 101 18.80 -14.21 -10.93
CA VAL A 101 20.24 -14.43 -11.07
C VAL A 101 20.87 -13.29 -11.87
N LYS A 102 20.21 -12.86 -12.94
CA LYS A 102 20.74 -11.78 -13.77
C LYS A 102 20.72 -10.44 -13.04
N SER A 103 19.58 -10.13 -12.43
CA SER A 103 19.43 -8.84 -11.77
C SER A 103 20.31 -8.77 -10.52
N ASN A 104 20.73 -9.92 -10.01
CA ASN A 104 21.68 -9.97 -8.91
C ASN A 104 23.11 -10.18 -9.40
N ASN A 105 23.33 -10.00 -10.70
CA ASN A 105 24.67 -10.06 -11.29
C ASN A 105 25.41 -11.35 -10.96
N LEU A 106 24.73 -12.49 -11.03
CA LEU A 106 25.34 -13.77 -10.69
C LEU A 106 25.29 -14.80 -11.81
N THR A 107 25.13 -14.33 -13.05
CA THR A 107 25.02 -15.25 -14.18
C THR A 107 26.27 -16.07 -14.38
N ASP A 108 27.41 -15.54 -13.94
CA ASP A 108 28.67 -16.25 -14.12
C ASP A 108 28.84 -17.38 -13.10
N ARG A 109 27.96 -17.46 -12.10
CA ARG A 109 28.13 -18.43 -11.02
C ARG A 109 26.90 -19.31 -10.83
N ILE A 110 25.71 -18.78 -11.08
CA ILE A 110 24.49 -19.57 -10.94
C ILE A 110 23.88 -19.85 -12.31
N VAL A 111 23.69 -21.13 -12.62
CA VAL A 111 23.06 -21.55 -13.86
C VAL A 111 21.74 -22.24 -13.59
N VAL A 112 20.68 -21.57 -14.01
CA VAL A 112 19.36 -22.12 -13.88
C VAL A 112 19.16 -23.15 -14.98
N ILE A 113 18.73 -24.34 -14.58
CA ILE A 113 18.46 -25.44 -15.48
C ILE A 113 16.98 -25.82 -15.36
N PRO A 114 16.18 -25.43 -16.35
CA PRO A 114 14.75 -25.78 -16.29
C PRO A 114 14.55 -27.26 -16.55
N GLY A 115 13.74 -27.91 -15.73
CA GLY A 115 13.45 -29.31 -15.94
C GLY A 115 13.50 -30.10 -14.65
N LYS A 116 13.21 -31.39 -14.77
CA LYS A 116 13.22 -32.27 -13.63
C LYS A 116 14.63 -32.80 -13.42
N VAL A 117 15.03 -32.90 -12.16
CA VAL A 117 16.39 -33.29 -11.82
C VAL A 117 16.65 -34.70 -12.35
N GLU A 118 15.58 -35.46 -12.54
CA GLU A 118 15.67 -36.81 -13.09
C GLU A 118 15.90 -36.82 -14.60
N GLU A 119 15.69 -35.68 -15.25
CA GLU A 119 15.61 -35.64 -16.72
C GLU A 119 16.63 -34.71 -17.35
N VAL A 120 17.11 -33.73 -16.60
CA VAL A 120 18.06 -32.77 -17.14
C VAL A 120 19.45 -33.38 -17.12
N SER A 121 20.36 -32.78 -17.88
CA SER A 121 21.76 -33.13 -17.83
C SER A 121 22.60 -31.99 -17.24
N LEU A 122 23.46 -32.33 -16.27
CA LEU A 122 24.43 -31.39 -15.74
C LEU A 122 25.76 -31.59 -16.44
N PRO A 123 26.51 -30.51 -16.64
CA PRO A 123 27.76 -30.63 -17.40
C PRO A 123 28.90 -31.29 -16.62
N GLU A 124 28.81 -31.26 -15.29
CA GLU A 124 29.89 -31.79 -14.44
C GLU A 124 29.34 -32.30 -13.13
N GLN A 125 30.18 -33.03 -12.39
CA GLN A 125 29.84 -33.49 -11.06
C GLN A 125 29.94 -32.33 -10.06
N VAL A 126 29.22 -32.44 -8.95
CA VAL A 126 29.17 -31.37 -7.97
C VAL A 126 29.76 -31.85 -6.64
N ASP A 127 30.21 -30.90 -5.82
CA ASP A 127 30.83 -31.21 -4.53
C ASP A 127 29.79 -31.37 -3.43
N ILE A 128 28.64 -30.72 -3.59
CA ILE A 128 27.61 -30.70 -2.56
C ILE A 128 26.23 -30.46 -3.17
N ILE A 129 25.23 -31.15 -2.63
CA ILE A 129 23.85 -30.94 -3.07
C ILE A 129 23.04 -30.27 -1.96
N ILE A 130 22.33 -29.20 -2.31
CA ILE A 130 21.42 -28.54 -1.39
C ILE A 130 20.01 -28.63 -1.94
N SER A 131 19.05 -28.68 -1.03
CA SER A 131 17.66 -28.80 -1.40
C SER A 131 16.77 -28.57 -0.18
N GLU A 132 15.53 -28.20 -0.44
CA GLU A 132 14.50 -28.16 0.60
C GLU A 132 13.35 -29.06 0.14
N PRO A 133 13.50 -30.39 0.33
CA PRO A 133 12.53 -31.38 -0.16
C PRO A 133 11.56 -31.94 0.88
N MET A 134 11.55 -31.38 2.08
CA MET A 134 10.74 -31.94 3.16
C MET A 134 9.26 -31.55 3.00
N GLY A 135 8.39 -32.54 3.11
CA GLY A 135 6.96 -32.30 3.12
C GLY A 135 6.38 -32.56 4.50
N TYR A 136 5.06 -32.52 4.63
CA TYR A 136 4.43 -32.96 5.88
C TYR A 136 4.99 -34.32 6.32
N MET A 137 5.23 -34.46 7.62
CA MET A 137 5.88 -35.63 8.23
C MET A 137 7.11 -36.02 7.42
N LEU A 138 7.81 -35.01 6.93
CA LEU A 138 9.04 -35.17 6.15
C LEU A 138 8.84 -35.69 4.73
N PHE A 139 8.10 -36.79 4.60
CA PHE A 139 8.10 -37.57 3.37
C PHE A 139 7.07 -37.19 2.33
N ASN A 140 6.06 -36.42 2.74
CA ASN A 140 5.01 -36.05 1.81
C ASN A 140 5.56 -35.34 0.59
N GLU A 141 4.92 -35.60 -0.55
CA GLU A 141 5.28 -35.01 -1.85
C GLU A 141 6.40 -35.80 -2.53
N ARG A 142 7.06 -36.68 -1.78
CA ARG A 142 8.03 -37.59 -2.34
C ARG A 142 9.18 -36.87 -3.07
N MET A 143 9.49 -35.65 -2.66
CA MET A 143 10.60 -34.94 -3.28
C MET A 143 11.95 -35.42 -2.77
N LEU A 144 11.96 -36.10 -1.62
CA LEU A 144 13.21 -36.65 -1.09
C LEU A 144 13.83 -37.65 -2.08
N GLU A 145 12.98 -38.29 -2.87
CA GLU A 145 13.47 -39.23 -3.87
C GLU A 145 14.22 -38.49 -4.99
N SER A 146 13.77 -37.29 -5.34
CA SER A 146 14.48 -36.50 -6.34
C SER A 146 15.83 -36.08 -5.81
N TYR A 147 15.81 -35.67 -4.54
CA TYR A 147 17.02 -35.27 -3.82
C TYR A 147 18.03 -36.41 -3.81
N LEU A 148 17.57 -37.61 -3.46
CA LEU A 148 18.46 -38.76 -3.46
C LEU A 148 18.86 -39.14 -4.89
N HIS A 149 17.93 -39.00 -5.83
CA HIS A 149 18.23 -39.28 -7.23
C HIS A 149 19.37 -38.40 -7.73
N ALA A 150 19.37 -37.14 -7.31
CA ALA A 150 20.41 -36.19 -7.72
C ALA A 150 21.82 -36.63 -7.31
N LYS A 151 21.93 -37.65 -6.46
CA LYS A 151 23.23 -38.13 -6.01
C LYS A 151 24.04 -38.73 -7.16
N LYS A 152 23.40 -38.98 -8.30
CA LYS A 152 24.12 -39.45 -9.48
C LYS A 152 25.14 -38.40 -9.93
N TYR A 153 24.91 -37.14 -9.54
CA TYR A 153 25.83 -36.06 -9.89
C TYR A 153 26.81 -35.71 -8.77
N LEU A 154 26.73 -36.39 -7.64
CA LEU A 154 27.57 -36.05 -6.48
C LEU A 154 28.89 -36.82 -6.48
N LYS A 155 29.99 -36.08 -6.35
CA LYS A 155 31.32 -36.68 -6.24
C LYS A 155 31.38 -37.59 -5.01
N PRO A 156 32.19 -38.66 -5.08
CA PRO A 156 32.40 -39.42 -3.85
C PRO A 156 32.90 -38.47 -2.77
N SER A 157 32.44 -38.65 -1.54
CA SER A 157 32.80 -37.75 -0.44
C SER A 157 32.23 -36.36 -0.66
N GLY A 158 31.21 -36.27 -1.51
CA GLY A 158 30.48 -35.02 -1.66
C GLY A 158 29.57 -34.91 -0.46
N ASN A 159 28.91 -33.78 -0.27
CA ASN A 159 28.07 -33.59 0.90
C ASN A 159 26.63 -33.27 0.49
N MET A 160 25.72 -33.44 1.44
CA MET A 160 24.33 -33.14 1.21
C MET A 160 23.78 -32.27 2.34
N PHE A 161 23.10 -31.20 1.93
CA PHE A 161 22.52 -30.22 2.86
C PHE A 161 21.02 -30.09 2.57
N PRO A 162 20.16 -30.70 3.40
CA PRO A 162 20.41 -31.40 4.66
C PRO A 162 21.05 -32.77 4.50
N THR A 163 21.70 -33.21 5.57
CA THR A 163 22.47 -34.44 5.58
C THR A 163 21.66 -35.62 6.13
N ILE A 164 20.86 -35.37 7.17
CA ILE A 164 19.99 -36.40 7.72
C ILE A 164 18.62 -35.82 8.03
N GLY A 165 17.65 -36.72 8.09
CA GLY A 165 16.29 -36.39 8.47
C GLY A 165 15.78 -37.32 9.55
N ASP A 166 15.25 -36.74 10.61
CA ASP A 166 14.67 -37.50 11.72
C ASP A 166 13.16 -37.32 11.69
N VAL A 167 12.43 -38.42 11.58
CA VAL A 167 11.00 -38.38 11.80
C VAL A 167 10.74 -38.83 13.23
N HIS A 168 9.97 -38.04 13.94
CA HIS A 168 9.61 -38.35 15.31
C HIS A 168 8.13 -38.70 15.42
N LEU A 169 7.86 -39.75 16.20
CA LEU A 169 6.51 -40.23 16.46
C LEU A 169 6.28 -40.27 17.96
N ALA A 170 5.09 -39.90 18.40
CA ALA A 170 4.75 -40.04 19.81
C ALA A 170 3.25 -40.24 20.02
N PRO A 171 2.86 -41.06 21.01
CA PRO A 171 1.42 -41.21 21.22
C PRO A 171 0.82 -39.98 21.89
N PHE A 172 -0.43 -39.66 21.56
CA PHE A 172 -1.06 -38.50 22.20
C PHE A 172 -2.49 -38.76 22.65
N THR A 173 -2.97 -37.91 23.56
CA THR A 173 -4.35 -37.90 23.97
C THR A 173 -4.99 -36.56 23.59
N ASP A 174 -6.10 -36.62 22.89
CA ASP A 174 -6.85 -35.43 22.52
C ASP A 174 -8.30 -35.82 22.27
N GLU A 175 -9.06 -35.89 23.35
CA GLU A 175 -10.43 -36.34 23.32
C GLU A 175 -11.29 -35.50 22.36
N GLN A 176 -11.05 -34.19 22.37
CA GLN A 176 -11.84 -33.27 21.56
C GLN A 176 -11.57 -33.45 20.05
N LEU A 177 -10.30 -33.66 19.68
CA LEU A 177 -9.96 -33.90 18.29
C LEU A 177 -10.63 -35.17 17.83
N TYR A 178 -10.57 -36.19 18.67
CA TYR A 178 -11.16 -37.48 18.36
C TYR A 178 -12.67 -37.36 18.17
N MET A 179 -13.33 -36.66 19.09
CA MET A 179 -14.78 -36.50 19.00
C MET A 179 -15.24 -35.68 17.83
N GLU A 180 -14.42 -34.70 17.48
CA GLU A 180 -14.70 -33.85 16.34
C GLU A 180 -15.10 -34.69 15.12
N GLN A 181 -14.43 -35.82 14.94
CA GLN A 181 -14.66 -36.70 13.80
C GLN A 181 -16.11 -37.23 13.73
N PHE A 182 -16.64 -37.66 14.87
CA PHE A 182 -18.00 -38.20 14.91
C PHE A 182 -18.99 -37.08 14.85
N THR A 183 -18.63 -35.97 15.47
CA THR A 183 -19.49 -34.82 15.39
C THR A 183 -19.67 -34.46 13.92
N LYS A 184 -18.59 -34.47 13.15
CA LYS A 184 -18.73 -34.19 11.72
C LYS A 184 -19.46 -35.27 10.94
N ALA A 185 -19.10 -36.54 11.14
CA ALA A 185 -19.75 -37.59 10.37
C ALA A 185 -21.23 -37.77 10.71
N ASN A 186 -21.61 -37.48 11.94
CA ASN A 186 -23.00 -37.72 12.37
C ASN A 186 -23.96 -36.79 11.63
N PHE A 187 -23.43 -35.86 10.85
CA PHE A 187 -24.27 -35.14 9.91
C PHE A 187 -25.12 -36.11 9.12
N TRP A 188 -24.52 -37.22 8.73
CA TRP A 188 -25.19 -38.18 7.87
C TRP A 188 -26.12 -39.08 8.65
N TYR A 189 -26.07 -39.00 9.98
CA TYR A 189 -26.90 -39.87 10.79
C TYR A 189 -28.21 -39.20 11.15
N GLN A 190 -29.07 -39.07 10.15
CA GLN A 190 -30.36 -38.45 10.35
C GLN A 190 -31.32 -39.02 9.31
N PRO A 191 -32.53 -39.38 9.74
CA PRO A 191 -33.47 -40.11 8.89
C PRO A 191 -34.24 -39.26 7.88
N SER A 192 -34.20 -37.94 8.00
CA SER A 192 -34.97 -37.10 7.09
C SER A 192 -34.30 -35.75 6.78
N PHE A 193 -33.15 -35.78 6.12
CA PHE A 193 -32.54 -34.57 5.57
C PHE A 193 -33.33 -34.15 4.34
N HIS A 194 -34.15 -33.12 4.57
CA HIS A 194 -35.08 -32.65 3.58
C HIS A 194 -35.86 -33.84 3.06
N GLY A 195 -36.24 -34.75 3.96
CA GLY A 195 -37.02 -35.91 3.58
C GLY A 195 -36.19 -37.12 3.17
N VAL A 196 -34.86 -36.98 3.21
CA VAL A 196 -33.97 -38.06 2.79
C VAL A 196 -33.25 -38.66 4.01
N ASP A 197 -33.27 -39.99 4.09
CA ASP A 197 -32.52 -40.70 5.12
C ASP A 197 -31.08 -40.89 4.69
N LEU A 198 -30.16 -40.19 5.36
CA LEU A 198 -28.75 -40.20 5.01
C LEU A 198 -27.93 -41.24 5.77
N SER A 199 -28.54 -41.86 6.76
CA SER A 199 -27.79 -42.59 7.77
C SER A 199 -26.95 -43.73 7.22
N ALA A 200 -27.36 -44.32 6.09
CA ALA A 200 -26.61 -45.43 5.51
C ALA A 200 -25.18 -45.03 5.13
N LEU A 201 -24.92 -43.73 5.03
CA LEU A 201 -23.59 -43.28 4.65
C LEU A 201 -22.76 -42.83 5.84
N ARG A 202 -23.31 -42.94 7.05
CA ARG A 202 -22.57 -42.45 8.19
C ARG A 202 -21.23 -43.18 8.33
N GLY A 203 -21.24 -44.50 8.21
CA GLY A 203 -20.04 -45.28 8.41
C GLY A 203 -18.96 -44.90 7.42
N ALA A 204 -19.37 -44.57 6.20
CA ALA A 204 -18.41 -44.18 5.18
C ALA A 204 -17.84 -42.81 5.51
N ALA A 205 -18.64 -41.97 6.16
CA ALA A 205 -18.20 -40.60 6.42
C ALA A 205 -17.18 -40.64 7.54
N VAL A 206 -17.47 -41.43 8.56
CA VAL A 206 -16.54 -41.62 9.68
C VAL A 206 -15.22 -42.09 9.11
N ASP A 207 -15.30 -43.06 8.21
CA ASP A 207 -14.11 -43.62 7.58
C ASP A 207 -13.28 -42.56 6.88
N GLU A 208 -13.94 -41.73 6.09
CA GLU A 208 -13.26 -40.72 5.31
C GLU A 208 -12.52 -39.76 6.21
N TYR A 209 -13.18 -39.34 7.29
CA TYR A 209 -12.58 -38.38 8.20
C TYR A 209 -11.36 -38.96 8.89
N PHE A 210 -11.43 -40.24 9.29
CA PHE A 210 -10.31 -40.84 10.02
C PHE A 210 -9.13 -41.18 9.12
N ARG A 211 -9.34 -41.20 7.81
CA ARG A 211 -8.26 -41.47 6.88
C ARG A 211 -7.41 -40.22 6.64
N GLN A 212 -7.86 -39.09 7.17
CA GLN A 212 -7.14 -37.83 6.97
C GLN A 212 -6.13 -37.54 8.07
N PRO A 213 -4.84 -37.46 7.72
CA PRO A 213 -3.98 -36.95 8.77
C PRO A 213 -4.32 -35.51 9.11
N VAL A 214 -4.24 -35.16 10.37
CA VAL A 214 -4.61 -33.83 10.85
C VAL A 214 -3.38 -32.95 10.96
N VAL A 215 -3.38 -31.88 10.19
CA VAL A 215 -2.27 -30.94 10.17
C VAL A 215 -2.57 -29.75 11.05
N ASP A 216 -1.81 -29.61 12.12
CA ASP A 216 -1.87 -28.39 12.93
C ASP A 216 -0.84 -28.53 14.05
N THR A 217 -0.88 -27.64 15.02
CA THR A 217 0.04 -27.73 16.14
C THR A 217 -0.74 -28.01 17.41
N PHE A 218 -0.02 -28.21 18.50
CA PHE A 218 -0.67 -28.59 19.74
C PHE A 218 0.22 -28.35 20.95
N ASP A 219 -0.40 -28.32 22.11
CA ASP A 219 0.31 -28.21 23.37
C ASP A 219 1.09 -29.51 23.57
N ILE A 220 2.38 -29.41 23.88
CA ILE A 220 3.20 -30.62 24.03
C ILE A 220 2.70 -31.49 25.16
N ARG A 221 1.86 -30.95 26.04
CA ARG A 221 1.40 -31.72 27.19
C ARG A 221 0.46 -32.85 26.76
N ILE A 222 0.02 -32.86 25.50
CA ILE A 222 -0.85 -33.95 25.04
C ILE A 222 -0.03 -35.21 24.77
N LEU A 223 1.29 -35.06 24.75
CA LEU A 223 2.17 -36.19 24.48
C LEU A 223 2.31 -37.07 25.72
N MET A 224 2.23 -38.38 25.52
CA MET A 224 2.15 -39.31 26.64
C MET A 224 3.39 -40.19 26.82
N ALA A 225 4.36 -40.03 25.94
CA ALA A 225 5.60 -40.77 26.03
C ALA A 225 6.67 -40.05 25.21
N LYS A 226 7.92 -40.30 25.54
CA LYS A 226 9.03 -39.77 24.76
C LYS A 226 8.93 -40.31 23.36
N SER A 227 9.25 -39.49 22.37
CA SER A 227 9.09 -39.86 20.96
C SER A 227 10.05 -40.95 20.53
N VAL A 228 9.64 -41.66 19.49
CA VAL A 228 10.53 -42.60 18.81
C VAL A 228 10.98 -41.91 17.53
N LYS A 229 12.25 -42.16 17.19
CA LYS A 229 12.89 -41.50 16.07
C LYS A 229 13.27 -42.47 14.97
N TYR A 230 12.97 -42.11 13.73
CA TYR A 230 13.42 -42.86 12.56
C TYR A 230 14.27 -41.94 11.69
N THR A 231 15.49 -42.35 11.42
CA THR A 231 16.45 -41.50 10.72
C THR A 231 16.73 -41.96 9.30
N VAL A 232 16.68 -41.01 8.37
CA VAL A 232 17.15 -41.21 7.02
C VAL A 232 18.46 -40.44 6.84
N ASN A 233 19.51 -41.18 6.51
CA ASN A 233 20.80 -40.59 6.20
C ASN A 233 20.88 -40.37 4.68
N PHE A 234 20.77 -39.12 4.25
CA PHE A 234 20.66 -38.80 2.84
C PHE A 234 21.96 -39.11 2.09
N LEU A 235 23.06 -39.21 2.83
CA LEU A 235 24.34 -39.54 2.24
C LEU A 235 24.39 -41.01 1.84
N GLU A 236 23.64 -41.84 2.53
CA GLU A 236 23.73 -43.29 2.36
C GLU A 236 22.50 -43.88 1.66
N ALA A 237 21.36 -43.22 1.82
CA ALA A 237 20.10 -43.76 1.35
C ALA A 237 20.00 -43.73 -0.18
N LYS A 238 19.26 -44.69 -0.70
CA LYS A 238 18.94 -44.76 -2.13
C LYS A 238 17.44 -44.44 -2.31
N GLU A 239 17.06 -43.99 -3.50
CA GLU A 239 15.66 -43.65 -3.78
C GLU A 239 14.68 -44.71 -3.31
N GLY A 240 14.98 -45.94 -3.69
CA GLY A 240 14.12 -47.07 -3.39
C GLY A 240 13.87 -47.26 -1.92
N ASP A 241 14.78 -46.75 -1.08
CA ASP A 241 14.64 -46.89 0.35
C ASP A 241 13.39 -46.14 0.84
N LEU A 242 12.89 -45.19 0.04
CA LEU A 242 11.77 -44.36 0.50
C LEU A 242 10.40 -44.79 -0.01
N HIS A 243 10.35 -45.86 -0.79
CA HIS A 243 9.09 -46.38 -1.31
C HIS A 243 8.31 -47.12 -0.23
N ARG A 244 9.05 -47.73 0.69
CA ARG A 244 8.46 -48.46 1.79
C ARG A 244 9.23 -48.16 3.07
N ILE A 245 8.60 -47.45 3.98
CA ILE A 245 9.29 -47.04 5.21
C ILE A 245 8.63 -47.70 6.41
N GLU A 246 9.36 -48.59 7.08
CA GLU A 246 8.80 -49.29 8.22
C GLU A 246 9.38 -48.76 9.52
N ILE A 247 8.51 -48.19 10.34
CA ILE A 247 8.90 -47.57 11.60
C ILE A 247 8.32 -48.34 12.79
N PRO A 248 9.10 -49.27 13.37
CA PRO A 248 8.63 -49.93 14.58
C PRO A 248 8.64 -48.99 15.76
N PHE A 249 7.79 -49.21 16.75
CA PHE A 249 7.86 -48.39 17.95
C PHE A 249 7.45 -49.12 19.22
N LYS A 250 8.11 -48.73 20.30
CA LYS A 250 7.77 -49.15 21.64
C LYS A 250 7.82 -47.91 22.51
N PHE A 251 6.66 -47.42 22.90
CA PHE A 251 6.57 -46.25 23.74
C PHE A 251 6.41 -46.69 25.17
N HIS A 252 7.17 -46.05 26.04
CA HIS A 252 7.03 -46.29 27.46
C HIS A 252 6.22 -45.13 28.03
N MET A 253 4.98 -45.44 28.39
CA MET A 253 3.99 -44.42 28.72
C MET A 253 4.38 -43.65 29.97
N LEU A 254 4.41 -42.33 29.84
CA LEU A 254 4.75 -41.46 30.96
C LEU A 254 3.51 -40.99 31.69
N HIS A 255 2.36 -41.06 31.02
CA HIS A 255 1.12 -40.61 31.61
C HIS A 255 0.04 -41.68 31.41
N SER A 256 -0.87 -41.75 32.36
CA SER A 256 -2.01 -42.64 32.26
C SER A 256 -3.14 -41.99 31.47
N GLY A 257 -3.81 -42.77 30.63
CA GLY A 257 -4.95 -42.25 29.87
C GLY A 257 -5.24 -42.95 28.57
N LEU A 258 -6.17 -42.36 27.80
CA LEU A 258 -6.54 -42.86 26.50
C LEU A 258 -5.64 -42.27 25.42
N VAL A 259 -5.01 -43.14 24.64
CA VAL A 259 -4.22 -42.75 23.47
C VAL A 259 -5.12 -42.74 22.24
N HIS A 260 -5.26 -41.56 21.64
CA HIS A 260 -6.12 -41.36 20.48
C HIS A 260 -5.38 -41.47 19.15
N GLY A 261 -4.05 -41.48 19.19
CA GLY A 261 -3.28 -41.64 17.97
C GLY A 261 -1.81 -41.29 18.10
N LEU A 262 -1.16 -41.14 16.95
CA LEU A 262 0.26 -40.81 16.92
C LEU A 262 0.48 -39.43 16.31
N ALA A 263 1.34 -38.67 16.98
CA ALA A 263 1.78 -37.37 16.50
C ALA A 263 3.14 -37.52 15.85
N PHE A 264 3.30 -36.78 14.76
CA PHE A 264 4.50 -36.83 13.95
C PHE A 264 5.07 -35.45 13.77
N TRP A 265 6.39 -35.37 13.83
CA TRP A 265 7.10 -34.18 13.39
C TRP A 265 8.48 -34.59 12.90
N PHE A 266 9.28 -33.65 12.43
CA PHE A 266 10.60 -34.02 11.94
C PHE A 266 11.68 -32.95 12.13
N ASP A 267 12.92 -33.40 12.20
CA ASP A 267 14.10 -32.54 12.21
C ASP A 267 14.95 -32.87 10.99
N VAL A 268 15.69 -31.90 10.47
CA VAL A 268 16.78 -32.23 9.56
C VAL A 268 18.04 -31.58 10.07
N ALA A 269 19.18 -32.21 9.79
CA ALA A 269 20.46 -31.65 10.23
C ALA A 269 21.39 -31.40 9.07
N PHE A 270 22.05 -30.23 9.10
CA PHE A 270 23.09 -29.88 8.16
C PHE A 270 24.44 -30.11 8.82
N ILE A 271 25.09 -31.21 8.44
CA ILE A 271 26.35 -31.62 9.06
C ILE A 271 27.50 -31.11 8.21
N GLY A 272 27.97 -29.90 8.52
CA GLY A 272 29.05 -29.30 7.76
C GLY A 272 30.41 -29.53 8.38
N SER A 273 31.45 -29.03 7.72
CA SER A 273 32.82 -29.22 8.18
C SER A 273 33.10 -28.36 9.41
N ILE A 274 32.37 -27.26 9.54
CA ILE A 274 32.59 -26.34 10.65
C ILE A 274 31.61 -26.64 11.77
N MET A 275 30.35 -26.89 11.43
CA MET A 275 29.36 -27.19 12.45
C MET A 275 28.11 -27.89 11.90
N THR A 276 27.35 -28.49 12.82
CA THR A 276 26.04 -29.05 12.51
C THR A 276 24.94 -28.07 12.86
N VAL A 277 24.03 -27.84 11.92
CA VAL A 277 22.91 -26.93 12.14
C VAL A 277 21.60 -27.69 12.05
N TRP A 278 20.71 -27.49 13.01
CA TRP A 278 19.44 -28.20 13.04
C TRP A 278 18.26 -27.34 12.62
N LEU A 279 17.40 -27.91 11.78
CA LEU A 279 16.10 -27.32 11.48
C LEU A 279 15.04 -28.27 12.06
N SER A 280 14.30 -27.78 13.05
CA SER A 280 13.34 -28.62 13.77
C SER A 280 11.93 -28.09 13.63
N THR A 281 11.00 -28.99 13.42
CA THR A 281 9.58 -28.65 13.37
C THR A 281 8.84 -29.25 14.56
N ALA A 282 9.58 -29.57 15.62
CA ALA A 282 8.99 -30.15 16.82
C ALA A 282 8.03 -29.16 17.49
N PRO A 283 7.03 -29.68 18.23
CA PRO A 283 6.06 -28.84 18.92
C PRO A 283 6.68 -28.08 20.10
N THR A 284 7.92 -28.40 20.43
CA THR A 284 8.68 -27.64 21.41
C THR A 284 9.39 -26.45 20.77
N GLU A 285 9.38 -26.40 19.44
CA GLU A 285 10.05 -25.35 18.71
C GLU A 285 9.04 -24.40 18.08
N PRO A 286 9.50 -23.20 17.69
CA PRO A 286 8.65 -22.24 17.01
C PRO A 286 7.98 -22.82 15.77
N LEU A 287 6.75 -22.40 15.55
CA LEU A 287 5.93 -22.96 14.49
C LEU A 287 6.53 -22.66 13.11
N THR A 288 6.45 -23.66 12.25
CA THR A 288 6.83 -23.53 10.85
C THR A 288 5.62 -23.81 9.98
N HIS A 289 5.76 -23.66 8.67
CA HIS A 289 4.65 -23.91 7.77
C HIS A 289 4.36 -25.42 7.66
N TRP A 290 5.19 -26.25 8.30
CA TRP A 290 4.96 -27.69 8.36
C TRP A 290 4.06 -28.09 9.53
N TYR A 291 3.88 -27.20 10.49
CA TYR A 291 3.11 -27.49 11.70
C TYR A 291 3.52 -28.84 12.27
N GLN A 292 2.55 -29.63 12.75
CA GLN A 292 2.80 -31.02 13.06
C GLN A 292 1.65 -31.85 12.51
N VAL A 293 1.81 -33.17 12.49
CA VAL A 293 0.78 -34.04 11.93
C VAL A 293 0.33 -35.09 12.92
N ARG A 294 -0.99 -35.28 13.03
CA ARG A 294 -1.50 -36.32 13.89
C ARG A 294 -2.37 -37.31 13.12
N CYS A 295 -2.12 -38.59 13.39
CA CYS A 295 -2.91 -39.68 12.82
C CYS A 295 -3.67 -40.34 13.96
N LEU A 296 -4.99 -40.28 13.88
CA LEU A 296 -5.85 -40.86 14.91
C LEU A 296 -5.93 -42.37 14.77
N PHE A 297 -6.07 -43.04 15.90
CA PHE A 297 -6.51 -44.44 15.89
C PHE A 297 -8.02 -44.49 15.74
N GLN A 298 -8.51 -45.52 15.08
CA GLN A 298 -9.94 -45.71 14.91
C GLN A 298 -10.61 -45.87 16.26
N SER A 299 -9.90 -46.53 17.18
CA SER A 299 -10.38 -46.71 18.53
C SER A 299 -9.25 -46.37 19.49
N PRO A 300 -9.53 -45.50 20.48
CA PRO A 300 -8.44 -45.16 21.41
C PRO A 300 -8.03 -46.32 22.29
N LEU A 301 -6.82 -46.25 22.79
CA LEU A 301 -6.28 -47.31 23.65
C LEU A 301 -6.01 -46.82 25.06
N PHE A 302 -6.52 -47.52 26.07
CA PHE A 302 -6.19 -47.12 27.43
C PHE A 302 -4.81 -47.64 27.82
N ALA A 303 -4.00 -46.75 28.37
CA ALA A 303 -2.68 -47.13 28.85
C ALA A 303 -2.42 -46.55 30.22
N LYS A 304 -1.73 -47.33 31.04
CA LYS A 304 -1.31 -46.89 32.36
C LYS A 304 0.10 -46.34 32.25
N ALA A 305 0.42 -45.35 33.09
CA ALA A 305 1.80 -44.90 33.17
C ALA A 305 2.64 -46.13 33.49
N GLY A 306 3.70 -46.35 32.72
CA GLY A 306 4.53 -47.53 32.91
C GLY A 306 4.23 -48.64 31.92
N ASP A 307 3.03 -48.64 31.34
CA ASP A 307 2.69 -49.61 30.30
C ASP A 307 3.53 -49.36 29.06
N THR A 308 3.54 -50.32 28.15
CA THR A 308 4.24 -50.19 26.88
C THR A 308 3.25 -50.21 25.73
N LEU A 309 3.41 -49.27 24.81
CA LEU A 309 2.58 -49.20 23.61
C LEU A 309 3.46 -49.54 22.44
N SER A 310 3.25 -50.72 21.87
CA SER A 310 4.16 -51.20 20.84
C SER A 310 3.42 -51.39 19.53
N GLY A 311 4.15 -51.24 18.43
CA GLY A 311 3.55 -51.43 17.13
C GLY A 311 4.38 -50.94 15.96
N THR A 312 3.68 -50.65 14.86
CA THR A 312 4.35 -50.30 13.62
C THR A 312 3.63 -49.20 12.87
N CYS A 313 4.43 -48.27 12.33
CA CYS A 313 3.96 -47.31 11.37
C CYS A 313 4.61 -47.61 10.03
N LEU A 314 3.80 -47.98 9.05
CA LEU A 314 4.31 -48.36 7.75
C LEU A 314 3.86 -47.32 6.72
N LEU A 315 4.83 -46.69 6.06
CA LEU A 315 4.52 -45.68 5.05
C LEU A 315 4.81 -46.26 3.68
N ILE A 316 3.76 -46.35 2.85
CA ILE A 316 3.86 -46.92 1.51
C ILE A 316 3.60 -45.84 0.48
N ALA A 317 4.59 -45.58 -0.36
CA ALA A 317 4.47 -44.55 -1.39
C ALA A 317 3.41 -44.90 -2.43
N ASN A 318 2.66 -43.90 -2.88
CA ASN A 318 1.63 -44.08 -3.90
C ASN A 318 1.91 -43.15 -5.09
N LYS A 319 1.16 -43.30 -6.19
CA LYS A 319 1.50 -42.56 -7.41
C LYS A 319 0.92 -41.14 -7.39
N ARG A 320 0.29 -40.76 -6.29
CA ARG A 320 -0.21 -39.40 -6.16
C ARG A 320 0.80 -38.56 -5.36
N GLN A 321 2.07 -38.95 -5.47
CA GLN A 321 3.18 -38.25 -4.83
C GLN A 321 3.00 -38.12 -3.32
N SER A 322 2.51 -39.18 -2.70
CA SER A 322 2.30 -39.17 -1.26
C SER A 322 2.42 -40.58 -0.70
N TYR A 323 1.86 -40.78 0.48
CA TYR A 323 1.99 -42.08 1.17
C TYR A 323 0.67 -42.57 1.74
N ASP A 324 0.48 -43.88 1.65
CA ASP A 324 -0.53 -44.57 2.41
C ASP A 324 0.13 -44.93 3.74
N ILE A 325 -0.54 -44.55 4.82
CA ILE A 325 0.00 -44.72 6.17
C ILE A 325 -0.75 -45.84 6.84
N SER A 326 -0.03 -46.85 7.29
CA SER A 326 -0.65 -47.92 8.07
C SER A 326 -0.11 -47.87 9.47
N ILE A 327 -0.97 -47.73 10.46
CA ILE A 327 -0.52 -47.71 11.85
C ILE A 327 -1.20 -48.82 12.64
N VAL A 328 -0.41 -49.68 13.26
CA VAL A 328 -0.97 -50.68 14.16
C VAL A 328 -0.30 -50.55 15.51
N ALA A 329 -1.10 -50.48 16.57
CA ALA A 329 -0.55 -50.31 17.92
C ALA A 329 -1.32 -51.14 18.95
N GLN A 330 -0.59 -51.70 19.92
CA GLN A 330 -1.21 -52.43 21.02
C GLN A 330 -0.52 -52.11 22.34
N VAL A 331 -1.32 -52.06 23.40
CA VAL A 331 -0.83 -51.97 24.76
C VAL A 331 -0.43 -53.37 25.16
N ASP A 332 0.86 -53.60 25.33
CA ASP A 332 1.37 -54.94 25.55
C ASP A 332 0.80 -55.57 26.81
N GLN A 333 0.59 -54.75 27.84
CA GLN A 333 0.17 -55.25 29.14
C GLN A 333 -1.28 -55.75 29.14
N THR A 334 -2.09 -55.30 28.18
CA THR A 334 -3.51 -55.66 28.18
C THR A 334 -3.93 -56.35 26.88
N GLY A 335 -3.14 -56.14 25.83
CA GLY A 335 -3.43 -56.70 24.52
C GLY A 335 -4.48 -55.96 23.71
N SER A 336 -4.97 -54.84 24.21
CA SER A 336 -5.93 -54.02 23.46
C SER A 336 -5.21 -53.45 22.24
N LYS A 337 -5.86 -53.57 21.09
CA LYS A 337 -5.23 -53.36 19.78
C LYS A 337 -5.98 -52.31 18.97
N SER A 338 -5.26 -51.52 18.18
CA SER A 338 -5.90 -50.57 17.27
C SER A 338 -5.12 -50.33 15.98
N SER A 339 -5.85 -49.94 14.95
CA SER A 339 -5.33 -49.73 13.60
C SER A 339 -5.79 -48.42 13.02
N ASN A 340 -5.09 -47.98 11.97
CA ASN A 340 -5.66 -46.98 11.10
C ASN A 340 -4.92 -47.00 9.78
N LEU A 341 -5.62 -46.61 8.73
CA LEU A 341 -5.04 -46.53 7.41
C LEU A 341 -5.32 -45.11 6.99
N LEU A 342 -4.29 -44.35 6.66
CA LEU A 342 -4.48 -42.94 6.36
C LEU A 342 -3.89 -42.59 5.01
N ASP A 343 -4.51 -41.63 4.34
CA ASP A 343 -4.05 -41.20 3.05
C ASP A 343 -3.47 -39.79 3.18
N LEU A 344 -2.15 -39.71 3.22
CA LEU A 344 -1.46 -38.46 3.46
C LEU A 344 -1.71 -37.44 2.35
N LYS A 345 -2.19 -37.89 1.21
CA LYS A 345 -2.44 -36.97 0.10
C LYS A 345 -3.59 -36.01 0.39
N ASN A 346 -4.53 -36.42 1.22
CA ASN A 346 -5.68 -35.56 1.53
C ASN A 346 -5.78 -35.31 3.04
N PRO A 347 -4.89 -34.45 3.55
CA PRO A 347 -4.92 -34.14 4.98
C PRO A 347 -6.01 -33.14 5.32
N PHE A 348 -6.33 -33.07 6.60
CA PHE A 348 -7.26 -32.07 7.10
C PHE A 348 -6.46 -30.95 7.73
N PHE A 349 -6.49 -29.77 7.13
N PHE A 349 -6.48 -29.76 7.14
CA PHE A 349 -5.81 -28.61 7.68
CA PHE A 349 -5.78 -28.61 7.69
C PHE A 349 -6.69 -27.99 8.75
C PHE A 349 -6.67 -27.99 8.75
N ARG A 350 -6.34 -28.24 10.00
CA ARG A 350 -7.18 -27.87 11.14
C ARG A 350 -6.75 -26.56 11.79
N TYR A 351 -5.50 -26.17 11.59
CA TYR A 351 -4.95 -25.00 12.26
C TYR A 351 -5.84 -23.77 12.05
N THR A 352 -6.05 -23.03 13.12
CA THR A 352 -6.88 -21.83 13.11
C THR A 352 -6.18 -20.69 13.83
N GLU B 17 -8.29 -30.86 -20.07
CA GLU B 17 -7.12 -31.67 -19.77
C GLU B 17 -7.48 -32.80 -18.80
N GLU B 18 -6.90 -33.96 -19.01
CA GLU B 18 -7.11 -35.12 -18.14
C GLU B 18 -6.75 -34.74 -16.70
N SER B 19 -5.62 -34.03 -16.57
CA SER B 19 -5.07 -33.60 -15.29
C SER B 19 -6.07 -32.80 -14.46
N SER B 20 -6.80 -31.88 -15.08
CA SER B 20 -7.80 -31.08 -14.39
C SER B 20 -9.02 -31.92 -13.98
N ALA B 21 -9.50 -32.75 -14.90
CA ALA B 21 -10.68 -33.57 -14.68
C ALA B 21 -10.47 -34.56 -13.54
N VAL B 22 -9.29 -35.18 -13.49
CA VAL B 22 -8.99 -36.13 -12.43
C VAL B 22 -9.16 -35.46 -11.06
N GLN B 23 -8.51 -34.30 -10.88
CA GLN B 23 -8.62 -33.58 -9.62
C GLN B 23 -10.05 -33.17 -9.33
N TYR B 24 -10.74 -32.70 -10.36
CA TYR B 24 -12.12 -32.25 -10.21
C TYR B 24 -12.99 -33.36 -9.62
N PHE B 25 -12.93 -34.53 -10.26
CA PHE B 25 -13.81 -35.62 -9.87
C PHE B 25 -13.32 -36.33 -8.60
N GLN B 26 -12.02 -36.28 -8.31
CA GLN B 26 -11.53 -36.71 -7.01
C GLN B 26 -12.09 -35.79 -5.91
N PHE B 27 -12.04 -34.49 -6.14
CA PHE B 27 -12.59 -33.49 -5.21
C PHE B 27 -14.05 -33.78 -4.92
N TYR B 28 -14.84 -33.99 -5.96
CA TYR B 28 -16.27 -34.23 -5.74
C TYR B 28 -16.60 -35.65 -5.29
N GLY B 29 -15.59 -36.52 -5.21
CA GLY B 29 -15.78 -37.85 -4.65
C GLY B 29 -15.78 -37.94 -3.13
N TYR B 30 -15.43 -36.86 -2.45
CA TYR B 30 -15.39 -36.85 -0.99
C TYR B 30 -16.75 -36.52 -0.39
N LEU B 31 -17.19 -37.33 0.56
CA LEU B 31 -18.44 -37.10 1.26
C LEU B 31 -18.46 -35.75 1.99
N SER B 32 -17.31 -35.32 2.51
CA SER B 32 -17.23 -34.06 3.23
C SER B 32 -17.61 -32.86 2.36
N GLN B 33 -17.29 -32.93 1.07
CA GLN B 33 -17.66 -31.85 0.15
C GLN B 33 -19.16 -31.88 -0.11
N GLN B 34 -19.72 -33.07 -0.24
CA GLN B 34 -21.16 -33.20 -0.37
C GLN B 34 -21.84 -32.63 0.86
N GLN B 35 -21.33 -32.99 2.03
CA GLN B 35 -21.86 -32.45 3.27
C GLN B 35 -21.78 -30.93 3.25
N ASN B 36 -20.63 -30.40 2.85
CA ASN B 36 -20.49 -28.95 2.78
C ASN B 36 -21.54 -28.34 1.88
N MET B 37 -21.78 -28.93 0.71
CA MET B 37 -22.80 -28.40 -0.19
C MET B 37 -24.21 -28.53 0.37
N MET B 38 -24.52 -29.69 0.95
CA MET B 38 -25.85 -29.97 1.45
C MET B 38 -26.21 -29.03 2.60
N GLN B 39 -25.22 -28.66 3.41
CA GLN B 39 -25.45 -27.84 4.58
C GLN B 39 -25.67 -26.36 4.25
N ASP B 40 -25.59 -26.01 2.97
CA ASP B 40 -26.02 -24.70 2.52
C ASP B 40 -27.53 -24.71 2.41
N TYR B 41 -28.23 -24.22 3.44
CA TYR B 41 -29.69 -24.38 3.48
C TYR B 41 -30.40 -23.57 2.40
N VAL B 42 -29.87 -22.40 2.06
CA VAL B 42 -30.45 -21.60 0.99
C VAL B 42 -30.46 -22.42 -0.30
N ARG B 43 -29.30 -23.02 -0.63
CA ARG B 43 -29.17 -23.82 -1.85
C ARG B 43 -30.15 -24.98 -1.85
N THR B 44 -30.02 -25.82 -0.83
CA THR B 44 -30.73 -27.09 -0.77
C THR B 44 -32.23 -26.84 -0.61
N GLY B 45 -32.57 -25.91 0.26
CA GLY B 45 -33.95 -25.56 0.49
C GLY B 45 -34.57 -24.91 -0.73
N THR B 46 -33.80 -24.07 -1.43
CA THR B 46 -34.35 -23.39 -2.59
C THR B 46 -34.54 -24.39 -3.74
N TYR B 47 -33.59 -25.30 -3.92
CA TYR B 47 -33.77 -26.37 -4.90
C TYR B 47 -34.99 -27.19 -4.58
N GLN B 48 -35.12 -27.59 -3.31
CA GLN B 48 -36.26 -28.40 -2.93
C GLN B 48 -37.56 -27.65 -3.16
N ARG B 49 -37.55 -26.37 -2.83
CA ARG B 49 -38.73 -25.53 -3.00
C ARG B 49 -39.11 -25.45 -4.49
N ALA B 50 -38.11 -25.20 -5.35
CA ALA B 50 -38.33 -25.11 -6.79
C ALA B 50 -38.91 -26.41 -7.35
N ILE B 51 -38.39 -27.54 -6.91
CA ILE B 51 -38.89 -28.82 -7.41
C ILE B 51 -40.27 -29.18 -6.87
N LEU B 52 -40.48 -29.04 -5.56
CA LEU B 52 -41.76 -29.46 -4.99
C LEU B 52 -42.91 -28.53 -5.36
N GLN B 53 -42.69 -27.23 -5.39
CA GLN B 53 -43.78 -26.33 -5.72
C GLN B 53 -44.14 -26.36 -7.22
N ASN B 54 -43.25 -26.89 -8.04
CA ASN B 54 -43.57 -27.16 -9.44
C ASN B 54 -43.71 -28.67 -9.63
N HIS B 55 -44.36 -29.33 -8.68
CA HIS B 55 -44.42 -30.79 -8.68
C HIS B 55 -45.07 -31.36 -9.95
N THR B 56 -45.94 -30.59 -10.58
CA THR B 56 -46.60 -31.07 -11.79
C THR B 56 -45.62 -31.15 -12.96
N ASP B 57 -44.47 -30.50 -12.86
CA ASP B 57 -43.44 -30.63 -13.89
C ASP B 57 -42.62 -31.89 -13.69
N PHE B 58 -42.89 -32.63 -12.62
CA PHE B 58 -42.13 -33.84 -12.31
C PHE B 58 -43.03 -35.06 -12.18
N LYS B 59 -44.27 -34.85 -11.75
CA LYS B 59 -45.18 -35.96 -11.47
C LYS B 59 -45.34 -36.87 -12.68
N ASP B 60 -44.97 -38.13 -12.50
CA ASP B 60 -45.06 -39.16 -13.53
C ASP B 60 -44.23 -38.83 -14.76
N LYS B 61 -43.19 -38.01 -14.58
CA LYS B 61 -42.30 -37.64 -15.68
C LYS B 61 -40.95 -38.36 -15.64
N ILE B 62 -40.22 -38.29 -16.75
CA ILE B 62 -38.86 -38.78 -16.79
C ILE B 62 -37.87 -37.64 -16.57
N VAL B 63 -36.91 -37.88 -15.70
CA VAL B 63 -36.00 -36.84 -15.25
C VAL B 63 -34.55 -37.24 -15.50
N LEU B 64 -33.74 -36.25 -15.85
CA LEU B 64 -32.30 -36.44 -15.86
C LEU B 64 -31.64 -35.50 -14.85
N ASP B 65 -30.90 -36.07 -13.91
CA ASP B 65 -30.12 -35.30 -12.95
C ASP B 65 -28.66 -35.29 -13.36
N VAL B 66 -28.17 -34.14 -13.83
CA VAL B 66 -26.79 -34.06 -14.32
C VAL B 66 -25.82 -33.73 -13.19
N GLY B 67 -24.99 -34.71 -12.84
CA GLY B 67 -24.02 -34.53 -11.77
C GLY B 67 -24.71 -34.59 -10.43
N CYS B 68 -25.30 -35.76 -10.14
CA CYS B 68 -26.24 -35.91 -9.03
C CYS B 68 -25.59 -35.91 -7.66
N GLY B 69 -24.28 -36.16 -7.63
CA GLY B 69 -23.55 -36.23 -6.38
C GLY B 69 -24.10 -37.28 -5.42
N SER B 70 -24.46 -36.82 -4.23
CA SER B 70 -25.08 -37.68 -3.23
C SER B 70 -26.46 -38.16 -3.69
N GLY B 71 -27.05 -37.45 -4.64
CA GLY B 71 -28.38 -37.78 -5.14
C GLY B 71 -29.52 -36.89 -4.68
N ILE B 72 -29.21 -35.86 -3.90
CA ILE B 72 -30.23 -35.07 -3.21
C ILE B 72 -31.33 -34.56 -4.15
N LEU B 73 -30.94 -34.02 -5.31
CA LEU B 73 -31.92 -33.50 -6.26
C LEU B 73 -32.78 -34.58 -6.88
N SER B 74 -32.19 -35.76 -7.08
CA SER B 74 -32.94 -36.89 -7.60
C SER B 74 -33.99 -37.27 -6.57
N PHE B 75 -33.63 -37.19 -5.29
CA PHE B 75 -34.57 -37.48 -4.22
C PHE B 75 -35.69 -36.45 -4.19
N PHE B 76 -35.35 -35.19 -4.39
CA PHE B 76 -36.41 -34.19 -4.51
C PHE B 76 -37.32 -34.51 -5.71
N ALA B 77 -36.74 -34.88 -6.84
CA ALA B 77 -37.55 -35.28 -7.99
C ALA B 77 -38.44 -36.47 -7.67
N ALA B 78 -37.92 -37.41 -6.89
CA ALA B 78 -38.74 -38.57 -6.48
C ALA B 78 -39.87 -38.12 -5.57
N GLN B 79 -39.58 -37.21 -4.65
CA GLN B 79 -40.61 -36.68 -3.76
C GLN B 79 -41.74 -36.00 -4.54
N ALA B 80 -41.38 -35.35 -5.65
CA ALA B 80 -42.36 -34.64 -6.47
C ALA B 80 -43.13 -35.57 -7.39
N GLY B 81 -42.80 -36.86 -7.35
CA GLY B 81 -43.59 -37.89 -8.03
C GLY B 81 -43.07 -38.37 -9.36
N ALA B 82 -41.80 -38.09 -9.67
CA ALA B 82 -41.22 -38.52 -10.92
C ALA B 82 -41.28 -40.03 -11.04
N ARG B 83 -41.56 -40.52 -12.25
CA ARG B 83 -41.68 -41.94 -12.51
C ARG B 83 -40.31 -42.60 -12.66
N LYS B 84 -39.36 -41.85 -13.20
CA LYS B 84 -38.00 -42.36 -13.39
C LYS B 84 -36.98 -41.24 -13.45
N ILE B 85 -35.91 -41.40 -12.69
CA ILE B 85 -34.85 -40.41 -12.66
C ILE B 85 -33.54 -41.08 -12.99
N TYR B 86 -32.88 -40.61 -14.04
CA TYR B 86 -31.56 -41.08 -14.36
C TYR B 86 -30.57 -40.12 -13.73
N ALA B 87 -29.80 -40.63 -12.77
CA ALA B 87 -28.88 -39.79 -12.02
C ALA B 87 -27.46 -40.10 -12.47
N VAL B 88 -26.89 -39.18 -13.26
CA VAL B 88 -25.58 -39.39 -13.83
C VAL B 88 -24.53 -38.72 -12.94
N GLU B 89 -23.48 -39.46 -12.62
CA GLU B 89 -22.40 -38.95 -11.78
C GLU B 89 -21.08 -39.63 -12.11
N ALA B 90 -20.06 -38.83 -12.40
CA ALA B 90 -18.79 -39.33 -12.92
C ALA B 90 -17.81 -39.66 -11.80
N SER B 91 -17.96 -39.03 -10.65
CA SER B 91 -17.07 -39.30 -9.52
C SER B 91 -17.52 -40.58 -8.82
N THR B 92 -16.72 -41.05 -7.87
CA THR B 92 -17.06 -42.27 -7.13
C THR B 92 -18.26 -42.05 -6.20
N MET B 93 -18.66 -40.79 -6.04
CA MET B 93 -19.84 -40.48 -5.24
C MET B 93 -21.02 -41.27 -5.77
N ALA B 94 -20.96 -41.59 -7.06
CA ALA B 94 -22.00 -42.37 -7.72
C ALA B 94 -22.33 -43.62 -6.92
N GLN B 95 -21.29 -44.21 -6.32
CA GLN B 95 -21.49 -45.42 -5.53
C GLN B 95 -22.23 -45.10 -4.23
N HIS B 96 -22.00 -43.92 -3.65
CA HIS B 96 -22.65 -43.56 -2.40
C HIS B 96 -24.12 -43.22 -2.65
N ALA B 97 -24.39 -42.60 -3.79
CA ALA B 97 -25.76 -42.28 -4.17
C ALA B 97 -26.60 -43.56 -4.28
N GLU B 98 -26.03 -44.61 -4.85
CA GLU B 98 -26.77 -45.86 -5.00
C GLU B 98 -27.10 -46.43 -3.63
N VAL B 99 -26.19 -46.26 -2.66
CA VAL B 99 -26.44 -46.72 -1.30
C VAL B 99 -27.68 -46.04 -0.74
N LEU B 100 -27.78 -44.74 -0.96
CA LEU B 100 -28.89 -43.94 -0.44
C LEU B 100 -30.19 -44.30 -1.15
N VAL B 101 -30.11 -44.58 -2.45
CA VAL B 101 -31.29 -44.98 -3.21
C VAL B 101 -31.88 -46.28 -2.65
N LYS B 102 -31.03 -47.24 -2.34
CA LYS B 102 -31.47 -48.52 -1.78
C LYS B 102 -32.03 -48.37 -0.38
N SER B 103 -31.30 -47.67 0.48
CA SER B 103 -31.70 -47.51 1.87
C SER B 103 -32.94 -46.63 1.98
N ASN B 104 -33.21 -45.86 0.93
CA ASN B 104 -34.43 -45.05 0.87
C ASN B 104 -35.53 -45.71 0.02
N ASN B 105 -35.34 -46.98 -0.33
CA ASN B 105 -36.36 -47.76 -1.02
C ASN B 105 -36.88 -47.08 -2.29
N LEU B 106 -35.96 -46.55 -3.11
CA LEU B 106 -36.34 -45.85 -4.34
C LEU B 106 -35.69 -46.48 -5.59
N THR B 107 -35.32 -47.76 -5.49
CA THR B 107 -34.62 -48.43 -6.59
C THR B 107 -35.46 -48.51 -7.85
N ASP B 108 -36.78 -48.49 -7.66
CA ASP B 108 -37.72 -48.58 -8.78
C ASP B 108 -37.87 -47.25 -9.52
N ARG B 109 -37.27 -46.19 -8.98
CA ARG B 109 -37.50 -44.84 -9.48
C ARG B 109 -36.21 -44.07 -9.76
N ILE B 110 -35.17 -44.29 -8.96
CA ILE B 110 -33.90 -43.61 -9.18
C ILE B 110 -32.87 -44.59 -9.70
N VAL B 111 -32.35 -44.30 -10.89
CA VAL B 111 -31.34 -45.14 -11.51
C VAL B 111 -30.05 -44.37 -11.63
N VAL B 112 -29.06 -44.76 -10.84
CA VAL B 112 -27.75 -44.13 -10.93
C VAL B 112 -27.01 -44.68 -12.14
N ILE B 113 -26.51 -43.77 -12.97
CA ILE B 113 -25.73 -44.15 -14.13
C ILE B 113 -24.35 -43.52 -13.98
N PRO B 114 -23.36 -44.32 -13.55
CA PRO B 114 -22.01 -43.77 -13.37
C PRO B 114 -21.33 -43.46 -14.69
N GLY B 115 -20.71 -42.29 -14.74
CA GLY B 115 -20.01 -41.85 -15.93
C GLY B 115 -20.33 -40.41 -16.21
N LYS B 116 -19.72 -39.89 -17.27
CA LYS B 116 -19.93 -38.53 -17.70
C LYS B 116 -21.16 -38.43 -18.59
N VAL B 117 -21.93 -37.36 -18.44
CA VAL B 117 -23.17 -37.22 -19.20
C VAL B 117 -22.85 -37.17 -20.69
N GLU B 118 -21.62 -36.76 -21.03
CA GLU B 118 -21.18 -36.73 -22.41
C GLU B 118 -20.89 -38.12 -22.96
N GLU B 119 -20.79 -39.11 -22.08
CA GLU B 119 -20.27 -40.41 -22.47
C GLU B 119 -21.24 -41.56 -22.23
N VAL B 120 -22.19 -41.36 -21.32
CA VAL B 120 -23.13 -42.43 -21.01
C VAL B 120 -24.22 -42.47 -22.08
N SER B 121 -24.88 -43.61 -22.17
CA SER B 121 -26.07 -43.74 -23.00
C SER B 121 -27.28 -43.90 -22.09
N LEU B 122 -28.30 -43.08 -22.33
CA LEU B 122 -29.53 -43.14 -21.54
C LEU B 122 -30.59 -43.95 -22.30
N PRO B 123 -31.48 -44.63 -21.57
CA PRO B 123 -32.44 -45.49 -22.26
C PRO B 123 -33.55 -44.76 -23.02
N GLU B 124 -33.86 -43.53 -22.61
CA GLU B 124 -34.96 -42.77 -23.23
C GLU B 124 -34.73 -41.27 -23.11
N GLN B 125 -35.51 -40.49 -23.87
CA GLN B 125 -35.46 -39.04 -23.77
C GLN B 125 -36.17 -38.64 -22.48
N VAL B 126 -35.85 -37.46 -21.95
CA VAL B 126 -36.43 -37.04 -20.67
C VAL B 126 -37.28 -35.78 -20.84
N ASP B 127 -38.17 -35.58 -19.87
CA ASP B 127 -39.08 -34.45 -19.88
C ASP B 127 -38.43 -33.23 -19.25
N ILE B 128 -37.48 -33.46 -18.36
CA ILE B 128 -36.86 -32.37 -17.66
C ILE B 128 -35.47 -32.75 -17.18
N ILE B 129 -34.57 -31.77 -17.27
CA ILE B 129 -33.22 -31.96 -16.77
C ILE B 129 -33.05 -31.09 -15.54
N ILE B 130 -32.55 -31.68 -14.47
CA ILE B 130 -32.19 -30.92 -13.29
C ILE B 130 -30.71 -31.03 -13.05
N SER B 131 -30.14 -29.98 -12.48
CA SER B 131 -28.73 -29.94 -12.20
C SER B 131 -28.41 -28.75 -11.34
N GLU B 132 -27.28 -28.85 -10.66
CA GLU B 132 -26.70 -27.73 -9.94
C GLU B 132 -25.30 -27.51 -10.51
N PRO B 133 -25.21 -26.83 -11.67
CA PRO B 133 -23.92 -26.69 -12.36
C PRO B 133 -23.20 -25.34 -12.16
N MET B 134 -23.68 -24.51 -11.25
CA MET B 134 -23.15 -23.17 -11.08
C MET B 134 -21.87 -23.17 -10.26
N GLY B 135 -20.84 -22.48 -10.74
CA GLY B 135 -19.62 -22.30 -9.98
C GLY B 135 -19.50 -20.85 -9.55
N TYR B 136 -18.37 -20.51 -8.93
CA TYR B 136 -18.07 -19.11 -8.67
C TYR B 136 -18.30 -18.33 -9.95
N MET B 137 -18.85 -17.13 -9.82
CA MET B 137 -19.20 -16.31 -10.98
C MET B 137 -20.08 -17.07 -11.98
N LEU B 138 -20.85 -18.03 -11.48
CA LEU B 138 -21.70 -18.90 -12.31
C LEU B 138 -20.90 -19.89 -13.17
N PHE B 139 -19.90 -19.42 -13.91
CA PHE B 139 -19.33 -20.21 -14.99
C PHE B 139 -18.14 -21.11 -14.60
N ASN B 140 -17.57 -20.91 -13.42
CA ASN B 140 -16.39 -21.69 -13.01
C ASN B 140 -16.67 -23.19 -13.01
N GLU B 141 -15.65 -23.98 -13.35
CA GLU B 141 -15.75 -25.45 -13.43
C GLU B 141 -16.33 -25.88 -14.77
N ARG B 142 -16.92 -24.93 -15.50
CA ARG B 142 -17.42 -25.18 -16.86
C ARG B 142 -18.42 -26.32 -16.92
N MET B 143 -19.13 -26.53 -15.82
CA MET B 143 -20.10 -27.61 -15.79
C MET B 143 -21.37 -27.26 -16.55
N LEU B 144 -21.59 -25.99 -16.81
CA LEU B 144 -22.75 -25.56 -17.58
C LEU B 144 -22.75 -26.19 -18.97
N GLU B 145 -21.55 -26.45 -19.48
CA GLU B 145 -21.41 -27.06 -20.79
C GLU B 145 -21.93 -28.49 -20.79
N SER B 146 -21.70 -29.21 -19.69
CA SER B 146 -22.20 -30.57 -19.56
C SER B 146 -23.72 -30.54 -19.47
N TYR B 147 -24.22 -29.57 -18.72
CA TYR B 147 -25.64 -29.33 -18.53
C TYR B 147 -26.31 -29.08 -19.87
N LEU B 148 -25.72 -28.21 -20.67
CA LEU B 148 -26.25 -27.91 -22.00
C LEU B 148 -26.05 -29.09 -22.95
N HIS B 149 -24.93 -29.79 -22.82
CA HIS B 149 -24.67 -30.99 -23.62
C HIS B 149 -25.75 -32.03 -23.40
N ALA B 150 -26.17 -32.16 -22.14
CA ALA B 150 -27.21 -33.13 -21.77
C ALA B 150 -28.56 -32.91 -22.46
N LYS B 151 -28.74 -31.75 -23.09
CA LYS B 151 -29.99 -31.43 -23.77
C LYS B 151 -30.27 -32.34 -24.95
N LYS B 152 -29.27 -33.12 -25.36
CA LYS B 152 -29.46 -34.12 -26.41
C LYS B 152 -30.48 -35.17 -25.99
N TYR B 153 -30.68 -35.33 -24.68
CA TYR B 153 -31.64 -36.30 -24.15
C TYR B 153 -32.98 -35.64 -23.84
N LEU B 154 -33.11 -34.36 -24.12
CA LEU B 154 -34.30 -33.61 -23.74
C LEU B 154 -35.36 -33.60 -24.84
N LYS B 155 -36.59 -33.94 -24.46
CA LYS B 155 -37.72 -33.84 -25.37
C LYS B 155 -37.93 -32.41 -25.88
N PRO B 156 -38.55 -32.27 -27.06
CA PRO B 156 -38.84 -30.95 -27.64
C PRO B 156 -39.52 -29.99 -26.67
N SER B 157 -40.47 -30.51 -25.91
CA SER B 157 -41.23 -29.71 -24.96
C SER B 157 -40.67 -29.86 -23.56
N GLY B 158 -39.42 -30.31 -23.45
CA GLY B 158 -38.81 -30.48 -22.16
C GLY B 158 -38.37 -29.20 -21.48
N ASN B 159 -38.04 -29.33 -20.19
CA ASN B 159 -37.68 -28.19 -19.37
C ASN B 159 -36.32 -28.39 -18.72
N MET B 160 -35.76 -27.30 -18.24
CA MET B 160 -34.48 -27.33 -17.55
C MET B 160 -34.57 -26.58 -16.22
N PHE B 161 -34.08 -27.23 -15.18
CA PHE B 161 -34.10 -26.70 -13.82
C PHE B 161 -32.68 -26.67 -13.27
N PRO B 162 -32.05 -25.49 -13.23
CA PRO B 162 -32.52 -24.13 -13.50
C PRO B 162 -32.71 -23.86 -14.99
N THR B 163 -33.55 -22.87 -15.29
CA THR B 163 -33.90 -22.58 -16.67
C THR B 163 -33.01 -21.48 -17.23
N ILE B 164 -32.76 -20.46 -16.42
CA ILE B 164 -31.90 -19.35 -16.83
C ILE B 164 -30.97 -18.94 -15.70
N GLY B 165 -29.88 -18.28 -16.09
CA GLY B 165 -28.93 -17.73 -15.15
C GLY B 165 -28.57 -16.29 -15.44
N ASP B 166 -28.64 -15.45 -14.41
CA ASP B 166 -28.29 -14.05 -14.53
C ASP B 166 -26.97 -13.80 -13.83
N VAL B 167 -26.01 -13.27 -14.57
CA VAL B 167 -24.78 -12.78 -13.99
C VAL B 167 -24.94 -11.28 -13.76
N HIS B 168 -24.64 -10.86 -12.53
CA HIS B 168 -24.69 -9.46 -12.16
C HIS B 168 -23.30 -8.93 -11.89
N LEU B 169 -23.05 -7.72 -12.40
CA LEU B 169 -21.77 -7.04 -12.25
C LEU B 169 -22.02 -5.66 -11.68
N ALA B 170 -21.15 -5.20 -10.78
CA ALA B 170 -21.24 -3.81 -10.37
C ALA B 170 -19.89 -3.28 -9.94
N PRO B 171 -19.61 -1.99 -10.21
CA PRO B 171 -18.32 -1.46 -9.77
C PRO B 171 -18.33 -1.27 -8.27
N PHE B 172 -17.18 -1.45 -7.62
CA PHE B 172 -17.15 -1.28 -6.16
C PHE B 172 -15.94 -0.47 -5.72
N THR B 173 -16.01 0.06 -4.51
CA THR B 173 -14.87 0.72 -3.88
C THR B 173 -14.48 -0.03 -2.62
N ASP B 174 -13.22 -0.43 -2.53
CA ASP B 174 -12.72 -1.08 -1.33
C ASP B 174 -11.19 -0.98 -1.21
N GLU B 175 -10.74 0.16 -0.69
CA GLU B 175 -9.31 0.44 -0.55
C GLU B 175 -8.59 -0.61 0.29
N GLN B 176 -9.29 -1.16 1.27
CA GLN B 176 -8.70 -2.07 2.24
C GLN B 176 -8.22 -3.34 1.53
N LEU B 177 -9.07 -3.86 0.64
CA LEU B 177 -8.77 -5.07 -0.11
C LEU B 177 -7.61 -4.83 -1.07
N TYR B 178 -7.64 -3.69 -1.73
CA TYR B 178 -6.62 -3.32 -2.69
C TYR B 178 -5.25 -3.24 -2.01
N MET B 179 -5.18 -2.54 -0.88
CA MET B 179 -3.92 -2.44 -0.17
C MET B 179 -3.55 -3.79 0.42
N GLU B 180 -4.54 -4.58 0.81
CA GLU B 180 -4.26 -5.94 1.28
C GLU B 180 -3.48 -6.72 0.23
N GLN B 181 -3.95 -6.68 -1.01
CA GLN B 181 -3.26 -7.35 -2.11
C GLN B 181 -1.93 -6.69 -2.47
N PHE B 182 -1.85 -5.37 -2.37
CA PHE B 182 -0.60 -4.70 -2.71
C PHE B 182 0.48 -4.96 -1.65
N THR B 183 0.05 -5.04 -0.40
CA THR B 183 0.94 -5.35 0.71
C THR B 183 1.64 -6.69 0.46
N LYS B 184 0.88 -7.66 -0.03
CA LYS B 184 1.42 -8.98 -0.35
C LYS B 184 2.43 -8.90 -1.49
N ALA B 185 2.06 -8.16 -2.53
CA ALA B 185 2.94 -8.04 -3.70
C ALA B 185 4.20 -7.27 -3.30
N ASN B 186 4.09 -6.41 -2.31
CA ASN B 186 5.22 -5.58 -1.91
C ASN B 186 6.40 -6.39 -1.37
N PHE B 187 6.16 -7.65 -1.02
CA PHE B 187 7.24 -8.55 -0.64
C PHE B 187 8.32 -8.60 -1.71
N TRP B 188 7.88 -8.64 -2.96
CA TRP B 188 8.78 -8.78 -4.11
C TRP B 188 9.42 -7.46 -4.51
N TYR B 189 9.20 -6.44 -3.70
CA TYR B 189 9.78 -5.12 -3.90
C TYR B 189 11.14 -5.03 -3.21
N GLN B 190 11.42 -5.97 -2.30
CA GLN B 190 12.64 -5.92 -1.49
C GLN B 190 13.95 -5.99 -2.26
N PRO B 191 14.86 -5.06 -1.99
CA PRO B 191 16.16 -5.09 -2.67
C PRO B 191 17.14 -6.01 -1.96
N SER B 192 16.81 -6.44 -0.74
CA SER B 192 17.72 -7.26 0.04
C SER B 192 17.01 -8.17 1.02
N PHE B 193 16.26 -9.13 0.50
CA PHE B 193 15.70 -10.20 1.32
C PHE B 193 16.79 -11.21 1.61
N HIS B 194 17.28 -11.24 2.86
CA HIS B 194 18.43 -12.05 3.23
C HIS B 194 19.59 -11.82 2.26
N GLY B 195 19.75 -10.58 1.81
CA GLY B 195 20.84 -10.23 0.93
C GLY B 195 20.55 -10.42 -0.54
N VAL B 196 19.34 -10.85 -0.89
CA VAL B 196 18.97 -11.12 -2.27
C VAL B 196 18.01 -10.05 -2.77
N ASP B 197 18.29 -9.51 -3.95
CA ASP B 197 17.41 -8.53 -4.58
C ASP B 197 16.27 -9.21 -5.33
N LEU B 198 15.06 -9.07 -4.81
CA LEU B 198 13.89 -9.71 -5.40
C LEU B 198 13.14 -8.79 -6.36
N SER B 199 13.49 -7.51 -6.35
CA SER B 199 12.64 -6.46 -6.92
C SER B 199 12.36 -6.62 -8.41
N ALA B 200 13.28 -7.26 -9.15
CA ALA B 200 13.10 -7.42 -10.58
C ALA B 200 11.82 -8.21 -10.89
N LEU B 201 11.29 -8.90 -9.89
CA LEU B 201 10.06 -9.68 -10.06
C LEU B 201 8.79 -8.98 -9.56
N ARG B 202 8.92 -7.78 -9.01
CA ARG B 202 7.79 -7.13 -8.35
C ARG B 202 6.63 -6.99 -9.33
N GLY B 203 6.95 -6.65 -10.57
CA GLY B 203 5.94 -6.49 -11.59
C GLY B 203 5.23 -7.81 -11.82
N ALA B 204 5.97 -8.90 -11.73
CA ALA B 204 5.39 -10.22 -11.97
C ALA B 204 4.51 -10.62 -10.79
N ALA B 205 4.91 -10.19 -9.60
CA ALA B 205 4.19 -10.55 -8.39
C ALA B 205 2.84 -9.83 -8.32
N VAL B 206 2.85 -8.53 -8.61
CA VAL B 206 1.64 -7.73 -8.61
C VAL B 206 0.65 -8.34 -9.60
N ASP B 207 1.15 -8.64 -10.80
CA ASP B 207 0.31 -9.21 -11.85
C ASP B 207 -0.36 -10.47 -11.32
N GLU B 208 0.42 -11.33 -10.67
CA GLU B 208 -0.10 -12.60 -10.18
C GLU B 208 -1.17 -12.38 -9.12
N TYR B 209 -0.88 -11.58 -8.11
CA TYR B 209 -1.83 -11.36 -7.01
C TYR B 209 -3.12 -10.75 -7.51
N PHE B 210 -3.00 -9.82 -8.44
CA PHE B 210 -4.17 -9.12 -8.93
C PHE B 210 -4.92 -9.98 -9.93
N ARG B 211 -4.35 -11.14 -10.30
CA ARG B 211 -5.06 -12.07 -11.15
C ARG B 211 -6.04 -12.93 -10.35
N GLN B 212 -6.00 -12.85 -9.03
CA GLN B 212 -6.84 -13.71 -8.19
C GLN B 212 -8.21 -13.09 -7.96
N PRO B 213 -9.26 -13.76 -8.45
CA PRO B 213 -10.55 -13.21 -8.04
C PRO B 213 -10.73 -13.38 -6.54
N VAL B 214 -11.34 -12.40 -5.89
CA VAL B 214 -11.50 -12.46 -4.45
C VAL B 214 -12.89 -12.99 -4.14
N VAL B 215 -12.93 -14.15 -3.48
CA VAL B 215 -14.20 -14.77 -3.12
C VAL B 215 -14.49 -14.41 -1.67
N ASP B 216 -15.58 -13.68 -1.47
CA ASP B 216 -16.07 -13.41 -0.12
C ASP B 216 -17.34 -12.61 -0.24
N THR B 217 -17.84 -12.09 0.87
CA THR B 217 -19.01 -11.25 0.83
C THR B 217 -18.63 -9.85 1.23
N PHE B 218 -19.57 -8.92 1.13
CA PHE B 218 -19.28 -7.52 1.42
C PHE B 218 -20.54 -6.73 1.67
N ASP B 219 -20.37 -5.58 2.31
CA ASP B 219 -21.45 -4.63 2.51
C ASP B 219 -21.86 -4.04 1.17
N ILE B 220 -23.16 -4.02 0.89
CA ILE B 220 -23.64 -3.53 -0.40
C ILE B 220 -23.31 -2.06 -0.64
N ARG B 221 -22.99 -1.33 0.42
CA ARG B 221 -22.70 0.10 0.28
C ARG B 221 -21.39 0.38 -0.43
N ILE B 222 -20.58 -0.64 -0.68
CA ILE B 222 -19.35 -0.44 -1.41
C ILE B 222 -19.64 -0.33 -2.90
N LEU B 223 -20.85 -0.68 -3.31
CA LEU B 223 -21.22 -0.65 -4.72
C LEU B 223 -21.49 0.78 -5.15
N MET B 224 -20.97 1.14 -6.32
CA MET B 224 -20.95 2.54 -6.75
C MET B 224 -21.92 2.80 -7.90
N ALA B 225 -22.63 1.76 -8.33
CA ALA B 225 -23.61 1.90 -9.38
C ALA B 225 -24.55 0.71 -9.33
N LYS B 226 -25.74 0.88 -9.87
CA LYS B 226 -26.68 -0.22 -10.00
C LYS B 226 -26.07 -1.28 -10.93
N SER B 227 -26.28 -2.55 -10.63
CA SER B 227 -25.61 -3.63 -11.37
C SER B 227 -26.07 -3.78 -12.83
N VAL B 228 -25.18 -4.36 -13.62
CA VAL B 228 -25.48 -4.76 -15.00
C VAL B 228 -25.70 -6.27 -15.05
N LYS B 229 -26.66 -6.69 -15.87
CA LYS B 229 -27.08 -8.09 -15.92
C LYS B 229 -26.81 -8.73 -17.28
N TYR B 230 -26.24 -9.93 -17.24
CA TYR B 230 -26.05 -10.76 -18.44
C TYR B 230 -26.78 -12.08 -18.24
N THR B 231 -27.74 -12.39 -19.11
CA THR B 231 -28.59 -13.56 -18.91
C THR B 231 -28.23 -14.68 -19.88
N VAL B 232 -28.06 -15.88 -19.34
CA VAL B 232 -27.92 -17.09 -20.16
C VAL B 232 -29.19 -17.92 -20.02
N ASN B 233 -29.86 -18.15 -21.14
CA ASN B 233 -31.02 -19.04 -21.17
C ASN B 233 -30.58 -20.46 -21.52
N PHE B 234 -30.62 -21.34 -20.54
CA PHE B 234 -30.12 -22.70 -20.70
C PHE B 234 -30.99 -23.52 -21.65
N LEU B 235 -32.23 -23.06 -21.83
CA LEU B 235 -33.13 -23.72 -22.77
C LEU B 235 -32.75 -23.44 -24.22
N GLU B 236 -32.11 -22.30 -24.45
CA GLU B 236 -31.90 -21.82 -25.80
C GLU B 236 -30.45 -22.00 -26.22
N ALA B 237 -29.55 -21.86 -25.24
CA ALA B 237 -28.13 -21.78 -25.52
C ALA B 237 -27.51 -23.12 -25.91
N LYS B 238 -26.44 -23.02 -26.67
CA LYS B 238 -25.65 -24.17 -27.08
C LYS B 238 -24.37 -24.24 -26.28
N GLU B 239 -23.88 -25.46 -26.14
CA GLU B 239 -22.65 -25.76 -25.42
C GLU B 239 -21.57 -24.79 -25.92
N GLY B 240 -21.48 -24.70 -27.25
CA GLY B 240 -20.49 -23.87 -27.91
C GLY B 240 -20.56 -22.42 -27.53
N ASP B 241 -21.72 -21.96 -27.07
CA ASP B 241 -21.89 -20.56 -26.72
C ASP B 241 -21.00 -20.18 -25.55
N LEU B 242 -20.56 -21.15 -24.75
CA LEU B 242 -19.86 -20.82 -23.51
C LEU B 242 -18.33 -20.79 -23.54
N HIS B 243 -17.74 -21.05 -24.69
CA HIS B 243 -16.29 -20.98 -24.80
C HIS B 243 -15.83 -19.55 -24.85
N ARG B 244 -16.66 -18.67 -25.38
CA ARG B 244 -16.32 -17.25 -25.41
C ARG B 244 -17.54 -16.46 -25.01
N ILE B 245 -17.50 -15.89 -23.81
CA ILE B 245 -18.64 -15.16 -23.26
C ILE B 245 -18.24 -13.70 -23.15
N GLU B 246 -18.89 -12.86 -23.94
CA GLU B 246 -18.56 -11.44 -23.96
C GLU B 246 -19.66 -10.63 -23.28
N ILE B 247 -19.31 -10.00 -22.16
CA ILE B 247 -20.26 -9.25 -21.34
C ILE B 247 -19.92 -7.75 -21.36
N PRO B 248 -20.58 -6.99 -22.24
CA PRO B 248 -20.42 -5.53 -22.28
C PRO B 248 -21.10 -4.88 -21.08
N PHE B 249 -20.60 -3.73 -20.64
CA PHE B 249 -21.28 -3.02 -19.57
C PHE B 249 -21.11 -1.51 -19.67
N LYS B 250 -22.15 -0.82 -19.23
CA LYS B 250 -22.19 0.64 -19.13
C LYS B 250 -22.83 1.02 -17.80
N PHE B 251 -22.01 1.45 -16.85
CA PHE B 251 -22.49 1.83 -15.53
C PHE B 251 -22.68 3.32 -15.42
N HIS B 252 -23.80 3.70 -14.83
CA HIS B 252 -24.07 5.10 -14.49
C HIS B 252 -23.76 5.28 -13.02
N MET B 253 -22.64 5.95 -12.77
CA MET B 253 -22.07 6.06 -11.44
C MET B 253 -22.96 6.86 -10.50
N LEU B 254 -23.30 6.25 -9.36
CA LEU B 254 -24.15 6.88 -8.38
C LEU B 254 -23.36 7.60 -7.30
N HIS B 255 -22.10 7.22 -7.14
CA HIS B 255 -21.24 7.85 -6.14
C HIS B 255 -19.89 8.22 -6.75
N SER B 256 -19.31 9.30 -6.24
CA SER B 256 -17.97 9.70 -6.67
C SER B 256 -16.93 8.95 -5.87
N GLY B 257 -15.83 8.58 -6.51
CA GLY B 257 -14.77 7.91 -5.81
C GLY B 257 -13.91 7.01 -6.67
N LEU B 258 -13.08 6.23 -5.97
CA LEU B 258 -12.21 5.26 -6.61
C LEU B 258 -12.92 3.94 -6.82
N VAL B 259 -12.94 3.51 -8.07
CA VAL B 259 -13.41 2.19 -8.42
C VAL B 259 -12.20 1.28 -8.40
N HIS B 260 -12.25 0.33 -7.48
CA HIS B 260 -11.17 -0.62 -7.25
C HIS B 260 -11.37 -1.91 -8.02
N GLY B 261 -12.58 -2.09 -8.56
CA GLY B 261 -12.84 -3.24 -9.40
C GLY B 261 -14.31 -3.51 -9.63
N LEU B 262 -14.58 -4.71 -10.12
CA LEU B 262 -15.96 -5.13 -10.39
C LEU B 262 -16.35 -6.29 -9.48
N ALA B 263 -17.54 -6.20 -8.92
CA ALA B 263 -18.12 -7.27 -8.13
C ALA B 263 -19.09 -8.06 -8.99
N PHE B 264 -19.07 -9.38 -8.77
CA PHE B 264 -19.86 -10.34 -9.52
C PHE B 264 -20.67 -11.21 -8.58
N TRP B 265 -21.91 -11.46 -8.99
CA TRP B 265 -22.72 -12.52 -8.37
C TRP B 265 -23.69 -13.06 -9.40
N PHE B 266 -24.50 -14.07 -9.05
CA PHE B 266 -25.43 -14.64 -10.00
C PHE B 266 -26.74 -15.11 -9.39
N ASP B 267 -27.78 -15.08 -10.21
CA ASP B 267 -29.08 -15.66 -9.84
C ASP B 267 -29.37 -16.78 -10.83
N VAL B 268 -30.10 -17.80 -10.39
CA VAL B 268 -30.69 -18.71 -11.37
C VAL B 268 -32.16 -18.80 -11.12
N ALA B 269 -32.92 -19.05 -12.19
CA ALA B 269 -34.36 -19.17 -12.05
C ALA B 269 -34.85 -20.52 -12.52
N PHE B 270 -35.70 -21.11 -11.70
CA PHE B 270 -36.39 -22.33 -12.04
C PHE B 270 -37.77 -21.92 -12.48
N ILE B 271 -37.98 -21.93 -13.80
CA ILE B 271 -39.21 -21.48 -14.39
C ILE B 271 -40.11 -22.67 -14.62
N GLY B 272 -40.93 -22.99 -13.62
CA GLY B 272 -41.81 -24.13 -13.72
C GLY B 272 -43.20 -23.75 -14.19
N SER B 273 -44.05 -24.76 -14.31
CA SER B 273 -45.40 -24.57 -14.82
C SER B 273 -46.30 -23.85 -13.80
N ILE B 274 -45.98 -24.01 -12.53
CA ILE B 274 -46.80 -23.46 -11.46
C ILE B 274 -46.27 -22.12 -10.98
N MET B 275 -44.94 -22.04 -10.82
CA MET B 275 -44.33 -20.79 -10.41
C MET B 275 -42.85 -20.77 -10.72
N THR B 276 -42.29 -19.57 -10.74
CA THR B 276 -40.85 -19.38 -10.89
C THR B 276 -40.18 -19.19 -9.55
N VAL B 277 -39.14 -19.97 -9.32
CA VAL B 277 -38.41 -19.89 -8.07
C VAL B 277 -36.98 -19.42 -8.36
N TRP B 278 -36.54 -18.43 -7.60
CA TRP B 278 -35.22 -17.85 -7.80
C TRP B 278 -34.24 -18.29 -6.72
N LEU B 279 -33.04 -18.63 -7.14
CA LEU B 279 -31.92 -18.83 -6.22
C LEU B 279 -30.91 -17.72 -6.46
N SER B 280 -30.67 -16.89 -5.46
CA SER B 280 -29.81 -15.73 -5.61
C SER B 280 -28.58 -15.77 -4.70
N THR B 281 -27.43 -15.40 -5.26
CA THR B 281 -26.20 -15.28 -4.49
C THR B 281 -25.78 -13.82 -4.34
N ALA B 282 -26.76 -12.92 -4.50
CA ALA B 282 -26.52 -11.49 -4.38
C ALA B 282 -26.09 -11.07 -2.97
N PRO B 283 -25.32 -9.97 -2.85
CA PRO B 283 -24.90 -9.49 -1.52
C PRO B 283 -26.04 -8.88 -0.72
N THR B 284 -27.20 -8.70 -1.34
CA THR B 284 -28.42 -8.29 -0.64
C THR B 284 -29.16 -9.50 -0.09
N GLU B 285 -28.73 -10.70 -0.46
CA GLU B 285 -29.42 -11.91 -0.08
C GLU B 285 -28.62 -12.71 0.95
N PRO B 286 -29.28 -13.63 1.68
CA PRO B 286 -28.55 -14.46 2.64
C PRO B 286 -27.40 -15.20 1.97
N LEU B 287 -26.30 -15.31 2.69
CA LEU B 287 -25.07 -15.85 2.13
C LEU B 287 -25.20 -17.31 1.73
N THR B 288 -24.60 -17.66 0.60
CA THR B 288 -24.51 -19.05 0.17
C THR B 288 -23.04 -19.45 0.09
N HIS B 289 -22.77 -20.71 -0.20
CA HIS B 289 -21.41 -21.18 -0.27
C HIS B 289 -20.71 -20.63 -1.52
N TRP B 290 -21.46 -19.91 -2.36
CA TRP B 290 -20.88 -19.24 -3.53
C TRP B 290 -20.35 -17.84 -3.18
N TYR B 291 -20.76 -17.31 -2.02
CA TYR B 291 -20.39 -15.96 -1.61
C TYR B 291 -20.58 -14.96 -2.76
N GLN B 292 -19.65 -14.03 -2.91
CA GLN B 292 -19.59 -13.22 -4.12
C GLN B 292 -18.14 -13.15 -4.59
N VAL B 293 -17.94 -12.65 -5.80
CA VAL B 293 -16.60 -12.60 -6.38
C VAL B 293 -16.23 -11.19 -6.82
N ARG B 294 -15.01 -10.76 -6.50
CA ARG B 294 -14.55 -9.45 -6.94
C ARG B 294 -13.26 -9.51 -7.75
N CYS B 295 -13.25 -8.77 -8.85
CA CYS B 295 -12.06 -8.64 -9.68
C CYS B 295 -11.52 -7.24 -9.51
N LEU B 296 -10.32 -7.16 -8.93
CA LEU B 296 -9.62 -5.91 -8.68
C LEU B 296 -8.95 -5.38 -9.94
N PHE B 297 -8.95 -4.05 -10.06
CA PHE B 297 -8.10 -3.37 -11.01
C PHE B 297 -6.71 -3.18 -10.42
N GLN B 298 -5.67 -3.29 -11.26
CA GLN B 298 -4.30 -3.05 -10.81
C GLN B 298 -4.17 -1.59 -10.42
N SER B 299 -4.91 -0.74 -11.11
CA SER B 299 -4.94 0.68 -10.79
C SER B 299 -6.40 1.10 -10.71
N PRO B 300 -6.80 1.70 -9.58
CA PRO B 300 -8.21 2.08 -9.47
C PRO B 300 -8.56 3.22 -10.42
N LEU B 301 -9.83 3.34 -10.75
CA LEU B 301 -10.27 4.40 -11.64
C LEU B 301 -11.07 5.42 -10.87
N PHE B 302 -10.69 6.68 -10.99
CA PHE B 302 -11.47 7.70 -10.33
C PHE B 302 -12.67 8.05 -11.21
N ALA B 303 -13.85 8.05 -10.61
CA ALA B 303 -15.05 8.43 -11.34
C ALA B 303 -15.92 9.34 -10.48
N LYS B 304 -16.59 10.28 -11.13
CA LYS B 304 -17.55 11.15 -10.46
C LYS B 304 -18.95 10.60 -10.58
N ALA B 305 -19.80 10.93 -9.61
CA ALA B 305 -21.20 10.61 -9.73
C ALA B 305 -21.72 11.19 -11.02
N GLY B 306 -22.42 10.38 -11.81
CA GLY B 306 -22.94 10.84 -13.09
C GLY B 306 -22.08 10.45 -14.28
N ASP B 307 -20.81 10.16 -14.04
CA ASP B 307 -19.94 9.69 -15.12
C ASP B 307 -20.40 8.33 -15.57
N THR B 308 -19.90 7.89 -16.72
CA THR B 308 -20.22 6.58 -17.22
C THR B 308 -18.98 5.70 -17.26
N LEU B 309 -19.14 4.49 -16.75
CA LEU B 309 -18.05 3.51 -16.76
C LEU B 309 -18.41 2.37 -17.70
N SER B 310 -17.72 2.29 -18.82
CA SER B 310 -18.08 1.33 -19.85
C SER B 310 -16.94 0.36 -20.11
N GLY B 311 -17.29 -0.82 -20.59
CA GLY B 311 -16.27 -1.77 -20.97
C GLY B 311 -16.76 -3.16 -21.22
N THR B 312 -15.84 -4.12 -21.11
CA THR B 312 -16.16 -5.50 -21.43
C THR B 312 -15.49 -6.44 -20.45
N CYS B 313 -16.26 -7.46 -20.07
CA CYS B 313 -15.75 -8.59 -19.35
C CYS B 313 -15.82 -9.79 -20.30
N LEU B 314 -14.65 -10.33 -20.65
CA LEU B 314 -14.56 -11.40 -21.62
C LEU B 314 -14.06 -12.69 -20.97
N LEU B 315 -14.86 -13.74 -21.11
CA LEU B 315 -14.53 -15.06 -20.58
C LEU B 315 -14.15 -16.01 -21.70
N ILE B 316 -12.89 -16.46 -21.69
CA ILE B 316 -12.41 -17.40 -22.71
C ILE B 316 -12.13 -18.73 -22.03
N ALA B 317 -12.85 -19.77 -22.46
CA ALA B 317 -12.69 -21.09 -21.87
C ALA B 317 -11.32 -21.70 -22.17
N ASN B 318 -10.74 -22.33 -21.16
CA ASN B 318 -9.43 -22.97 -21.29
C ASN B 318 -9.52 -24.45 -20.91
N LYS B 319 -8.42 -25.16 -21.09
CA LYS B 319 -8.42 -26.62 -20.92
C LYS B 319 -8.33 -27.08 -19.47
N ARG B 320 -8.28 -26.15 -18.52
CA ARG B 320 -8.23 -26.51 -17.10
C ARG B 320 -9.61 -26.36 -16.46
N GLN B 321 -10.66 -26.57 -17.25
CA GLN B 321 -12.04 -26.47 -16.78
C GLN B 321 -12.38 -25.13 -16.15
N SER B 322 -11.86 -24.05 -16.72
CA SER B 322 -12.18 -22.72 -16.19
C SER B 322 -12.07 -21.69 -17.31
N TYR B 323 -11.94 -20.43 -16.92
CA TYR B 323 -11.92 -19.35 -17.89
C TYR B 323 -10.78 -18.39 -17.64
N ASP B 324 -10.21 -17.89 -18.73
CA ASP B 324 -9.35 -16.75 -18.63
C ASP B 324 -10.26 -15.53 -18.76
N ILE B 325 -10.17 -14.65 -17.76
CA ILE B 325 -11.05 -13.49 -17.67
C ILE B 325 -10.27 -12.24 -18.02
N SER B 326 -10.77 -11.50 -18.99
CA SER B 326 -10.19 -10.18 -19.24
C SER B 326 -11.26 -9.15 -18.95
N ILE B 327 -10.91 -8.19 -18.10
CA ILE B 327 -11.82 -7.11 -17.81
C ILE B 327 -11.15 -5.85 -18.25
N VAL B 328 -11.86 -5.13 -19.11
CA VAL B 328 -11.41 -3.82 -19.52
C VAL B 328 -12.52 -2.84 -19.19
N ALA B 329 -12.14 -1.77 -18.51
CA ALA B 329 -13.09 -0.79 -18.04
C ALA B 329 -12.56 0.61 -18.27
N GLN B 330 -13.47 1.51 -18.62
CA GLN B 330 -13.12 2.88 -18.93
C GLN B 330 -14.13 3.88 -18.38
N VAL B 331 -13.61 4.97 -17.82
CA VAL B 331 -14.43 6.12 -17.47
C VAL B 331 -14.57 6.92 -18.75
N ASP B 332 -15.78 6.98 -19.29
CA ASP B 332 -15.97 7.54 -20.61
C ASP B 332 -15.56 9.02 -20.67
N GLN B 333 -15.81 9.76 -19.59
CA GLN B 333 -15.58 11.20 -19.58
C GLN B 333 -14.10 11.61 -19.53
N THR B 334 -13.22 10.71 -19.10
CA THR B 334 -11.81 11.07 -18.92
C THR B 334 -10.87 10.19 -19.74
N GLY B 335 -11.36 9.04 -20.16
CA GLY B 335 -10.52 8.11 -20.90
C GLY B 335 -9.64 7.29 -20.00
N SER B 336 -9.84 7.42 -18.68
CA SER B 336 -9.08 6.58 -17.75
C SER B 336 -9.55 5.15 -17.94
N LYS B 337 -8.59 4.28 -18.23
CA LYS B 337 -8.94 2.93 -18.61
C LYS B 337 -8.13 1.99 -17.74
N SER B 338 -8.70 0.85 -17.45
CA SER B 338 -8.00 -0.17 -16.70
C SER B 338 -8.27 -1.49 -17.37
N SER B 339 -7.23 -2.33 -17.35
CA SER B 339 -7.30 -3.61 -18.02
C SER B 339 -6.86 -4.58 -16.98
N ASN B 340 -7.44 -5.77 -17.00
CA ASN B 340 -7.05 -6.78 -16.05
C ASN B 340 -7.34 -8.16 -16.51
N LEU B 341 -6.55 -9.07 -16.00
CA LEU B 341 -6.62 -10.47 -16.33
C LEU B 341 -6.79 -11.26 -15.06
N LEU B 342 -7.77 -12.14 -15.05
CA LEU B 342 -7.97 -12.99 -13.89
C LEU B 342 -7.99 -14.45 -14.30
N ASP B 343 -7.42 -15.25 -13.41
CA ASP B 343 -7.32 -16.69 -13.57
C ASP B 343 -8.32 -17.25 -12.58
N LEU B 344 -9.49 -17.55 -13.09
CA LEU B 344 -10.61 -17.93 -12.26
C LEU B 344 -10.34 -19.26 -11.56
N LYS B 345 -9.37 -20.02 -12.08
CA LYS B 345 -9.08 -21.31 -11.51
C LYS B 345 -8.41 -21.19 -10.13
N ASN B 346 -7.74 -20.06 -9.89
CA ASN B 346 -6.98 -19.86 -8.65
C ASN B 346 -7.45 -18.62 -7.87
N PRO B 347 -8.64 -18.69 -7.25
CA PRO B 347 -9.13 -17.52 -6.50
C PRO B 347 -8.54 -17.35 -5.11
N PHE B 348 -8.70 -16.15 -4.57
CA PHE B 348 -8.33 -15.84 -3.19
C PHE B 348 -9.57 -15.90 -2.30
N PHE B 349 -9.61 -16.94 -1.46
CA PHE B 349 -10.73 -17.12 -0.52
C PHE B 349 -10.45 -16.29 0.72
N ARG B 350 -11.13 -15.16 0.83
CA ARG B 350 -10.83 -14.19 1.86
C ARG B 350 -11.74 -14.38 3.07
N TYR B 351 -12.90 -14.98 2.83
CA TYR B 351 -13.88 -15.25 3.88
C TYR B 351 -13.29 -16.01 5.08
N THR B 352 -13.70 -15.62 6.28
CA THR B 352 -13.24 -16.28 7.49
C THR B 352 -14.38 -16.43 8.49
N SER C 10 16.90 38.77 -19.73
CA SER C 10 15.66 38.27 -20.33
C SER C 10 14.45 38.97 -19.71
N VAL C 11 13.29 38.82 -20.35
CA VAL C 11 12.05 39.43 -19.86
C VAL C 11 11.62 38.90 -18.49
N PHE C 12 11.79 37.60 -18.26
CA PHE C 12 11.39 37.01 -16.98
C PHE C 12 12.24 37.57 -15.83
N SER C 13 13.56 37.54 -16.01
CA SER C 13 14.50 37.95 -14.97
C SER C 13 14.40 39.43 -14.63
N GLU C 14 14.06 40.26 -15.61
CA GLU C 14 13.99 41.70 -15.39
C GLU C 14 12.84 42.08 -14.45
N ARG C 15 11.82 41.22 -14.35
CA ARG C 15 10.66 41.52 -13.50
C ARG C 15 10.57 40.70 -12.21
N THR C 16 11.53 39.81 -11.96
CA THR C 16 11.48 38.93 -10.79
C THR C 16 12.80 38.83 -10.06
N GLU C 17 12.76 39.07 -8.75
CA GLU C 17 13.92 38.85 -7.93
C GLU C 17 14.28 37.37 -8.11
N GLU C 18 15.57 37.09 -8.26
CA GLU C 18 16.06 35.73 -8.50
C GLU C 18 15.66 34.78 -7.38
N SER C 19 15.78 35.26 -6.15
CA SER C 19 15.52 34.45 -4.97
C SER C 19 14.14 33.83 -5.07
N SER C 20 13.15 34.61 -5.51
CA SER C 20 11.78 34.11 -5.66
C SER C 20 11.66 33.07 -6.77
N ALA C 21 12.26 33.36 -7.93
CA ALA C 21 12.16 32.48 -9.09
C ALA C 21 12.75 31.11 -8.76
N VAL C 22 13.86 31.12 -8.03
CA VAL C 22 14.52 29.89 -7.62
C VAL C 22 13.52 29.03 -6.84
N GLN C 23 12.90 29.63 -5.83
CA GLN C 23 11.96 28.93 -4.96
C GLN C 23 10.75 28.44 -5.76
N TYR C 24 10.27 29.29 -6.66
CA TYR C 24 9.11 29.00 -7.50
C TYR C 24 9.36 27.73 -8.34
N PHE C 25 10.47 27.72 -9.05
CA PHE C 25 10.73 26.59 -9.93
C PHE C 25 11.23 25.37 -9.16
N GLN C 26 11.81 25.59 -7.99
CA GLN C 26 12.09 24.46 -7.08
C GLN C 26 10.75 23.84 -6.67
N PHE C 27 9.79 24.69 -6.31
CA PHE C 27 8.45 24.25 -5.94
C PHE C 27 7.80 23.41 -7.02
N TYR C 28 7.80 23.91 -8.26
CA TYR C 28 7.15 23.15 -9.33
C TYR C 28 7.95 21.95 -9.86
N GLY C 29 9.17 21.77 -9.36
CA GLY C 29 9.96 20.60 -9.68
C GLY C 29 9.56 19.33 -8.94
N TYR C 30 8.66 19.46 -7.97
CA TYR C 30 8.22 18.29 -7.21
C TYR C 30 7.06 17.57 -7.89
N LEU C 31 7.22 16.27 -8.07
CA LEU C 31 6.18 15.43 -8.64
C LEU C 31 4.91 15.53 -7.81
N SER C 32 5.10 15.66 -6.50
CA SER C 32 3.97 15.73 -5.58
C SER C 32 3.09 16.96 -5.87
N GLN C 33 3.70 18.05 -6.33
CA GLN C 33 2.94 19.26 -6.63
C GLN C 33 2.14 19.10 -7.93
N GLN C 34 2.79 18.49 -8.92
CA GLN C 34 2.11 18.20 -10.17
C GLN C 34 0.95 17.28 -9.84
N GLN C 35 1.21 16.27 -9.02
CA GLN C 35 0.17 15.35 -8.57
C GLN C 35 -0.95 16.12 -7.88
N ASN C 36 -0.57 17.04 -7.00
CA ASN C 36 -1.57 17.83 -6.29
C ASN C 36 -2.47 18.58 -7.27
N MET C 37 -1.88 19.19 -8.30
CA MET C 37 -2.69 19.86 -9.33
C MET C 37 -3.52 18.89 -10.16
N MET C 38 -2.91 17.77 -10.55
CA MET C 38 -3.54 16.77 -11.40
C MET C 38 -4.77 16.12 -10.74
N GLN C 39 -4.68 15.93 -9.42
CA GLN C 39 -5.74 15.24 -8.68
C GLN C 39 -6.95 16.11 -8.39
N ASP C 40 -6.87 17.38 -8.78
CA ASP C 40 -8.02 18.27 -8.74
C ASP C 40 -8.87 17.96 -9.95
N TYR C 41 -9.97 17.22 -9.76
CA TYR C 41 -10.73 16.69 -10.88
C TYR C 41 -11.36 17.81 -11.72
N VAL C 42 -11.84 18.85 -11.04
CA VAL C 42 -12.46 19.97 -11.72
C VAL C 42 -11.49 20.57 -12.74
N ARG C 43 -10.30 20.85 -12.25
CA ARG C 43 -9.25 21.49 -13.04
C ARG C 43 -8.89 20.66 -14.27
N THR C 44 -8.41 19.46 -14.00
CA THR C 44 -7.85 18.59 -15.03
C THR C 44 -8.95 18.15 -15.98
N GLY C 45 -10.10 17.79 -15.40
CA GLY C 45 -11.23 17.36 -16.20
C GLY C 45 -11.76 18.49 -17.06
N THR C 46 -11.76 19.71 -16.53
CA THR C 46 -12.28 20.82 -17.31
C THR C 46 -11.30 21.18 -18.43
N TYR C 47 -10.00 21.16 -18.17
CA TYR C 47 -9.04 21.38 -19.26
C TYR C 47 -9.21 20.30 -20.34
N GLN C 48 -9.29 19.03 -19.92
CA GLN C 48 -9.45 17.95 -20.88
C GLN C 48 -10.74 18.08 -21.68
N ARG C 49 -11.81 18.42 -20.98
CA ARG C 49 -13.11 18.61 -21.61
C ARG C 49 -13.04 19.74 -22.63
N ALA C 50 -12.43 20.84 -22.22
CA ALA C 50 -12.29 22.00 -23.10
C ALA C 50 -11.47 21.68 -24.36
N ILE C 51 -10.38 20.94 -24.19
CA ILE C 51 -9.52 20.63 -25.34
C ILE C 51 -10.18 19.60 -26.27
N LEU C 52 -10.72 18.51 -25.71
CA LEU C 52 -11.31 17.47 -26.54
C LEU C 52 -12.65 17.89 -27.18
N GLN C 53 -13.48 18.63 -26.46
CA GLN C 53 -14.77 19.06 -27.02
C GLN C 53 -14.58 20.12 -28.10
N ASN C 54 -13.42 20.76 -28.10
CA ASN C 54 -13.03 21.67 -29.18
C ASN C 54 -11.94 21.07 -30.07
N HIS C 55 -12.10 19.81 -30.45
CA HIS C 55 -11.10 19.08 -31.21
C HIS C 55 -10.75 19.75 -32.54
N THR C 56 -11.70 20.49 -33.09
CA THR C 56 -11.49 21.16 -34.38
C THR C 56 -10.48 22.29 -34.21
N ASP C 57 -10.28 22.73 -32.97
CA ASP C 57 -9.28 23.73 -32.66
C ASP C 57 -7.88 23.14 -32.50
N PHE C 58 -7.77 21.81 -32.54
CA PHE C 58 -6.47 21.17 -32.32
C PHE C 58 -6.06 20.21 -33.44
N LYS C 59 -7.03 19.54 -34.06
CA LYS C 59 -6.69 18.52 -35.05
C LYS C 59 -5.81 19.11 -36.16
N ASP C 60 -4.62 18.52 -36.27
CA ASP C 60 -3.57 18.90 -37.23
C ASP C 60 -3.02 20.32 -37.05
N LYS C 61 -3.07 20.84 -35.83
CA LYS C 61 -2.55 22.19 -35.54
C LYS C 61 -1.19 22.17 -34.84
N ILE C 62 -0.49 23.30 -34.83
CA ILE C 62 0.72 23.43 -34.02
C ILE C 62 0.30 24.09 -32.72
N VAL C 63 0.72 23.49 -31.60
CA VAL C 63 0.27 23.89 -30.28
C VAL C 63 1.48 24.28 -29.44
N LEU C 64 1.30 25.28 -28.58
CA LEU C 64 2.32 25.59 -27.57
C LEU C 64 1.75 25.39 -26.18
N ASP C 65 2.42 24.56 -25.38
CA ASP C 65 2.04 24.36 -23.98
C ASP C 65 2.98 25.17 -23.10
N VAL C 66 2.48 26.26 -22.51
CA VAL C 66 3.34 27.12 -21.70
C VAL C 66 3.38 26.62 -20.27
N GLY C 67 4.52 26.10 -19.86
CA GLY C 67 4.68 25.59 -18.50
C GLY C 67 3.93 24.28 -18.37
N CYS C 68 4.40 23.28 -19.11
CA CYS C 68 3.65 22.04 -19.29
C CYS C 68 3.66 21.15 -18.06
N GLY C 69 4.59 21.41 -17.15
CA GLY C 69 4.71 20.61 -15.95
C GLY C 69 4.94 19.14 -16.27
N SER C 70 4.05 18.30 -15.77
CA SER C 70 4.10 16.87 -16.09
C SER C 70 3.85 16.64 -17.58
N GLY C 71 3.23 17.62 -18.24
CA GLY C 71 2.93 17.50 -19.66
C GLY C 71 1.47 17.20 -19.97
N ILE C 72 0.65 17.10 -18.93
CA ILE C 72 -0.71 16.60 -19.02
C ILE C 72 -1.55 17.30 -20.13
N LEU C 73 -1.45 18.62 -20.21
CA LEU C 73 -2.23 19.36 -21.22
C LEU C 73 -1.75 19.10 -22.65
N SER C 74 -0.45 18.87 -22.82
CA SER C 74 0.09 18.54 -24.14
C SER C 74 -0.45 17.18 -24.58
N PHE C 75 -0.57 16.25 -23.65
CA PHE C 75 -1.15 14.95 -23.97
C PHE C 75 -2.62 15.14 -24.32
N PHE C 76 -3.33 16.00 -23.60
CA PHE C 76 -4.70 16.32 -24.00
C PHE C 76 -4.74 16.90 -25.42
N ALA C 77 -3.82 17.83 -25.72
CA ALA C 77 -3.73 18.40 -27.05
C ALA C 77 -3.42 17.30 -28.06
N ALA C 78 -2.63 16.32 -27.66
CA ALA C 78 -2.32 15.18 -28.51
C ALA C 78 -3.56 14.31 -28.78
N GLN C 79 -4.35 14.08 -27.74
CA GLN C 79 -5.58 13.31 -27.90
C GLN C 79 -6.50 13.98 -28.92
N ALA C 80 -6.46 15.31 -28.96
CA ALA C 80 -7.31 16.09 -29.84
C ALA C 80 -6.77 16.18 -31.27
N GLY C 81 -5.59 15.61 -31.52
CA GLY C 81 -5.09 15.51 -32.89
C GLY C 81 -4.06 16.55 -33.33
N ALA C 82 -3.40 17.22 -32.40
CA ALA C 82 -2.40 18.23 -32.75
C ALA C 82 -1.28 17.61 -33.59
N ARG C 83 -0.78 18.39 -34.54
CA ARG C 83 0.24 17.94 -35.49
C ARG C 83 1.63 17.95 -34.85
N LYS C 84 1.86 18.97 -34.03
CA LYS C 84 3.12 19.20 -33.33
C LYS C 84 2.87 20.05 -32.10
N ILE C 85 3.40 19.63 -30.96
CA ILE C 85 3.21 20.38 -29.72
C ILE C 85 4.57 20.71 -29.15
N TYR C 86 4.83 22.01 -28.96
CA TYR C 86 6.02 22.45 -28.27
C TYR C 86 5.66 22.66 -26.81
N ALA C 87 6.26 21.86 -25.94
CA ALA C 87 5.94 21.90 -24.52
C ALA C 87 7.10 22.51 -23.74
N VAL C 88 6.95 23.76 -23.31
CA VAL C 88 8.03 24.50 -22.66
C VAL C 88 7.93 24.40 -21.14
N GLU C 89 9.04 24.10 -20.48
CA GLU C 89 9.01 23.99 -19.01
C GLU C 89 10.35 24.35 -18.36
N ALA C 90 10.29 25.29 -17.41
CA ALA C 90 11.50 25.90 -16.84
C ALA C 90 12.03 25.16 -15.61
N SER C 91 11.16 24.46 -14.90
CA SER C 91 11.59 23.70 -13.73
C SER C 91 12.18 22.38 -14.21
N THR C 92 12.74 21.61 -13.29
CA THR C 92 13.32 20.33 -13.65
C THR C 92 12.25 19.31 -14.06
N MET C 93 10.98 19.65 -13.80
CA MET C 93 9.87 18.78 -14.17
C MET C 93 10.01 18.45 -15.66
N ALA C 94 10.64 19.36 -16.41
CA ALA C 94 10.86 19.20 -17.84
C ALA C 94 11.43 17.83 -18.20
N GLN C 95 12.34 17.28 -17.39
CA GLN C 95 12.87 15.96 -17.78
C GLN C 95 11.80 14.90 -17.65
N HIS C 96 10.93 15.03 -16.66
CA HIS C 96 9.97 13.98 -16.41
C HIS C 96 8.96 14.00 -17.54
N ALA C 97 8.65 15.20 -18.00
CA ALA C 97 7.76 15.36 -19.13
C ALA C 97 8.34 14.62 -20.34
N GLU C 98 9.66 14.73 -20.52
CA GLU C 98 10.33 14.07 -21.64
C GLU C 98 10.18 12.57 -21.48
N VAL C 99 10.27 12.08 -20.25
CA VAL C 99 10.09 10.67 -19.94
C VAL C 99 8.69 10.18 -20.32
N LEU C 100 7.68 10.98 -19.99
CA LEU C 100 6.29 10.62 -20.25
C LEU C 100 5.98 10.66 -21.74
N VAL C 101 6.60 11.61 -22.42
CA VAL C 101 6.47 11.74 -23.86
C VAL C 101 7.00 10.50 -24.55
N LYS C 102 8.17 10.04 -24.08
CA LYS C 102 8.81 8.88 -24.66
C LYS C 102 8.00 7.62 -24.38
N SER C 103 7.58 7.46 -23.13
CA SER C 103 6.85 6.27 -22.73
C SER C 103 5.43 6.21 -23.31
N ASN C 104 4.88 7.37 -23.71
CA ASN C 104 3.58 7.39 -24.37
C ASN C 104 3.68 7.44 -25.90
N ASN C 105 4.88 7.16 -26.41
CA ASN C 105 5.10 7.03 -27.85
C ASN C 105 4.66 8.26 -28.62
N LEU C 106 4.97 9.45 -28.11
CA LEU C 106 4.54 10.68 -28.74
C LEU C 106 5.70 11.61 -29.08
N THR C 107 6.90 11.03 -29.21
CA THR C 107 8.07 11.82 -29.49
C THR C 107 7.97 12.49 -30.87
N ASP C 108 7.18 11.89 -31.76
CA ASP C 108 7.02 12.44 -33.10
C ASP C 108 6.07 13.64 -33.07
N ARG C 109 5.46 13.89 -31.92
CA ARG C 109 4.37 14.86 -31.83
C ARG C 109 4.60 15.92 -30.76
N ILE C 110 5.21 15.51 -29.65
CA ILE C 110 5.49 16.43 -28.54
C ILE C 110 6.97 16.66 -28.38
N VAL C 111 7.38 17.92 -28.39
CA VAL C 111 8.77 18.27 -28.12
C VAL C 111 8.89 19.10 -26.85
N VAL C 112 9.50 18.50 -25.84
CA VAL C 112 9.74 19.17 -24.57
C VAL C 112 10.92 20.12 -24.75
N ILE C 113 10.71 21.36 -24.31
CA ILE C 113 11.71 22.41 -24.38
C ILE C 113 12.00 22.91 -22.96
N PRO C 114 13.15 22.52 -22.40
CA PRO C 114 13.47 23.02 -21.07
C PRO C 114 13.86 24.48 -21.10
N GLY C 115 13.29 25.27 -20.19
CA GLY C 115 13.61 26.67 -20.09
C GLY C 115 12.39 27.55 -19.92
N LYS C 116 12.63 28.84 -19.79
CA LYS C 116 11.57 29.82 -19.62
C LYS C 116 11.07 30.24 -21.00
N VAL C 117 9.76 30.40 -21.12
CA VAL C 117 9.15 30.73 -22.41
C VAL C 117 9.65 32.09 -22.89
N GLU C 118 10.08 32.94 -21.96
CA GLU C 118 10.65 34.23 -22.31
C GLU C 118 12.07 34.11 -22.87
N GLU C 119 12.68 32.94 -22.68
CA GLU C 119 14.11 32.78 -22.95
C GLU C 119 14.41 31.73 -23.99
N VAL C 120 13.50 30.78 -24.16
CA VAL C 120 13.72 29.73 -25.15
C VAL C 120 13.35 30.30 -26.50
N SER C 121 13.87 29.68 -27.54
CA SER C 121 13.46 30.03 -28.89
C SER C 121 12.67 28.90 -29.48
N LEU C 122 11.50 29.25 -30.01
CA LEU C 122 10.68 28.29 -30.71
C LEU C 122 10.88 28.48 -32.20
N PRO C 123 10.90 27.38 -32.96
CA PRO C 123 11.21 27.43 -34.40
C PRO C 123 10.07 27.93 -35.31
N GLU C 124 8.83 27.87 -34.87
CA GLU C 124 7.72 28.25 -35.74
C GLU C 124 6.57 28.88 -34.97
N GLN C 125 5.69 29.54 -35.72
CA GLN C 125 4.49 30.14 -35.14
C GLN C 125 3.49 29.04 -34.85
N VAL C 126 2.63 29.27 -33.87
CA VAL C 126 1.69 28.26 -33.43
C VAL C 126 0.27 28.72 -33.69
N ASP C 127 -0.64 27.76 -33.78
CA ASP C 127 -2.04 28.04 -34.04
C ASP C 127 -2.77 28.31 -32.73
N ILE C 128 -2.26 27.74 -31.65
CA ILE C 128 -2.93 27.87 -30.36
C ILE C 128 -1.95 27.67 -29.20
N ILE C 129 -2.15 28.47 -28.16
CA ILE C 129 -1.37 28.34 -26.94
C ILE C 129 -2.28 27.79 -25.85
N ILE C 130 -1.80 26.78 -25.14
CA ILE C 130 -2.48 26.27 -23.96
C ILE C 130 -1.60 26.46 -22.74
N SER C 131 -2.23 26.67 -21.59
CA SER C 131 -1.51 26.84 -20.34
C SER C 131 -2.43 26.84 -19.13
N GLU C 132 -1.86 26.51 -17.97
CA GLU C 132 -2.54 26.68 -16.68
C GLU C 132 -1.69 27.57 -15.76
N PRO C 133 -1.77 28.90 -15.96
CA PRO C 133 -0.97 29.90 -15.24
C PRO C 133 -1.71 30.66 -14.13
N MET C 134 -2.91 30.23 -13.79
CA MET C 134 -3.73 30.95 -12.81
C MET C 134 -3.24 30.63 -11.40
N GLY C 135 -3.08 31.67 -10.59
CA GLY C 135 -2.75 31.49 -9.18
C GLY C 135 -3.90 31.92 -8.30
N TYR C 136 -3.67 31.96 -6.99
CA TYR C 136 -4.65 32.56 -6.08
C TYR C 136 -5.08 33.89 -6.64
N MET C 137 -6.37 34.20 -6.52
CA MET C 137 -6.88 35.44 -7.08
C MET C 137 -6.52 35.60 -8.56
N LEU C 138 -6.40 34.48 -9.26
CA LEU C 138 -6.03 34.48 -10.69
C LEU C 138 -4.59 34.92 -10.94
N PHE C 139 -4.21 36.06 -10.38
CA PHE C 139 -2.99 36.75 -10.80
C PHE C 139 -1.75 36.34 -10.02
N ASN C 140 -1.93 35.69 -8.87
CA ASN C 140 -0.78 35.34 -8.08
C ASN C 140 0.16 34.46 -8.89
N GLU C 141 1.46 34.64 -8.63
CA GLU C 141 2.55 33.95 -9.32
C GLU C 141 2.96 34.69 -10.59
N ARG C 142 2.09 35.57 -11.08
CA ARG C 142 2.43 36.40 -12.23
C ARG C 142 2.79 35.56 -13.46
N MET C 143 2.29 34.33 -13.54
CA MET C 143 2.57 33.48 -14.70
C MET C 143 1.70 33.88 -15.88
N LEU C 144 0.62 34.61 -15.61
CA LEU C 144 -0.26 35.08 -16.66
C LEU C 144 0.51 35.95 -17.66
N GLU C 145 1.53 36.63 -17.16
CA GLU C 145 2.38 37.46 -18.00
C GLU C 145 3.23 36.62 -18.96
N SER C 146 3.68 35.45 -18.52
CA SER C 146 4.42 34.55 -19.41
C SER C 146 3.47 34.04 -20.49
N TYR C 147 2.25 33.75 -20.07
CA TYR C 147 1.20 33.30 -20.96
C TYR C 147 0.98 34.34 -22.06
N LEU C 148 0.84 35.60 -21.66
CA LEU C 148 0.68 36.68 -22.63
C LEU C 148 1.96 36.93 -23.44
N HIS C 149 3.12 36.80 -22.80
CA HIS C 149 4.41 36.92 -23.48
C HIS C 149 4.55 35.90 -24.61
N ALA C 150 4.07 34.68 -24.38
CA ALA C 150 4.16 33.63 -25.40
C ALA C 150 3.45 33.95 -26.72
N LYS C 151 2.59 34.97 -26.75
CA LYS C 151 1.89 35.29 -27.99
C LYS C 151 2.83 35.78 -29.09
N LYS C 152 4.09 36.06 -28.76
CA LYS C 152 5.07 36.36 -29.79
C LYS C 152 5.24 35.16 -30.72
N TYR C 153 4.90 33.98 -30.22
CA TYR C 153 4.98 32.77 -31.02
C TYR C 153 3.62 32.42 -31.62
N LEU C 154 2.62 33.27 -31.33
CA LEU C 154 1.28 33.00 -31.79
C LEU C 154 1.00 33.64 -33.14
N LYS C 155 0.50 32.83 -34.07
CA LYS C 155 0.06 33.35 -35.35
C LYS C 155 -1.06 34.35 -35.14
N PRO C 156 -1.16 35.37 -36.01
CA PRO C 156 -2.32 36.27 -35.94
C PRO C 156 -3.61 35.46 -36.04
N SER C 157 -4.64 35.82 -35.30
CA SER C 157 -5.90 35.06 -35.32
C SER C 157 -5.68 33.66 -34.76
N GLY C 158 -4.59 33.49 -34.01
CA GLY C 158 -4.33 32.26 -33.28
C GLY C 158 -5.21 32.27 -32.04
N ASN C 159 -5.24 31.17 -31.28
CA ASN C 159 -6.12 31.13 -30.11
C ASN C 159 -5.37 30.86 -28.81
N MET C 160 -6.07 31.14 -27.71
CA MET C 160 -5.53 30.98 -26.38
C MET C 160 -6.48 30.13 -25.54
N PHE C 161 -5.94 29.09 -24.89
CA PHE C 161 -6.71 28.21 -24.04
C PHE C 161 -6.05 28.15 -22.66
N PRO C 162 -6.60 28.88 -21.67
CA PRO C 162 -7.88 29.60 -21.68
C PRO C 162 -7.83 30.89 -22.49
N THR C 163 -9.00 31.34 -22.91
CA THR C 163 -9.11 32.50 -23.78
C THR C 163 -9.33 33.74 -22.94
N ILE C 164 -10.16 33.64 -21.89
CA ILE C 164 -10.35 34.81 -21.03
C ILE C 164 -10.36 34.44 -19.55
N GLY C 165 -10.08 35.42 -18.71
CA GLY C 165 -10.12 35.24 -17.26
C GLY C 165 -10.91 36.30 -16.52
N ASP C 166 -11.83 35.86 -15.67
CA ASP C 166 -12.66 36.77 -14.87
C ASP C 166 -12.29 36.73 -13.39
N VAL C 167 -11.96 37.88 -12.81
CA VAL C 167 -11.79 37.98 -11.37
C VAL C 167 -13.06 38.53 -10.75
N HIS C 168 -13.53 37.85 -9.71
CA HIS C 168 -14.74 38.28 -9.02
C HIS C 168 -14.47 38.80 -7.61
N LEU C 169 -15.17 39.87 -7.29
CA LEU C 169 -15.08 40.51 -5.99
C LEU C 169 -16.44 40.65 -5.35
N ALA C 170 -16.50 40.38 -4.06
CA ALA C 170 -17.75 40.62 -3.36
C ALA C 170 -17.48 40.97 -1.90
N PRO C 171 -18.28 41.87 -1.33
CA PRO C 171 -18.03 42.20 0.07
C PRO C 171 -18.55 41.09 0.98
N PHE C 172 -17.93 40.85 2.13
CA PHE C 172 -18.41 39.80 3.00
C PHE C 172 -18.46 40.22 4.47
N THR C 173 -19.22 39.46 5.24
CA THR C 173 -19.27 39.59 6.69
C THR C 173 -18.82 38.29 7.36
N ASP C 174 -17.89 38.39 8.30
CA ASP C 174 -17.41 37.24 9.05
C ASP C 174 -16.84 37.74 10.36
N GLU C 175 -17.72 37.94 11.34
CA GLU C 175 -17.33 38.51 12.61
C GLU C 175 -16.22 37.71 13.30
N GLN C 176 -16.32 36.39 13.19
CA GLN C 176 -15.38 35.50 13.85
C GLN C 176 -13.98 35.60 13.22
N LEU C 177 -13.92 35.70 11.90
CA LEU C 177 -12.65 35.85 11.21
C LEU C 177 -11.99 37.16 11.60
N TYR C 178 -12.79 38.22 11.64
CA TYR C 178 -12.27 39.54 11.97
C TYR C 178 -11.74 39.52 13.41
N MET C 179 -12.50 38.93 14.32
CA MET C 179 -12.13 38.86 15.74
C MET C 179 -10.89 37.99 15.99
N GLU C 180 -10.76 36.96 15.18
CA GLU C 180 -9.61 36.06 15.21
C GLU C 180 -8.26 36.79 15.19
N GLN C 181 -8.17 37.84 14.38
CA GLN C 181 -6.90 38.53 14.22
C GLN C 181 -6.46 39.15 15.55
N PHE C 182 -7.41 39.71 16.29
CA PHE C 182 -7.11 40.35 17.55
C PHE C 182 -6.86 39.30 18.62
N THR C 183 -7.61 38.21 18.54
CA THR C 183 -7.37 37.13 19.48
C THR C 183 -5.93 36.64 19.33
N LYS C 184 -5.46 36.48 18.09
CA LYS C 184 -4.08 36.06 17.86
C LYS C 184 -3.09 37.15 18.28
N ALA C 185 -3.37 38.39 17.91
CA ALA C 185 -2.46 39.49 18.21
C ALA C 185 -2.38 39.80 19.71
N ASN C 186 -3.47 39.58 20.43
CA ASN C 186 -3.51 39.92 21.85
C ASN C 186 -2.59 39.02 22.67
N PHE C 187 -2.04 37.99 22.05
CA PHE C 187 -0.96 37.25 22.69
C PHE C 187 0.07 38.23 23.22
N TRP C 188 0.33 39.27 22.45
CA TRP C 188 1.38 40.21 22.80
C TRP C 188 0.91 41.21 23.83
N TYR C 189 -0.39 41.21 24.13
CA TYR C 189 -0.91 42.21 25.06
C TYR C 189 -0.92 41.67 26.47
N GLN C 190 0.27 41.42 27.02
CA GLN C 190 0.36 40.92 28.37
C GLN C 190 1.64 41.46 29.03
N PRO C 191 1.52 41.92 30.27
CA PRO C 191 2.62 42.60 30.96
C PRO C 191 3.70 41.69 31.53
N SER C 192 3.45 40.39 31.58
CA SER C 192 4.43 39.48 32.14
C SER C 192 4.38 38.10 31.53
N PHE C 193 4.75 38.01 30.26
CA PHE C 193 4.98 36.72 29.64
C PHE C 193 6.33 36.24 30.14
N HIS C 194 6.33 35.28 31.05
CA HIS C 194 7.57 34.82 31.68
C HIS C 194 8.38 36.03 32.17
N GLY C 195 7.70 37.01 32.71
CA GLY C 195 8.35 38.19 33.28
C GLY C 195 8.60 39.32 32.31
N VAL C 196 8.22 39.12 31.04
CA VAL C 196 8.46 40.12 30.01
C VAL C 196 7.16 40.80 29.58
N ASP C 197 7.20 42.12 29.49
CA ASP C 197 6.07 42.90 28.99
C ASP C 197 6.12 42.92 27.47
N LEU C 198 5.18 42.23 26.83
CA LEU C 198 5.15 42.11 25.38
C LEU C 198 4.29 43.15 24.68
N SER C 199 3.55 43.92 25.46
CA SER C 199 2.44 44.70 24.92
C SER C 199 2.85 45.71 23.85
N ALA C 200 4.08 46.20 23.91
CA ALA C 200 4.54 47.20 22.95
C ALA C 200 4.54 46.68 21.51
N LEU C 201 4.48 45.37 21.33
CA LEU C 201 4.48 44.80 19.99
C LEU C 201 3.08 44.43 19.51
N ARG C 202 2.06 44.69 20.33
CA ARG C 202 0.70 44.28 19.97
C ARG C 202 0.20 44.91 18.68
N GLY C 203 0.44 46.21 18.51
CA GLY C 203 -0.03 46.91 17.32
C GLY C 203 0.63 46.37 16.06
N ALA C 204 1.90 46.01 16.18
CA ALA C 204 2.67 45.50 15.05
C ALA C 204 2.15 44.13 14.66
N ALA C 205 1.70 43.37 15.65
CA ALA C 205 1.19 42.03 15.40
C ALA C 205 -0.14 42.12 14.67
N VAL C 206 -1.00 43.04 15.12
CA VAL C 206 -2.29 43.27 14.49
C VAL C 206 -2.08 43.60 13.01
N ASP C 207 -1.20 44.55 12.74
CA ASP C 207 -0.90 44.97 11.37
C ASP C 207 -0.43 43.80 10.52
N GLU C 208 0.48 42.99 11.07
CA GLU C 208 1.04 41.87 10.34
C GLU C 208 -0.05 40.90 9.91
N TYR C 209 -0.97 40.58 10.81
CA TYR C 209 -2.04 39.65 10.49
C TYR C 209 -2.97 40.21 9.42
N PHE C 210 -3.25 41.50 9.48
CA PHE C 210 -4.22 42.10 8.54
C PHE C 210 -3.65 42.28 7.14
N ARG C 211 -2.33 42.20 7.01
CA ARG C 211 -1.72 42.29 5.70
C ARG C 211 -1.72 40.96 4.98
N GLN C 212 -2.16 39.91 5.67
CA GLN C 212 -2.23 38.58 5.07
C GLN C 212 -3.59 38.31 4.44
N PRO C 213 -3.63 38.11 3.12
CA PRO C 213 -4.92 37.63 2.58
C PRO C 213 -5.20 36.23 3.10
N VAL C 214 -6.47 35.94 3.37
CA VAL C 214 -6.84 34.67 3.94
C VAL C 214 -7.27 33.70 2.85
N VAL C 215 -6.53 32.61 2.72
CA VAL C 215 -6.84 31.58 1.74
C VAL C 215 -7.65 30.49 2.41
N ASP C 216 -8.89 30.33 1.99
CA ASP C 216 -9.70 29.20 2.40
C ASP C 216 -11.03 29.33 1.69
N THR C 217 -12.00 28.51 2.09
CA THR C 217 -13.34 28.61 1.54
C THR C 217 -14.29 29.04 2.64
N PHE C 218 -15.54 29.28 2.26
CA PHE C 218 -16.53 29.81 3.17
C PHE C 218 -17.93 29.57 2.64
N ASP C 219 -18.90 29.67 3.54
CA ASP C 219 -20.29 29.61 3.14
C ASP C 219 -20.67 30.86 2.34
N ILE C 220 -21.35 30.67 1.21
CA ILE C 220 -21.72 31.79 0.35
C ILE C 220 -22.67 32.73 1.06
N ARG C 221 -23.27 32.26 2.16
CA ARG C 221 -24.23 33.05 2.91
C ARG C 221 -23.60 34.24 3.63
N ILE C 222 -22.27 34.30 3.67
CA ILE C 222 -21.58 35.47 4.23
C ILE C 222 -21.48 36.60 3.20
N LEU C 223 -21.77 36.30 1.93
CA LEU C 223 -21.66 37.30 0.87
C LEU C 223 -22.84 38.27 0.88
N MET C 224 -22.53 39.56 0.72
CA MET C 224 -23.51 40.62 0.92
C MET C 224 -23.91 41.40 -0.33
N ALA C 225 -23.32 41.06 -1.46
CA ALA C 225 -23.68 41.68 -2.73
C ALA C 225 -23.21 40.79 -3.85
N LYS C 226 -23.87 40.89 -5.00
CA LYS C 226 -23.44 40.12 -6.15
C LYS C 226 -22.06 40.64 -6.53
N SER C 227 -21.19 39.75 -7.00
CA SER C 227 -19.81 40.09 -7.25
C SER C 227 -19.63 41.09 -8.39
N VAL C 228 -18.50 41.79 -8.36
CA VAL C 228 -18.06 42.63 -9.45
C VAL C 228 -17.01 41.84 -10.20
N LYS C 229 -17.04 41.96 -11.52
CA LYS C 229 -16.19 41.13 -12.37
C LYS C 229 -15.20 42.00 -13.13
N TYR C 230 -13.94 41.58 -13.13
CA TYR C 230 -12.92 42.24 -13.95
C TYR C 230 -12.37 41.20 -14.93
N THR C 231 -12.48 41.52 -16.22
CA THR C 231 -12.15 40.55 -17.26
C THR C 231 -10.83 40.87 -17.94
N VAL C 232 -9.99 39.85 -18.06
CA VAL C 232 -8.80 39.90 -18.88
C VAL C 232 -9.03 39.02 -20.10
N ASN C 233 -9.00 39.64 -21.27
CA ASN C 233 -9.08 38.90 -22.52
C ASN C 233 -7.65 38.59 -22.98
N PHE C 234 -7.24 37.34 -22.85
CA PHE C 234 -5.85 36.96 -23.09
C PHE C 234 -5.47 37.09 -24.56
N LEU C 235 -6.46 37.07 -25.44
CA LEU C 235 -6.22 37.27 -26.86
C LEU C 235 -5.89 38.72 -27.16
N GLU C 236 -6.40 39.63 -26.35
CA GLU C 236 -6.28 41.06 -26.64
C GLU C 236 -5.26 41.72 -25.73
N ALA C 237 -5.15 41.19 -24.52
CA ALA C 237 -4.32 41.82 -23.49
C ALA C 237 -2.84 41.68 -23.80
N LYS C 238 -2.05 42.64 -23.35
CA LYS C 238 -0.62 42.54 -23.44
C LYS C 238 -0.04 42.35 -22.04
N GLU C 239 1.16 41.78 -22.01
CA GLU C 239 1.85 41.47 -20.77
C GLU C 239 1.79 42.66 -19.80
N GLY C 240 2.12 43.84 -20.33
CA GLY C 240 2.14 45.06 -19.55
C GLY C 240 0.82 45.38 -18.87
N ASP C 241 -0.28 44.85 -19.40
CA ASP C 241 -1.60 45.12 -18.82
C ASP C 241 -1.70 44.56 -17.41
N LEU C 242 -0.83 43.60 -17.07
CA LEU C 242 -0.96 42.92 -15.78
C LEU C 242 -0.04 43.49 -14.69
N HIS C 243 0.71 44.53 -15.01
CA HIS C 243 1.60 45.15 -14.02
C HIS C 243 0.84 46.01 -13.00
N ARG C 244 -0.24 46.61 -13.46
CA ARG C 244 -1.11 47.43 -12.60
C ARG C 244 -2.55 47.13 -12.94
N ILE C 245 -3.23 46.47 -12.02
CA ILE C 245 -4.59 46.04 -12.29
C ILE C 245 -5.52 46.82 -11.38
N GLU C 246 -6.29 47.72 -11.97
CA GLU C 246 -7.19 48.56 -11.19
C GLU C 246 -8.61 48.07 -11.35
N ILE C 247 -9.18 47.62 -10.24
CA ILE C 247 -10.52 47.07 -10.26
C ILE C 247 -11.41 48.01 -9.45
N PRO C 248 -12.12 48.91 -10.15
CA PRO C 248 -13.09 49.74 -9.43
C PRO C 248 -14.28 48.88 -9.04
N PHE C 249 -14.98 49.22 -7.97
CA PHE C 249 -16.17 48.48 -7.64
C PHE C 249 -17.25 49.36 -7.03
N LYS C 250 -18.46 48.94 -7.34
CA LYS C 250 -19.68 49.50 -6.81
C LYS C 250 -20.57 48.34 -6.44
N PHE C 251 -20.70 48.06 -5.15
CA PHE C 251 -21.54 46.96 -4.73
C PHE C 251 -22.89 47.52 -4.32
N HIS C 252 -23.94 46.88 -4.80
CA HIS C 252 -25.29 47.20 -4.37
C HIS C 252 -25.65 46.18 -3.31
N MET C 253 -25.69 46.62 -2.06
CA MET C 253 -25.81 45.71 -0.95
C MET C 253 -27.16 45.00 -0.95
N LEU C 254 -27.12 43.69 -0.87
CA LEU C 254 -28.31 42.86 -0.84
C LEU C 254 -28.74 42.61 0.60
N HIS C 255 -27.80 42.74 1.52
CA HIS C 255 -28.05 42.49 2.95
C HIS C 255 -27.53 43.60 3.83
N SER C 256 -28.22 43.80 4.96
CA SER C 256 -27.80 44.78 5.95
C SER C 256 -26.80 44.12 6.91
N GLY C 257 -25.77 44.87 7.31
CA GLY C 257 -24.80 44.36 8.26
C GLY C 257 -23.42 44.99 8.18
N LEU C 258 -22.48 44.40 8.93
CA LEU C 258 -21.08 44.85 8.93
C LEU C 258 -20.28 44.15 7.84
N VAL C 259 -19.65 44.93 6.98
CA VAL C 259 -18.74 44.40 5.97
C VAL C 259 -17.32 44.41 6.53
N HIS C 260 -16.74 43.21 6.64
CA HIS C 260 -15.42 43.01 7.21
C HIS C 260 -14.34 42.95 6.13
N GLY C 261 -14.75 42.82 4.87
CA GLY C 261 -13.78 42.81 3.79
C GLY C 261 -14.30 42.36 2.44
N LEU C 262 -13.36 42.04 1.55
CA LEU C 262 -13.70 41.59 0.20
C LEU C 262 -13.25 40.16 -0.05
N ALA C 263 -14.15 39.38 -0.65
CA ALA C 263 -13.86 38.03 -1.09
C ALA C 263 -13.54 38.02 -2.58
N PHE C 264 -12.58 37.18 -2.92
CA PHE C 264 -12.02 37.02 -4.25
C PHE C 264 -12.13 35.56 -4.71
N TRP C 265 -12.53 35.39 -5.98
CA TRP C 265 -12.40 34.11 -6.68
C TRP C 265 -12.27 34.42 -8.19
N PHE C 266 -12.10 33.40 -9.03
CA PHE C 266 -11.95 33.65 -10.46
C PHE C 266 -12.49 32.53 -11.36
N ASP C 267 -12.87 32.91 -12.58
CA ASP C 267 -13.26 31.94 -13.61
C ASP C 267 -12.29 32.09 -14.77
N VAL C 268 -12.04 31.01 -15.52
CA VAL C 268 -11.41 31.16 -16.83
C VAL C 268 -12.29 30.47 -17.85
N ALA C 269 -12.28 31.00 -19.07
CA ALA C 269 -13.06 30.42 -20.15
C ALA C 269 -12.19 30.07 -21.36
N PHE C 270 -12.48 28.88 -21.88
CA PHE C 270 -11.91 28.33 -23.10
C PHE C 270 -12.91 28.50 -24.23
N ILE C 271 -12.66 29.49 -25.07
CA ILE C 271 -13.59 29.86 -26.15
C ILE C 271 -13.16 29.21 -27.46
N GLY C 272 -13.66 28.00 -27.70
CA GLY C 272 -13.32 27.27 -28.90
C GLY C 272 -14.33 27.45 -30.01
N SER C 273 -14.05 26.82 -31.14
CA SER C 273 -14.87 26.94 -32.33
C SER C 273 -16.18 26.18 -32.17
N ILE C 274 -16.16 25.17 -31.31
CA ILE C 274 -17.34 24.34 -31.09
C ILE C 274 -18.13 24.81 -29.89
N MET C 275 -17.43 25.15 -28.82
CA MET C 275 -18.10 25.61 -27.61
C MET C 275 -17.18 26.36 -26.64
N THR C 276 -17.78 27.10 -25.72
CA THR C 276 -17.03 27.73 -24.64
C THR C 276 -17.12 26.88 -23.38
N VAL C 277 -15.97 26.59 -22.77
CA VAL C 277 -15.96 25.78 -21.55
C VAL C 277 -15.44 26.63 -20.39
N TRP C 278 -16.15 26.58 -19.27
CA TRP C 278 -15.81 27.37 -18.09
C TRP C 278 -15.18 26.57 -16.97
N LEU C 279 -14.11 27.11 -16.41
CA LEU C 279 -13.54 26.59 -15.17
C LEU C 279 -13.75 27.65 -14.10
N SER C 280 -14.53 27.31 -13.07
CA SER C 280 -14.92 28.26 -12.04
C SER C 280 -14.40 27.85 -10.67
N THR C 281 -13.89 28.83 -9.92
CA THR C 281 -13.45 28.61 -8.55
C THR C 281 -14.37 29.33 -7.57
N ALA C 282 -15.59 29.60 -8.00
CA ALA C 282 -16.57 30.28 -7.17
C ALA C 282 -16.89 29.44 -5.93
N PRO C 283 -17.29 30.12 -4.84
CA PRO C 283 -17.68 29.41 -3.63
C PRO C 283 -19.02 28.69 -3.79
N THR C 284 -19.71 28.94 -4.91
CA THR C 284 -20.93 28.23 -5.25
C THR C 284 -20.62 26.95 -6.01
N GLU C 285 -19.37 26.78 -6.40
CA GLU C 285 -18.94 25.61 -7.16
C GLU C 285 -18.09 24.71 -6.27
N PRO C 286 -17.93 23.44 -6.66
CA PRO C 286 -17.07 22.54 -5.89
C PRO C 286 -15.66 23.09 -5.68
N LEU C 287 -15.09 22.80 -4.51
CA LEU C 287 -13.80 23.35 -4.11
C LEU C 287 -12.68 22.90 -5.06
N THR C 288 -11.78 23.83 -5.36
CA THR C 288 -10.57 23.50 -6.11
C THR C 288 -9.33 23.83 -5.28
N HIS C 289 -8.14 23.51 -5.79
CA HIS C 289 -6.88 23.76 -5.07
C HIS C 289 -6.56 25.26 -5.00
N TRP C 290 -7.38 26.10 -5.65
CA TRP C 290 -7.24 27.55 -5.52
C TRP C 290 -8.04 28.13 -4.34
N TYR C 291 -8.98 27.34 -3.83
CA TYR C 291 -9.90 27.79 -2.78
C TYR C 291 -10.47 29.17 -3.11
N GLN C 292 -10.64 30.03 -2.10
CA GLN C 292 -10.93 31.43 -2.35
C GLN C 292 -10.05 32.29 -1.45
N VAL C 293 -10.05 33.59 -1.74
CA VAL C 293 -9.19 34.50 -0.98
C VAL C 293 -10.02 35.63 -0.38
N ARG C 294 -9.76 35.93 0.88
CA ARG C 294 -10.43 37.05 1.53
C ARG C 294 -9.46 38.09 2.07
N CYS C 295 -9.76 39.35 1.77
CA CYS C 295 -8.99 40.47 2.28
C CYS C 295 -9.84 41.31 3.23
N LEU C 296 -9.38 41.40 4.47
CA LEU C 296 -10.08 42.17 5.50
C LEU C 296 -9.89 43.67 5.36
N PHE C 297 -10.91 44.43 5.72
CA PHE C 297 -10.76 45.85 6.00
C PHE C 297 -10.20 45.98 7.40
N GLN C 298 -9.42 47.03 7.61
CA GLN C 298 -8.91 47.34 8.93
C GLN C 298 -10.03 47.62 9.92
N SER C 299 -11.10 48.22 9.42
CA SER C 299 -12.27 48.53 10.24
C SER C 299 -13.54 48.14 9.50
N PRO C 300 -14.46 47.45 10.18
CA PRO C 300 -15.66 47.07 9.42
C PRO C 300 -16.49 48.27 9.02
N LEU C 301 -17.27 48.11 7.96
CA LEU C 301 -18.16 49.18 7.50
C LEU C 301 -19.61 48.73 7.63
N PHE C 302 -20.45 49.52 8.29
CA PHE C 302 -21.86 49.17 8.30
C PHE C 302 -22.56 49.60 7.02
N ALA C 303 -23.34 48.67 6.47
CA ALA C 303 -24.13 48.96 5.29
C ALA C 303 -25.54 48.39 5.41
N LYS C 304 -26.52 49.13 4.89
CA LYS C 304 -27.89 48.63 4.81
C LYS C 304 -28.10 47.99 3.45
N ALA C 305 -28.99 47.01 3.38
CA ALA C 305 -29.38 46.47 2.09
C ALA C 305 -29.91 47.63 1.24
N GLY C 306 -29.44 47.73 0.01
CA GLY C 306 -29.81 48.82 -0.86
C GLY C 306 -28.77 49.92 -0.94
N ASP C 307 -27.91 50.02 0.06
CA ASP C 307 -26.80 50.96 0.04
C ASP C 307 -25.79 50.57 -1.02
N THR C 308 -24.86 51.48 -1.29
CA THR C 308 -23.79 51.19 -2.25
C THR C 308 -22.44 51.23 -1.55
N LEU C 309 -21.61 50.22 -1.82
CA LEU C 309 -20.26 50.16 -1.29
C LEU C 309 -19.31 50.30 -2.45
N SER C 310 -18.64 51.44 -2.54
CA SER C 310 -17.83 51.73 -3.71
C SER C 310 -16.39 51.94 -3.34
N GLY C 311 -15.51 51.66 -4.29
CA GLY C 311 -14.10 51.85 -4.06
C GLY C 311 -13.23 51.19 -5.10
N THR C 312 -12.00 50.90 -4.70
CA THR C 312 -11.03 50.38 -5.64
C THR C 312 -10.17 49.28 -5.02
N CYS C 313 -9.94 48.26 -5.83
CA CYS C 313 -8.94 47.27 -5.52
C CYS C 313 -7.83 47.44 -6.55
N LEU C 314 -6.66 47.85 -6.09
CA LEU C 314 -5.55 48.09 -6.98
C LEU C 314 -4.50 47.02 -6.71
N LEU C 315 -4.19 46.26 -7.74
CA LEU C 315 -3.20 45.18 -7.62
C LEU C 315 -1.94 45.66 -8.32
N ILE C 316 -0.87 45.77 -7.53
CA ILE C 316 0.41 46.26 -8.05
C ILE C 316 1.42 45.13 -8.03
N ALA C 317 1.92 44.78 -9.21
CA ALA C 317 2.87 43.70 -9.33
C ALA C 317 4.17 44.07 -8.62
N ASN C 318 4.74 43.08 -7.94
CA ASN C 318 5.98 43.29 -7.20
C ASN C 318 7.03 42.31 -7.69
N LYS C 319 8.22 42.46 -7.15
CA LYS C 319 9.41 41.73 -7.59
C LYS C 319 9.52 40.31 -7.01
N ARG C 320 8.55 39.92 -6.18
CA ARG C 320 8.49 38.57 -5.63
C ARG C 320 7.45 37.70 -6.35
N GLN C 321 7.22 37.97 -7.63
CA GLN C 321 6.26 37.23 -8.44
C GLN C 321 4.89 37.24 -7.80
N SER C 322 4.50 38.38 -7.24
CA SER C 322 3.19 38.48 -6.65
C SER C 322 2.69 39.92 -6.70
N TYR C 323 1.71 40.22 -5.85
CA TYR C 323 1.07 41.53 -5.90
C TYR C 323 0.90 42.15 -4.52
N ASP C 324 1.05 43.47 -4.47
CA ASP C 324 0.60 44.26 -3.34
C ASP C 324 -0.85 44.64 -3.64
N ILE C 325 -1.75 44.36 -2.71
CA ILE C 325 -3.19 44.57 -2.92
C ILE C 325 -3.59 45.78 -2.11
N SER C 326 -4.12 46.80 -2.78
CA SER C 326 -4.62 47.97 -2.07
C SER C 326 -6.12 48.04 -2.25
N ILE C 327 -6.84 48.09 -1.14
CA ILE C 327 -8.28 48.17 -1.14
C ILE C 327 -8.76 49.42 -0.43
N VAL C 328 -9.58 50.19 -1.14
CA VAL C 328 -10.27 51.35 -0.58
C VAL C 328 -11.76 51.19 -0.77
N ALA C 329 -12.50 51.36 0.31
CA ALA C 329 -13.95 51.19 0.28
C ALA C 329 -14.65 52.25 1.10
N GLN C 330 -15.78 52.70 0.56
CA GLN C 330 -16.63 53.66 1.25
C GLN C 330 -18.08 53.29 1.03
N VAL C 331 -18.87 53.46 2.08
CA VAL C 331 -20.32 53.38 2.00
C VAL C 331 -20.80 54.73 1.50
N ASP C 332 -21.29 54.76 0.27
CA ASP C 332 -21.61 56.04 -0.36
C ASP C 332 -22.69 56.79 0.42
N GLN C 333 -23.66 56.05 0.96
CA GLN C 333 -24.79 56.67 1.60
C GLN C 333 -24.42 57.33 2.94
N THR C 334 -23.31 56.90 3.54
CA THR C 334 -22.93 57.39 4.87
C THR C 334 -21.56 58.05 4.90
N GLY C 335 -20.71 57.72 3.93
CA GLY C 335 -19.36 58.26 3.89
C GLY C 335 -18.38 57.56 4.81
N SER C 336 -18.82 56.46 5.43
CA SER C 336 -17.95 55.65 6.28
C SER C 336 -16.89 54.98 5.41
N LYS C 337 -15.63 55.07 5.82
CA LYS C 337 -14.53 54.63 4.99
C LYS C 337 -13.60 53.64 5.66
N SER C 338 -13.10 52.69 4.88
CA SER C 338 -12.06 51.78 5.35
C SER C 338 -11.17 51.34 4.20
N SER C 339 -9.93 51.04 4.51
CA SER C 339 -8.94 50.62 3.52
C SER C 339 -8.07 49.50 4.05
N ASN C 340 -7.33 48.85 3.16
CA ASN C 340 -6.29 47.93 3.59
C ASN C 340 -5.25 47.73 2.49
N LEU C 341 -4.04 47.37 2.91
CA LEU C 341 -2.96 47.06 1.99
C LEU C 341 -2.44 45.68 2.36
N LEU C 342 -2.41 44.76 1.40
CA LEU C 342 -2.09 43.37 1.67
C LEU C 342 -0.97 42.83 0.80
N ASP C 343 -0.22 41.87 1.33
CA ASP C 343 0.87 41.23 0.60
C ASP C 343 0.50 39.82 0.19
N LEU C 344 0.09 39.64 -1.06
CA LEU C 344 -0.43 38.36 -1.53
C LEU C 344 0.59 37.23 -1.57
N LYS C 345 1.90 37.53 -1.58
CA LYS C 345 2.91 36.48 -1.64
C LYS C 345 2.91 35.66 -0.36
N ASN C 346 2.44 36.25 0.73
CA ASN C 346 2.41 35.57 2.02
C ASN C 346 0.99 35.52 2.56
N PRO C 347 0.15 34.65 1.96
CA PRO C 347 -1.22 34.52 2.45
C PRO C 347 -1.28 33.65 3.69
N PHE C 348 -2.38 33.76 4.42
CA PHE C 348 -2.63 32.91 5.57
C PHE C 348 -3.56 31.77 5.19
N PHE C 349 -3.06 30.54 5.25
CA PHE C 349 -3.87 29.37 4.93
C PHE C 349 -4.68 28.94 6.15
N ARG C 350 -5.97 29.26 6.11
CA ARG C 350 -6.87 29.10 7.25
C ARG C 350 -7.65 27.80 7.13
N TYR C 351 -7.77 27.30 5.90
CA TYR C 351 -8.56 26.12 5.60
C TYR C 351 -8.24 24.91 6.47
N THR C 352 -9.28 24.20 6.90
CA THR C 352 -9.15 23.03 7.74
C THR C 352 -10.02 21.89 7.22
N SER D 10 32.05 36.51 4.70
CA SER D 10 31.86 36.00 6.05
C SER D 10 31.69 34.48 6.02
N VAL D 11 31.79 33.85 7.18
CA VAL D 11 31.62 32.41 7.27
C VAL D 11 30.22 31.99 6.86
N PHE D 12 29.21 32.77 7.22
CA PHE D 12 27.82 32.42 6.90
C PHE D 12 27.56 32.41 5.38
N SER D 13 27.95 33.48 4.68
CA SER D 13 27.65 33.61 3.25
C SER D 13 28.34 32.60 2.32
N GLU D 14 29.56 32.16 2.65
CA GLU D 14 30.30 31.22 1.79
C GLU D 14 29.65 29.84 1.80
N ARG D 15 28.95 29.55 2.88
CA ARG D 15 28.37 28.24 3.13
C ARG D 15 26.84 28.23 2.97
N THR D 16 26.28 29.36 2.54
CA THR D 16 24.83 29.54 2.43
C THR D 16 24.40 30.24 1.13
N GLU D 17 23.47 29.64 0.38
CA GLU D 17 22.84 30.30 -0.77
C GLU D 17 22.09 31.57 -0.40
N GLU D 18 22.15 32.57 -1.27
CA GLU D 18 21.46 33.84 -1.01
C GLU D 18 19.94 33.59 -0.84
N SER D 19 19.38 32.79 -1.74
CA SER D 19 17.93 32.51 -1.78
C SER D 19 17.41 31.90 -0.46
N SER D 20 18.14 30.90 0.04
CA SER D 20 17.78 30.21 1.27
C SER D 20 17.87 31.14 2.48
N ALA D 21 18.97 31.89 2.57
CA ALA D 21 19.18 32.79 3.69
C ALA D 21 18.09 33.85 3.70
N VAL D 22 17.77 34.37 2.51
CA VAL D 22 16.71 35.37 2.40
C VAL D 22 15.41 34.81 2.96
N GLN D 23 14.97 33.66 2.46
CA GLN D 23 13.72 33.11 2.97
C GLN D 23 13.78 32.81 4.48
N TYR D 24 14.91 32.29 4.94
CA TYR D 24 15.10 31.95 6.35
C TYR D 24 14.91 33.18 7.28
N PHE D 25 15.67 34.23 7.00
CA PHE D 25 15.64 35.40 7.89
C PHE D 25 14.38 36.23 7.66
N GLN D 26 13.80 36.12 6.47
CA GLN D 26 12.47 36.66 6.20
C GLN D 26 11.40 35.98 7.04
N PHE D 27 11.47 34.64 7.06
CA PHE D 27 10.58 33.79 7.84
C PHE D 27 10.62 34.17 9.30
N TYR D 28 11.81 34.29 9.84
CA TYR D 28 11.94 34.65 11.26
C TYR D 28 11.66 36.13 11.53
N GLY D 29 11.42 36.91 10.48
CA GLY D 29 11.02 38.29 10.64
C GLY D 29 9.55 38.49 11.00
N TYR D 30 8.77 37.42 10.95
CA TYR D 30 7.35 37.50 11.29
C TYR D 30 7.07 37.31 12.78
N LEU D 31 6.30 38.23 13.35
CA LEU D 31 5.90 38.16 14.75
C LEU D 31 5.14 36.88 15.05
N SER D 32 4.34 36.41 14.10
CA SER D 32 3.54 35.19 14.30
C SER D 32 4.40 33.94 14.54
N GLN D 33 5.56 33.87 13.89
CA GLN D 33 6.45 32.72 14.10
C GLN D 33 7.10 32.81 15.47
N GLN D 34 7.44 34.03 15.87
CA GLN D 34 7.96 34.25 17.20
C GLN D 34 6.89 33.84 18.21
N GLN D 35 5.65 34.26 17.97
CA GLN D 35 4.56 33.85 18.84
C GLN D 35 4.50 32.34 18.92
N ASN D 36 4.57 31.65 17.78
CA ASN D 36 4.57 30.19 17.80
C ASN D 36 5.69 29.59 18.65
N MET D 37 6.90 30.10 18.51
CA MET D 37 7.98 29.58 19.33
C MET D 37 7.78 29.89 20.82
N MET D 38 7.37 31.12 21.11
CA MET D 38 7.18 31.54 22.49
C MET D 38 6.06 30.73 23.15
N GLN D 39 5.04 30.40 22.37
CA GLN D 39 3.88 29.70 22.91
C GLN D 39 4.15 28.21 23.12
N ASP D 40 5.36 27.77 22.75
CA ASP D 40 5.82 26.44 23.13
C ASP D 40 6.29 26.50 24.58
N TYR D 41 5.41 26.14 25.52
CA TYR D 41 5.70 26.37 26.93
C TYR D 41 6.84 25.50 27.47
N VAL D 42 6.94 24.27 26.98
CA VAL D 42 8.04 23.39 27.36
C VAL D 42 9.38 24.08 27.03
N ARG D 43 9.50 24.56 25.80
CA ARG D 43 10.71 25.19 25.32
C ARG D 43 11.05 26.41 26.16
N THR D 44 10.11 27.34 26.20
CA THR D 44 10.32 28.65 26.79
C THR D 44 10.51 28.51 28.30
N GLY D 45 9.65 27.71 28.91
CA GLY D 45 9.72 27.46 30.34
C GLY D 45 10.98 26.73 30.73
N THR D 46 11.42 25.78 29.91
CA THR D 46 12.60 25.02 30.24
C THR D 46 13.83 25.91 30.11
N TYR D 47 13.87 26.75 29.08
CA TYR D 47 14.95 27.71 28.95
C TYR D 47 14.98 28.65 30.17
N GLN D 48 13.82 29.17 30.55
CA GLN D 48 13.78 30.08 31.69
C GLN D 48 14.22 29.37 32.96
N ARG D 49 13.80 28.12 33.11
CA ARG D 49 14.19 27.32 34.27
C ARG D 49 15.72 27.13 34.28
N ALA D 50 16.29 26.79 33.12
CA ALA D 50 17.73 26.60 33.00
C ALA D 50 18.50 27.85 33.38
N ILE D 51 18.04 29.00 32.89
CA ILE D 51 18.76 30.25 33.15
C ILE D 51 18.56 30.73 34.60
N LEU D 52 17.33 30.74 35.10
CA LEU D 52 17.09 31.26 36.44
C LEU D 52 17.64 30.36 37.54
N GLN D 53 17.53 29.05 37.39
CA GLN D 53 18.03 28.14 38.42
C GLN D 53 19.55 28.15 38.46
N ASN D 54 20.16 28.59 37.37
CA ASN D 54 21.60 28.78 37.31
C ASN D 54 21.95 30.26 37.28
N HIS D 55 21.28 31.02 38.15
CA HIS D 55 21.42 32.48 38.16
C HIS D 55 22.86 32.93 38.42
N THR D 56 23.65 32.09 39.07
CA THR D 56 25.05 32.44 39.36
C THR D 56 25.96 32.40 38.14
N ASP D 57 25.53 31.70 37.09
CA ASP D 57 26.30 31.66 35.85
C ASP D 57 26.04 32.89 34.99
N PHE D 58 25.15 33.77 35.47
CA PHE D 58 24.76 34.97 34.73
C PHE D 58 24.99 36.23 35.56
N LYS D 59 24.92 36.09 36.89
CA LYS D 59 25.01 37.24 37.80
C LYS D 59 26.27 38.09 37.57
N ASP D 60 26.05 39.34 37.16
CA ASP D 60 27.12 40.30 36.86
C ASP D 60 28.06 39.79 35.76
N LYS D 61 27.52 38.97 34.87
CA LYS D 61 28.28 38.39 33.77
C LYS D 61 28.03 39.11 32.45
N ILE D 62 28.89 38.86 31.48
CA ILE D 62 28.67 39.30 30.11
C ILE D 62 28.06 38.16 29.34
N VAL D 63 26.97 38.45 28.63
CA VAL D 63 26.23 37.40 27.96
C VAL D 63 26.13 37.67 26.48
N LEU D 64 26.20 36.61 25.68
CA LEU D 64 25.88 36.73 24.25
C LEU D 64 24.67 35.85 23.91
N ASP D 65 23.63 36.46 23.36
CA ASP D 65 22.47 35.73 22.87
C ASP D 65 22.52 35.62 21.35
N VAL D 66 22.81 34.43 20.83
CA VAL D 66 22.96 34.26 19.39
C VAL D 66 21.59 34.02 18.75
N GLY D 67 21.11 34.98 17.98
CA GLY D 67 19.81 34.86 17.35
C GLY D 67 18.72 35.07 18.37
N CYS D 68 18.64 36.29 18.90
CA CYS D 68 17.81 36.56 20.08
C CYS D 68 16.33 36.61 19.74
N GLY D 69 16.01 36.77 18.45
CA GLY D 69 14.62 36.88 18.03
C GLY D 69 13.89 38.00 18.74
N SER D 70 12.82 37.64 19.44
CA SER D 70 12.05 38.58 20.25
C SER D 70 12.88 39.12 21.41
N GLY D 71 13.95 38.42 21.77
CA GLY D 71 14.81 38.82 22.86
C GLY D 71 14.60 38.04 24.15
N ILE D 72 13.68 37.09 24.10
CA ILE D 72 13.18 36.43 25.30
C ILE D 72 14.32 35.86 26.18
N LEU D 73 15.31 35.22 25.57
CA LEU D 73 16.40 34.65 26.35
C LEU D 73 17.27 35.73 27.01
N SER D 74 17.40 36.86 26.34
CA SER D 74 18.14 37.98 26.90
C SER D 74 17.43 38.53 28.13
N PHE D 75 16.10 38.57 28.06
CA PHE D 75 15.29 39.01 29.20
C PHE D 75 15.44 38.01 30.34
N PHE D 76 15.47 36.71 30.01
CA PHE D 76 15.78 35.73 31.04
C PHE D 76 17.17 35.97 31.66
N ALA D 77 18.16 36.22 30.81
CA ALA D 77 19.52 36.52 31.28
C ALA D 77 19.53 37.76 32.16
N ALA D 78 18.72 38.75 31.81
CA ALA D 78 18.59 39.95 32.62
C ALA D 78 17.94 39.63 33.96
N GLN D 79 16.91 38.79 33.94
CA GLN D 79 16.24 38.37 35.16
C GLN D 79 17.22 37.67 36.11
N ALA D 80 18.16 36.92 35.53
CA ALA D 80 19.14 36.15 36.29
C ALA D 80 20.33 36.98 36.76
N GLY D 81 20.33 38.27 36.41
CA GLY D 81 21.32 39.20 36.93
C GLY D 81 22.50 39.54 36.03
N ALA D 82 22.39 39.26 34.73
CA ALA D 82 23.48 39.62 33.83
C ALA D 82 23.67 41.13 33.84
N ARG D 83 24.93 41.56 33.84
CA ARG D 83 25.25 42.98 33.84
C ARG D 83 25.12 43.57 32.45
N LYS D 84 25.44 42.77 31.44
CA LYS D 84 25.43 43.22 30.06
C LYS D 84 25.14 42.03 29.15
N ILE D 85 24.18 42.18 28.25
CA ILE D 85 23.82 41.11 27.31
C ILE D 85 23.89 41.68 25.90
N TYR D 86 24.74 41.09 25.07
CA TYR D 86 24.77 41.46 23.65
C TYR D 86 23.86 40.53 22.90
N ALA D 87 22.80 41.09 22.35
CA ALA D 87 21.76 40.31 21.70
C ALA D 87 21.82 40.48 20.19
N VAL D 88 22.34 39.47 19.52
CA VAL D 88 22.57 39.54 18.07
C VAL D 88 21.38 38.95 17.31
N GLU D 89 20.92 39.68 16.30
CA GLU D 89 19.78 39.18 15.51
C GLU D 89 19.81 39.71 14.07
N ALA D 90 19.73 38.78 13.11
CA ALA D 90 19.93 39.10 11.69
C ALA D 90 18.63 39.45 10.95
N SER D 91 17.50 38.98 11.44
CA SER D 91 16.23 39.29 10.79
C SER D 91 15.75 40.67 11.23
N THR D 92 14.67 41.15 10.63
CA THR D 92 14.12 42.45 10.98
C THR D 92 13.53 42.44 12.39
N MET D 93 13.40 41.23 12.95
CA MET D 93 12.88 41.07 14.30
C MET D 93 13.73 41.90 15.28
N ALA D 94 14.99 42.12 14.92
CA ALA D 94 15.91 42.93 15.72
C ALA D 94 15.29 44.28 16.07
N GLN D 95 14.51 44.82 15.14
CA GLN D 95 13.88 46.11 15.35
C GLN D 95 12.85 45.97 16.46
N HIS D 96 12.15 44.83 16.49
CA HIS D 96 11.10 44.62 17.46
C HIS D 96 11.67 44.34 18.84
N ALA D 97 12.77 43.60 18.87
CA ALA D 97 13.43 43.29 20.13
C ALA D 97 13.86 44.57 20.85
N GLU D 98 14.38 45.54 20.10
CA GLU D 98 14.81 46.80 20.69
C GLU D 98 13.60 47.51 21.28
N VAL D 99 12.44 47.39 20.62
CA VAL D 99 11.22 47.98 21.15
C VAL D 99 10.92 47.40 22.52
N LEU D 100 11.08 46.09 22.66
CA LEU D 100 10.80 45.41 23.92
C LEU D 100 11.83 45.75 25.00
N VAL D 101 13.08 45.89 24.58
CA VAL D 101 14.13 46.26 25.53
C VAL D 101 13.80 47.63 26.13
N LYS D 102 13.36 48.56 25.30
CA LYS D 102 12.99 49.89 25.79
C LYS D 102 11.73 49.90 26.63
N SER D 103 10.68 49.22 26.19
CA SER D 103 9.43 49.23 26.93
C SER D 103 9.59 48.48 28.24
N ASN D 104 10.58 47.61 28.33
CA ASN D 104 10.87 46.92 29.58
C ASN D 104 12.02 47.59 30.37
N ASN D 105 12.42 48.79 29.94
CA ASN D 105 13.41 49.56 30.69
C ASN D 105 14.70 48.78 31.00
N LEU D 106 15.25 48.11 29.99
CA LEU D 106 16.46 47.31 30.17
C LEU D 106 17.60 47.74 29.23
N THR D 107 17.57 48.99 28.79
CA THR D 107 18.55 49.49 27.83
C THR D 107 19.99 49.46 28.36
N ASP D 108 20.13 49.55 29.67
CA ASP D 108 21.46 49.57 30.28
C ASP D 108 22.06 48.16 30.34
N ARG D 109 21.26 47.16 29.98
CA ARG D 109 21.65 45.77 30.19
C ARG D 109 21.52 44.89 28.94
N ILE D 110 20.53 45.16 28.09
CA ILE D 110 20.40 44.41 26.84
C ILE D 110 20.73 45.32 25.67
N VAL D 111 21.72 44.90 24.88
CA VAL D 111 22.15 45.67 23.72
C VAL D 111 21.86 44.86 22.48
N VAL D 112 20.88 45.30 21.70
CA VAL D 112 20.58 44.60 20.46
C VAL D 112 21.60 44.98 19.39
N ILE D 113 22.15 43.95 18.76
CA ILE D 113 23.09 44.10 17.67
C ILE D 113 22.51 43.42 16.44
N PRO D 114 21.99 44.24 15.50
CA PRO D 114 21.44 43.68 14.26
C PRO D 114 22.53 43.18 13.32
N GLY D 115 22.34 41.99 12.79
CA GLY D 115 23.29 41.41 11.85
C GLY D 115 23.55 39.93 12.13
N LYS D 116 24.38 39.32 11.30
CA LYS D 116 24.75 37.93 11.47
C LYS D 116 25.92 37.80 12.44
N VAL D 117 25.86 36.77 13.29
CA VAL D 117 26.86 36.59 14.33
C VAL D 117 28.24 36.40 13.72
N GLU D 118 28.26 35.94 12.47
CA GLU D 118 29.52 35.77 11.75
C GLU D 118 30.11 37.10 11.27
N GLU D 119 29.31 38.17 11.32
CA GLU D 119 29.71 39.43 10.66
C GLU D 119 29.79 40.65 11.57
N VAL D 120 29.10 40.62 12.69
CA VAL D 120 29.06 41.78 13.58
C VAL D 120 30.32 41.86 14.41
N SER D 121 30.58 43.05 14.96
CA SER D 121 31.67 43.24 15.90
C SER D 121 31.11 43.49 17.30
N LEU D 122 31.62 42.72 18.27
CA LEU D 122 31.23 42.88 19.65
C LEU D 122 32.29 43.70 20.38
N PRO D 123 31.89 44.49 21.39
CA PRO D 123 32.89 45.31 22.05
C PRO D 123 33.84 44.52 22.96
N GLU D 124 33.38 43.36 23.44
CA GLU D 124 34.17 42.57 24.39
C GLU D 124 33.86 41.07 24.32
N GLN D 125 34.69 40.26 24.95
CA GLN D 125 34.45 38.82 25.06
C GLN D 125 33.35 38.56 26.10
N VAL D 126 32.68 37.41 26.00
CA VAL D 126 31.57 37.13 26.91
C VAL D 126 31.88 35.93 27.81
N ASP D 127 31.18 35.87 28.93
CA ASP D 127 31.37 34.81 29.92
C ASP D 127 30.53 33.59 29.55
N ILE D 128 29.43 33.83 28.85
CA ILE D 128 28.50 32.76 28.53
C ILE D 128 27.70 33.07 27.26
N ILE D 129 27.48 32.04 26.47
CA ILE D 129 26.68 32.16 25.26
C ILE D 129 25.36 31.42 25.44
N ILE D 130 24.27 32.10 25.11
CA ILE D 130 22.96 31.47 25.08
C ILE D 130 22.38 31.53 23.66
N SER D 131 21.60 30.52 23.33
CA SER D 131 20.95 30.43 22.02
C SER D 131 19.93 29.29 22.02
N GLU D 132 18.97 29.39 21.10
CA GLU D 132 18.09 28.29 20.77
C GLU D 132 18.24 28.01 19.27
N PRO D 133 19.28 27.25 18.90
CA PRO D 133 19.62 26.98 17.50
C PRO D 133 19.17 25.62 16.98
N MET D 134 18.36 24.92 17.76
CA MET D 134 17.96 23.56 17.40
C MET D 134 16.83 23.55 16.37
N GLY D 135 17.01 22.73 15.34
CA GLY D 135 15.97 22.48 14.36
C GLY D 135 15.48 21.05 14.41
N TYR D 136 14.62 20.67 13.47
CA TYR D 136 14.26 19.27 13.27
C TYR D 136 15.51 18.40 13.25
N MET D 137 15.44 17.22 13.85
CA MET D 137 16.59 16.35 13.97
C MET D 137 17.77 17.09 14.58
N LEU D 138 17.47 18.08 15.41
CA LEU D 138 18.48 18.92 16.04
C LEU D 138 19.18 19.85 15.03
N PHE D 139 19.65 19.29 13.92
CA PHE D 139 20.60 19.97 13.05
C PHE D 139 20.03 20.83 11.93
N ASN D 140 18.75 20.65 11.60
CA ASN D 140 18.16 21.41 10.49
C ASN D 140 18.28 22.92 10.75
N GLU D 141 18.45 23.67 9.66
CA GLU D 141 18.63 25.13 9.66
C GLU D 141 20.10 25.52 9.87
N ARG D 142 20.92 24.57 10.32
CA ARG D 142 22.36 24.78 10.47
C ARG D 142 22.72 25.96 11.37
N MET D 143 21.86 26.29 12.32
CA MET D 143 22.17 27.40 13.22
C MET D 143 23.20 26.97 14.26
N LEU D 144 23.35 25.66 14.45
CA LEU D 144 24.35 25.16 15.39
C LEU D 144 25.75 25.63 15.00
N GLU D 145 25.99 25.80 13.70
CA GLU D 145 27.29 26.27 13.24
C GLU D 145 27.52 27.71 13.63
N SER D 146 26.46 28.52 13.59
CA SER D 146 26.56 29.91 14.02
C SER D 146 26.79 29.93 15.53
N TYR D 147 26.08 29.07 16.24
CA TYR D 147 26.22 28.94 17.69
C TYR D 147 27.68 28.62 18.05
N LEU D 148 28.26 27.64 17.35
CA LEU D 148 29.66 27.27 17.59
C LEU D 148 30.61 28.37 17.10
N HIS D 149 30.25 29.02 15.99
CA HIS D 149 31.04 30.11 15.44
C HIS D 149 31.18 31.24 16.45
N ALA D 150 30.09 31.49 17.18
CA ALA D 150 30.07 32.54 18.20
C ALA D 150 31.09 32.36 19.33
N LYS D 151 31.69 31.18 19.45
CA LYS D 151 32.66 30.96 20.53
C LYS D 151 33.93 31.79 20.41
N LYS D 152 34.12 32.43 19.25
CA LYS D 152 35.24 33.35 19.11
C LYS D 152 35.11 34.50 20.09
N TYR D 153 33.90 34.75 20.56
CA TYR D 153 33.66 35.81 21.53
C TYR D 153 33.62 35.25 22.95
N LEU D 154 33.85 33.94 23.09
CA LEU D 154 33.75 33.30 24.39
C LEU D 154 35.11 33.26 25.09
N LYS D 155 35.13 33.71 26.34
CA LYS D 155 36.31 33.62 27.18
C LYS D 155 36.75 32.15 27.30
N PRO D 156 38.04 31.91 27.54
CA PRO D 156 38.60 30.56 27.64
C PRO D 156 37.88 29.56 28.55
N SER D 157 37.27 30.02 29.64
CA SER D 157 36.59 29.10 30.55
C SER D 157 35.11 29.45 30.65
N GLY D 158 34.60 30.13 29.64
CA GLY D 158 33.19 30.47 29.58
C GLY D 158 32.31 29.27 29.27
N ASN D 159 31.00 29.48 29.35
CA ASN D 159 30.02 28.41 29.19
C ASN D 159 29.04 28.64 28.05
N MET D 160 28.35 27.57 27.71
CA MET D 160 27.35 27.59 26.66
C MET D 160 26.04 26.98 27.15
N PHE D 161 24.96 27.71 26.89
CA PHE D 161 23.61 27.31 27.27
C PHE D 161 22.75 27.27 26.01
N PRO D 162 22.48 26.07 25.46
CA PRO D 162 22.77 24.71 25.94
C PRO D 162 24.24 24.32 25.84
N THR D 163 24.63 23.34 26.66
CA THR D 163 26.03 22.92 26.74
C THR D 163 26.31 21.74 25.83
N ILE D 164 25.38 20.78 25.80
CA ILE D 164 25.51 19.60 24.93
C ILE D 164 24.17 19.26 24.30
N GLY D 165 24.25 18.52 23.19
CA GLY D 165 23.06 18.03 22.50
C GLY D 165 23.15 16.54 22.19
N ASP D 166 22.10 15.81 22.54
CA ASP D 166 22.04 14.38 22.27
C ASP D 166 21.03 14.11 21.17
N VAL D 167 21.49 13.43 20.12
CA VAL D 167 20.61 12.93 19.08
C VAL D 167 20.31 11.47 19.37
N HIS D 168 19.03 11.12 19.38
CA HIS D 168 18.60 9.74 19.60
C HIS D 168 17.99 9.15 18.34
N LEU D 169 18.35 7.89 18.09
CA LEU D 169 17.87 7.13 16.93
C LEU D 169 17.27 5.82 17.41
N ALA D 170 16.15 5.41 16.82
CA ALA D 170 15.63 4.08 17.13
C ALA D 170 14.77 3.51 15.99
N PRO D 171 14.85 2.19 15.72
CA PRO D 171 14.00 1.70 14.64
C PRO D 171 12.55 1.57 15.07
N PHE D 172 11.63 1.74 14.13
CA PHE D 172 10.22 1.63 14.45
C PHE D 172 9.45 0.79 13.45
N THR D 173 8.27 0.36 13.85
CA THR D 173 7.34 -0.31 12.96
C THR D 173 6.09 0.54 12.86
N ASP D 174 5.68 0.85 11.64
CA ASP D 174 4.44 1.58 11.41
C ASP D 174 3.99 1.31 9.99
N GLU D 175 3.33 0.17 9.80
CA GLU D 175 2.91 -0.26 8.48
C GLU D 175 2.01 0.80 7.84
N GLN D 176 1.20 1.47 8.65
CA GLN D 176 0.24 2.43 8.11
C GLN D 176 0.91 3.67 7.49
N LEU D 177 1.96 4.19 8.12
CA LEU D 177 2.65 5.35 7.58
C LEU D 177 3.31 4.98 6.24
N TYR D 178 3.96 3.80 6.24
CA TYR D 178 4.62 3.29 5.04
C TYR D 178 3.61 3.13 3.92
N MET D 179 2.50 2.50 4.23
CA MET D 179 1.50 2.29 3.21
C MET D 179 0.84 3.63 2.80
N GLU D 180 0.74 4.57 3.73
CA GLU D 180 0.28 5.93 3.39
C GLU D 180 1.12 6.57 2.29
N GLN D 181 2.44 6.55 2.51
CA GLN D 181 3.35 7.12 1.53
C GLN D 181 3.34 6.31 0.24
N PHE D 182 3.21 5.00 0.37
CA PHE D 182 3.19 4.14 -0.81
C PHE D 182 1.90 4.43 -1.59
N THR D 183 0.81 4.67 -0.86
CA THR D 183 -0.48 5.01 -1.45
C THR D 183 -0.35 6.30 -2.24
N LYS D 184 0.32 7.28 -1.66
CA LYS D 184 0.54 8.54 -2.37
C LYS D 184 1.38 8.33 -3.62
N ALA D 185 2.46 7.57 -3.49
CA ALA D 185 3.37 7.36 -4.60
C ALA D 185 2.72 6.58 -5.74
N ASN D 186 1.80 5.68 -5.40
CA ASN D 186 1.18 4.81 -6.40
C ASN D 186 0.29 5.57 -7.41
N PHE D 187 0.01 6.84 -7.14
CA PHE D 187 -0.67 7.69 -8.11
C PHE D 187 0.04 7.61 -9.47
N TRP D 188 1.37 7.60 -9.41
CA TRP D 188 2.20 7.62 -10.60
C TRP D 188 2.34 6.23 -11.22
N TYR D 189 1.60 5.27 -10.67
CA TYR D 189 1.52 3.91 -11.16
C TYR D 189 0.43 3.75 -12.20
N GLN D 190 -0.47 4.75 -12.28
CA GLN D 190 -1.59 4.66 -13.21
C GLN D 190 -1.16 4.57 -14.67
N PRO D 191 -1.67 3.57 -15.40
CA PRO D 191 -1.31 3.43 -16.81
C PRO D 191 -2.20 4.29 -17.70
N SER D 192 -3.28 4.81 -17.12
CA SER D 192 -4.24 5.59 -17.90
C SER D 192 -4.95 6.61 -17.01
N PHE D 193 -4.17 7.57 -16.52
CA PHE D 193 -4.70 8.76 -15.86
C PHE D 193 -5.22 9.74 -16.92
N HIS D 194 -6.54 9.85 -17.04
CA HIS D 194 -7.14 10.63 -18.12
C HIS D 194 -6.51 10.23 -19.46
N GLY D 195 -6.22 8.95 -19.62
CA GLY D 195 -5.68 8.46 -20.88
C GLY D 195 -4.17 8.51 -21.00
N VAL D 196 -3.48 8.97 -19.95
CA VAL D 196 -2.03 9.13 -20.01
C VAL D 196 -1.33 8.09 -19.14
N ASP D 197 -0.31 7.45 -19.69
CA ASP D 197 0.49 6.48 -18.95
C ASP D 197 1.54 7.23 -18.11
N LEU D 198 1.34 7.24 -16.80
CA LEU D 198 2.23 7.94 -15.89
C LEU D 198 3.31 7.01 -15.33
N SER D 199 3.15 5.72 -15.59
CA SER D 199 3.86 4.68 -14.85
C SER D 199 5.37 4.78 -14.97
N ALA D 200 5.85 5.35 -16.07
CA ALA D 200 7.29 5.45 -16.27
C ALA D 200 7.93 6.28 -15.16
N LEU D 201 7.11 7.05 -14.45
CA LEU D 201 7.61 7.90 -13.37
C LEU D 201 7.40 7.32 -11.99
N ARG D 202 6.80 6.13 -11.91
CA ARG D 202 6.44 5.58 -10.60
C ARG D 202 7.67 5.58 -9.71
N GLY D 203 8.77 5.09 -10.25
CA GLY D 203 10.00 4.97 -9.50
C GLY D 203 10.46 6.32 -9.02
N ALA D 204 10.21 7.35 -9.84
CA ALA D 204 10.62 8.69 -9.49
C ALA D 204 9.74 9.22 -8.37
N ALA D 205 8.48 8.78 -8.35
CA ALA D 205 7.54 9.30 -7.38
C ALA D 205 7.84 8.72 -6.00
N VAL D 206 8.09 7.43 -5.96
CA VAL D 206 8.45 6.74 -4.74
C VAL D 206 9.70 7.34 -4.11
N ASP D 207 10.74 7.56 -4.93
CA ASP D 207 11.97 8.13 -4.43
C ASP D 207 11.68 9.47 -3.75
N GLU D 208 10.92 10.32 -4.44
CA GLU D 208 10.64 11.65 -3.93
C GLU D 208 9.86 11.59 -2.61
N TYR D 209 8.82 10.77 -2.56
CA TYR D 209 7.99 10.69 -1.36
C TYR D 209 8.75 10.16 -0.15
N PHE D 210 9.59 9.15 -0.37
CA PHE D 210 10.30 8.51 0.75
C PHE D 210 11.51 9.32 1.19
N ARG D 211 11.86 10.35 0.41
CA ARG D 211 12.95 11.25 0.79
C ARG D 211 12.48 12.29 1.80
N GLN D 212 11.18 12.31 2.07
CA GLN D 212 10.62 13.29 2.99
C GLN D 212 10.66 12.76 4.41
N PRO D 213 11.43 13.41 5.28
CA PRO D 213 11.28 12.96 6.67
C PRO D 213 9.87 13.28 7.17
N VAL D 214 9.31 12.39 7.98
CA VAL D 214 7.96 12.57 8.47
C VAL D 214 8.04 13.22 9.85
N VAL D 215 7.52 14.43 9.94
CA VAL D 215 7.51 15.17 11.20
C VAL D 215 6.17 14.97 11.87
N ASP D 216 6.20 14.33 13.02
CA ASP D 216 5.01 14.20 13.84
C ASP D 216 5.40 13.48 15.10
N THR D 217 4.41 13.08 15.88
CA THR D 217 4.68 12.30 17.07
C THR D 217 4.11 10.92 16.86
N PHE D 218 4.40 10.04 17.81
CA PHE D 218 3.98 8.66 17.71
C PHE D 218 4.03 8.00 19.07
N ASP D 219 3.31 6.91 19.20
CA ASP D 219 3.35 6.10 20.40
C ASP D 219 4.69 5.36 20.49
N ILE D 220 5.30 5.40 21.67
CA ILE D 220 6.63 4.81 21.87
C ILE D 220 6.67 3.30 21.63
N ARG D 221 5.51 2.65 21.65
CA ARG D 221 5.48 1.20 21.54
C ARG D 221 5.83 0.73 20.13
N ILE D 222 5.91 1.67 19.18
CA ILE D 222 6.29 1.31 17.81
C ILE D 222 7.79 1.12 17.71
N LEU D 223 8.52 1.51 18.75
CA LEU D 223 9.97 1.41 18.75
C LEU D 223 10.41 -0.04 19.02
N MET D 224 11.40 -0.49 18.27
CA MET D 224 11.76 -1.91 18.24
C MET D 224 13.07 -2.19 18.98
N ALA D 225 13.71 -1.14 19.47
CA ALA D 225 14.95 -1.29 20.21
C ALA D 225 15.25 -0.03 21.01
N LYS D 226 16.09 -0.18 22.04
CA LYS D 226 16.55 0.97 22.80
C LYS D 226 17.30 1.90 21.87
N SER D 227 17.13 3.20 22.06
CA SER D 227 17.71 4.19 21.15
C SER D 227 19.22 4.24 21.24
N VAL D 228 19.83 4.70 20.16
CA VAL D 228 21.26 5.01 20.14
C VAL D 228 21.44 6.52 20.26
N LYS D 229 22.48 6.90 20.97
CA LYS D 229 22.74 8.29 21.34
C LYS D 229 23.97 8.80 20.61
N TYR D 230 23.85 9.99 20.03
CA TYR D 230 24.99 10.68 19.47
C TYR D 230 25.11 12.05 20.16
N THR D 231 26.23 12.32 20.80
CA THR D 231 26.35 13.54 21.58
C THR D 231 27.26 14.56 20.91
N VAL D 232 26.77 15.79 20.80
CA VAL D 232 27.58 16.92 20.37
C VAL D 232 27.83 17.82 21.57
N ASN D 233 29.11 17.97 21.90
CA ASN D 233 29.54 18.85 22.97
C ASN D 233 29.91 20.23 22.43
N PHE D 234 29.04 21.21 22.69
CA PHE D 234 29.17 22.54 22.12
C PHE D 234 30.35 23.32 22.67
N LEU D 235 30.83 22.91 23.84
CA LEU D 235 31.97 23.56 24.46
C LEU D 235 33.26 23.23 23.70
N GLU D 236 33.32 22.03 23.11
CA GLU D 236 34.52 21.57 22.43
C GLU D 236 34.38 21.50 20.91
N ALA D 237 33.18 21.29 20.41
CA ALA D 237 33.00 21.04 18.99
C ALA D 237 33.35 22.26 18.18
N LYS D 238 33.85 22.03 16.98
CA LYS D 238 34.09 23.12 16.05
C LYS D 238 33.06 23.10 14.96
N GLU D 239 32.84 24.29 14.43
CA GLU D 239 31.89 24.57 13.39
C GLU D 239 32.00 23.54 12.25
N GLY D 240 33.24 23.32 11.83
CA GLY D 240 33.51 22.40 10.73
C GLY D 240 33.01 21.01 11.02
N ASP D 241 32.87 20.67 12.30
CA ASP D 241 32.43 19.33 12.68
C ASP D 241 31.01 19.05 12.20
N LEU D 242 30.24 20.10 11.91
CA LEU D 242 28.82 19.89 11.60
C LEU D 242 28.56 19.83 10.09
N HIS D 243 29.63 19.86 9.30
CA HIS D 243 29.50 19.76 7.85
C HIS D 243 29.19 18.33 7.40
N ARG D 244 29.77 17.37 8.10
CA ARG D 244 29.59 15.95 7.83
C ARG D 244 29.48 15.20 9.15
N ILE D 245 28.29 14.68 9.44
CA ILE D 245 28.03 14.03 10.72
C ILE D 245 27.79 12.55 10.49
N GLU D 246 28.72 11.72 10.97
CA GLU D 246 28.62 10.29 10.75
C GLU D 246 28.23 9.61 12.06
N ILE D 247 27.03 9.02 12.07
CA ILE D 247 26.45 8.39 13.26
C ILE D 247 26.33 6.88 13.04
N PRO D 248 27.32 6.12 13.53
CA PRO D 248 27.19 4.66 13.44
C PRO D 248 26.15 4.16 14.43
N PHE D 249 25.48 3.06 14.13
CA PHE D 249 24.54 2.50 15.09
C PHE D 249 24.46 0.98 15.03
N LYS D 250 24.26 0.39 16.20
CA LYS D 250 24.06 -1.05 16.32
C LYS D 250 22.95 -1.27 17.34
N PHE D 251 21.77 -1.64 16.83
CA PHE D 251 20.59 -1.84 17.66
C PHE D 251 20.44 -3.31 18.01
N HIS D 252 20.12 -3.57 19.27
CA HIS D 252 19.76 -4.92 19.69
C HIS D 252 18.24 -4.98 19.75
N MET D 253 17.66 -5.71 18.79
CA MET D 253 16.22 -5.72 18.58
C MET D 253 15.52 -6.35 19.77
N LEU D 254 14.54 -5.63 20.32
CA LEU D 254 13.78 -6.11 21.47
C LEU D 254 12.51 -6.84 21.02
N HIS D 255 12.05 -6.54 19.81
CA HIS D 255 10.84 -7.14 19.27
C HIS D 255 11.06 -7.65 17.85
N SER D 256 10.38 -8.72 17.48
CA SER D 256 10.41 -9.23 16.12
C SER D 256 9.39 -8.50 15.27
N GLY D 257 9.73 -8.25 14.01
CA GLY D 257 8.80 -7.59 13.12
C GLY D 257 9.46 -6.83 12.00
N LEU D 258 8.64 -6.02 11.32
CA LEU D 258 9.11 -5.16 10.26
C LEU D 258 9.60 -3.83 10.78
N VAL D 259 10.84 -3.52 10.42
CA VAL D 259 11.39 -2.21 10.67
C VAL D 259 11.11 -1.39 9.41
N HIS D 260 10.28 -0.37 9.58
CA HIS D 260 9.86 0.49 8.49
C HIS D 260 10.73 1.73 8.38
N GLY D 261 11.55 1.97 9.41
CA GLY D 261 12.48 3.06 9.36
C GLY D 261 13.07 3.43 10.71
N LEU D 262 13.70 4.60 10.73
CA LEU D 262 14.34 5.10 11.95
C LEU D 262 13.66 6.36 12.45
N ALA D 263 13.42 6.39 13.76
CA ALA D 263 12.90 7.56 14.42
C ALA D 263 14.05 8.32 15.07
N PHE D 264 13.92 9.65 14.97
CA PHE D 264 14.91 10.59 15.47
C PHE D 264 14.27 11.57 16.41
N TRP D 265 15.00 11.84 17.49
CA TRP D 265 14.69 12.99 18.35
C TRP D 265 15.97 13.46 19.02
N PHE D 266 15.89 14.50 19.84
CA PHE D 266 17.09 15.01 20.49
C PHE D 266 16.83 15.62 21.87
N ASP D 267 17.88 15.62 22.70
CA ASP D 267 17.88 16.30 23.99
C ASP D 267 18.93 17.40 23.92
N VAL D 268 18.75 18.48 24.66
CA VAL D 268 19.88 19.36 24.93
C VAL D 268 19.98 19.59 26.43
N ALA D 269 21.20 19.82 26.90
CA ALA D 269 21.42 20.03 28.33
C ALA D 269 22.07 21.37 28.65
N PHE D 270 21.52 21.99 29.68
CA PHE D 270 22.08 23.20 30.26
C PHE D 270 22.83 22.82 31.51
N ILE D 271 24.16 22.78 31.42
CA ILE D 271 24.98 22.35 32.54
C ILE D 271 25.48 23.58 33.29
N GLY D 272 24.70 24.02 34.27
CA GLY D 272 25.05 25.19 35.05
C GLY D 272 25.75 24.83 36.35
N SER D 273 26.17 25.85 37.09
CA SER D 273 26.91 25.65 38.33
C SER D 273 26.02 25.11 39.43
N ILE D 274 24.73 25.43 39.34
CA ILE D 274 23.75 25.04 40.36
C ILE D 274 23.01 23.77 39.93
N MET D 275 22.69 23.66 38.64
CA MET D 275 22.02 22.46 38.14
C MET D 275 22.24 22.18 36.67
N THR D 276 22.00 20.93 36.32
CA THR D 276 21.89 20.54 34.93
C THR D 276 20.41 20.47 34.62
N VAL D 277 19.98 21.19 33.59
CA VAL D 277 18.58 21.20 33.19
C VAL D 277 18.47 20.63 31.78
N TRP D 278 17.56 19.68 31.59
CA TRP D 278 17.41 19.02 30.29
C TRP D 278 16.18 19.50 29.53
N LEU D 279 16.35 19.77 28.24
CA LEU D 279 15.22 20.00 27.35
C LEU D 279 15.16 18.84 26.37
N SER D 280 14.06 18.08 26.43
CA SER D 280 13.92 16.85 25.66
C SER D 280 12.74 16.89 24.69
N THR D 281 12.96 16.39 23.46
CA THR D 281 11.88 16.26 22.49
C THR D 281 11.53 14.79 22.25
N ALA D 282 11.88 13.95 23.22
CA ALA D 282 11.60 12.51 23.12
C ALA D 282 10.09 12.24 23.08
N PRO D 283 9.69 11.13 22.45
CA PRO D 283 8.27 10.76 22.39
C PRO D 283 7.73 10.29 23.73
N THR D 284 8.62 10.10 24.71
CA THR D 284 8.22 9.79 26.07
C THR D 284 7.93 11.06 26.85
N GLU D 285 8.29 12.19 26.29
CA GLU D 285 8.16 13.48 26.96
C GLU D 285 7.06 14.31 26.33
N PRO D 286 6.57 15.34 27.05
CA PRO D 286 5.55 16.21 26.46
C PRO D 286 5.97 16.78 25.11
N LEU D 287 5.00 16.90 24.22
CA LEU D 287 5.25 17.30 22.84
C LEU D 287 5.74 18.75 22.74
N THR D 288 6.68 18.97 21.84
CA THR D 288 7.17 20.32 21.54
C THR D 288 6.92 20.63 20.07
N HIS D 289 7.24 21.84 19.64
CA HIS D 289 7.01 22.22 18.26
C HIS D 289 8.00 21.51 17.32
N TRP D 290 8.95 20.79 17.89
CA TRP D 290 9.88 19.98 17.10
C TRP D 290 9.33 18.58 16.82
N TYR D 291 8.29 18.19 17.56
CA TYR D 291 7.72 16.85 17.44
C TYR D 291 8.81 15.78 17.43
N GLN D 292 8.65 14.77 16.59
CA GLN D 292 9.73 13.85 16.31
C GLN D 292 9.84 13.66 14.82
N VAL D 293 10.93 13.05 14.38
CA VAL D 293 11.18 12.88 12.97
C VAL D 293 11.37 11.43 12.62
N ARG D 294 10.73 10.97 11.56
CA ARG D 294 10.94 9.62 11.11
C ARG D 294 11.40 9.53 9.67
N CYS D 295 12.40 8.69 9.45
CA CYS D 295 12.90 8.41 8.11
C CYS D 295 12.51 7.00 7.73
N LEU D 296 11.67 6.91 6.70
CA LEU D 296 11.22 5.63 6.16
C LEU D 296 12.25 4.97 5.26
N PHE D 297 12.29 3.65 5.32
CA PHE D 297 12.93 2.84 4.28
C PHE D 297 11.92 2.65 3.15
N GLN D 298 12.40 2.62 1.90
CA GLN D 298 11.50 2.35 0.78
C GLN D 298 10.92 0.96 0.91
N SER D 299 11.70 0.05 1.48
CA SER D 299 11.27 -1.31 1.73
C SER D 299 11.66 -1.70 3.15
N PRO D 300 10.70 -2.22 3.94
CA PRO D 300 11.01 -2.58 5.33
C PRO D 300 11.93 -3.78 5.48
N LEU D 301 12.57 -3.87 6.64
CA LEU D 301 13.48 -4.99 6.93
C LEU D 301 12.88 -5.88 8.00
N PHE D 302 12.85 -7.18 7.76
CA PHE D 302 12.37 -8.09 8.79
C PHE D 302 13.46 -8.44 9.79
N ALA D 303 13.13 -8.33 11.08
CA ALA D 303 14.08 -8.73 12.10
C ALA D 303 13.43 -9.51 13.25
N LYS D 304 14.16 -10.46 13.80
CA LYS D 304 13.76 -11.16 15.00
C LYS D 304 14.33 -10.52 16.26
N ALA D 305 13.59 -10.66 17.36
CA ALA D 305 14.11 -10.25 18.66
C ALA D 305 15.43 -10.96 18.89
N GLY D 306 16.43 -10.20 19.32
CA GLY D 306 17.75 -10.74 19.53
C GLY D 306 18.69 -10.43 18.39
N ASP D 307 18.13 -10.16 17.21
CA ASP D 307 18.96 -9.76 16.07
C ASP D 307 19.56 -8.40 16.36
N THR D 308 20.61 -8.07 15.61
CA THR D 308 21.22 -6.75 15.71
C THR D 308 21.05 -6.04 14.37
N LEU D 309 20.63 -4.78 14.46
CA LEU D 309 20.46 -3.95 13.27
C LEU D 309 21.53 -2.88 13.28
N SER D 310 22.47 -2.99 12.36
CA SER D 310 23.63 -2.11 12.40
C SER D 310 23.71 -1.31 11.12
N GLY D 311 24.35 -0.15 11.21
CA GLY D 311 24.54 0.67 10.04
C GLY D 311 25.01 2.06 10.36
N THR D 312 24.75 2.97 9.42
CA THR D 312 25.25 4.32 9.56
C THR D 312 24.21 5.32 9.10
N CYS D 313 24.11 6.40 9.87
CA CYS D 313 23.35 7.56 9.46
C CYS D 313 24.34 8.69 9.19
N LEU D 314 24.43 9.10 7.94
CA LEU D 314 25.38 10.11 7.52
C LEU D 314 24.66 11.39 7.09
N LEU D 315 24.99 12.48 7.77
CA LEU D 315 24.39 13.79 7.51
C LEU D 315 25.36 14.74 6.83
N ILE D 316 24.97 15.20 5.65
CA ILE D 316 25.79 16.11 4.86
C ILE D 316 25.15 17.48 4.82
N ALA D 317 25.84 18.48 5.33
CA ALA D 317 25.32 19.83 5.32
C ALA D 317 25.24 20.30 3.86
N ASN D 318 24.15 20.97 3.51
CA ASN D 318 23.94 21.44 2.14
C ASN D 318 23.77 22.95 2.11
N LYS D 319 23.67 23.52 0.92
CA LYS D 319 23.70 24.98 0.77
C LYS D 319 22.36 25.61 1.10
N ARG D 320 21.37 24.78 1.36
CA ARG D 320 20.05 25.28 1.68
C ARG D 320 19.80 25.21 3.19
N GLN D 321 20.88 25.29 3.95
CA GLN D 321 20.82 25.30 5.42
C GLN D 321 20.11 24.09 5.98
N SER D 322 20.39 22.92 5.42
CA SER D 322 19.79 21.70 5.89
C SER D 322 20.77 20.57 5.65
N TYR D 323 20.26 19.34 5.62
CA TYR D 323 21.14 18.19 5.48
C TYR D 323 20.61 17.20 4.47
N ASP D 324 21.56 16.61 3.75
CA ASP D 324 21.29 15.44 2.95
C ASP D 324 21.53 14.27 3.88
N ILE D 325 20.52 13.43 4.02
CA ILE D 325 20.57 12.33 4.97
C ILE D 325 20.76 11.03 4.23
N SER D 326 21.78 10.28 4.56
CA SER D 326 21.91 8.94 4.02
C SER D 326 21.82 7.96 5.19
N ILE D 327 20.90 7.02 5.10
CA ILE D 327 20.77 6.01 6.12
C ILE D 327 20.98 4.65 5.48
N VAL D 328 21.95 3.92 6.01
CA VAL D 328 22.18 2.54 5.59
C VAL D 328 22.07 1.66 6.80
N ALA D 329 21.26 0.61 6.68
CA ALA D 329 20.99 -0.29 7.79
C ALA D 329 20.90 -1.73 7.32
N GLN D 330 21.41 -2.64 8.13
CA GLN D 330 21.30 -4.05 7.80
C GLN D 330 21.02 -4.88 9.05
N VAL D 331 20.22 -5.92 8.85
CA VAL D 331 20.02 -6.95 9.85
C VAL D 331 21.23 -7.86 9.73
N ASP D 332 22.09 -7.84 10.74
CA ASP D 332 23.38 -8.51 10.66
C ASP D 332 23.25 -10.02 10.46
N GLN D 333 22.23 -10.63 11.07
CA GLN D 333 22.10 -12.09 11.06
C GLN D 333 21.68 -12.68 9.72
N THR D 334 21.05 -11.85 8.88
CA THR D 334 20.48 -12.33 7.63
C THR D 334 21.05 -11.60 6.42
N GLY D 335 21.65 -10.44 6.67
CA GLY D 335 22.19 -9.64 5.58
C GLY D 335 21.14 -8.81 4.89
N SER D 336 19.94 -8.75 5.46
CA SER D 336 18.89 -7.90 4.89
C SER D 336 19.32 -6.46 5.05
N LYS D 337 19.35 -5.73 3.94
CA LYS D 337 19.90 -4.38 3.89
C LYS D 337 18.97 -3.35 3.27
N SER D 338 19.06 -2.13 3.77
CA SER D 338 18.33 -1.01 3.20
C SER D 338 19.20 0.24 3.21
N SER D 339 19.06 1.02 2.16
CA SER D 339 19.83 2.24 1.97
C SER D 339 18.82 3.27 1.56
N ASN D 340 18.93 4.46 2.13
CA ASN D 340 17.96 5.50 1.81
C ASN D 340 18.56 6.87 1.96
N LEU D 341 18.01 7.81 1.21
CA LEU D 341 18.51 9.16 1.18
C LEU D 341 17.35 10.11 1.45
N LEU D 342 17.50 11.05 2.36
CA LEU D 342 16.41 11.96 2.69
C LEU D 342 16.81 13.43 2.59
N ASP D 343 15.84 14.24 2.18
CA ASP D 343 16.02 15.68 2.04
C ASP D 343 15.29 16.38 3.16
N LEU D 344 16.03 16.71 4.20
CA LEU D 344 15.47 17.27 5.41
C LEU D 344 14.85 18.65 5.20
N LYS D 345 15.23 19.32 4.13
CA LYS D 345 14.68 20.65 3.85
C LYS D 345 13.21 20.60 3.43
N ASN D 346 12.76 19.46 2.90
CA ASN D 346 11.37 19.32 2.44
C ASN D 346 10.69 18.21 3.23
N PRO D 347 10.35 18.45 4.49
CA PRO D 347 9.71 17.41 5.32
C PRO D 347 8.21 17.25 5.06
N PHE D 348 7.67 16.12 5.49
CA PHE D 348 6.23 15.90 5.46
C PHE D 348 5.63 16.16 6.84
N PHE D 349 4.86 17.25 6.94
CA PHE D 349 4.21 17.62 8.19
C PHE D 349 2.88 16.88 8.28
N ARG D 350 2.84 15.84 9.11
CA ARG D 350 1.72 14.92 9.17
C ARG D 350 0.72 15.17 10.31
N TYR D 351 1.17 15.86 11.36
CA TYR D 351 0.36 16.10 12.55
C TYR D 351 -1.02 16.72 12.30
N THR D 352 -2.02 16.20 13.00
CA THR D 352 -3.43 16.61 12.90
C THR D 352 -3.79 17.22 11.55
#